data_3WF1
#
_entry.id   3WF1
#
_cell.length_a   94.912
_cell.length_b   116.008
_cell.length_c   140.569
_cell.angle_alpha   90.00
_cell.angle_beta   92.28
_cell.angle_gamma   90.00
#
_symmetry.space_group_name_H-M   'P 1 21 1'
#
loop_
_entity.id
_entity.type
_entity.pdbx_description
1 polymer Beta-galactosidase
2 non-polymer 2-acetamido-2-deoxy-beta-D-glucopyranose
3 non-polymer 'CHLORIDE ION'
4 non-polymer (3E,5S,6R,7S,8S,8aS)-3-(butylimino)hexahydro[1,3]thiazolo[3,4-a]pyridine-5,6,7,8-tetrol
5 non-polymer 'SULFATE ION'
6 non-polymer 1,2-ETHANEDIOL
7 water water
#
_entity_poly.entity_id   1
_entity_poly.type   'polypeptide(L)'
_entity_poly.pdbx_seq_one_letter_code
;EAEAYVEFHHHHHHDYKDDDDKTSLRNATQRMFEIDYSRDSFLKDGQPFRYISGSIHYSRVPRFYWKDRLLKMKMAGLNA
IQTYVPWNFHEPWPGQYQFSEDHDVEYFLRLAHELGLLVILRPGPYICAEWEMGGLPAWLLEKESILLRSSDPDYLAAVD
KWLGVLLPKMKPLLYQNGGPVITVQVENEYGSYFACDFDYLRFLQKRFRHHLGDDVVLFTTDGAHKTFLKCGALQGLYTT
VDFGTGSNITDAFLSQRKCEPKGPLINSEFYTGWLDHWGQPHSTIKTEAVASSLYDILARGASVNLYMFIGGTNFAYWNG
ANSPYAAQPTSYDYDAPLSEAGDLTEKYFALRNIIQKFEKVPEGPIPPSTPKFAYGKVTLEKLKTVGAALDILCPSGPIK
SLYPLTFIQVKQHYGFVLYRTTLPQDCSNPAPLSSPLNGVHDRAYVAVDGIPQGVLERNNVITLNITGKAGATLDLLVEN
MGRVNYGAYINDFKGLVSNLTLSSNILTDWTIFPLDTEDAVRSHLGGWGHRDSGHHDEAWAHNSSNYTLPAFYMGNFSIP
SGIPDLPQDTFIQFPGWTKGQVWINGFNLGRYWPARGPQLTLFVPQHILMTSAPNTITVLELEWAPCSSDDPELCAVTFV
DRPVIGSSVTYDHPSKPVEKRLMPPPPQKNKDSWLDHV
;
_entity_poly.pdbx_strand_id   A,B,C,D
#
loop_
_chem_comp.id
_chem_comp.type
_chem_comp.name
_chem_comp.formula
6GJ non-polymer (3E,5S,6R,7S,8S,8aS)-3-(butylimino)hexahydro[1,3]thiazolo[3,4-a]pyridine-5,6,7,8-tetrol 'C11 H20 N2 O4 S'
CL non-polymer 'CHLORIDE ION' 'Cl -1'
EDO non-polymer 1,2-ETHANEDIOL 'C2 H6 O2'
NAG D-saccharide, beta linking 2-acetamido-2-deoxy-beta-D-glucopyranose 'C8 H15 N O6'
SO4 non-polymer 'SULFATE ION' 'O4 S -2'
#
# COMPACT_ATOMS: atom_id res chain seq x y z
N GLN A 30 25.57 -28.87 24.54
CA GLN A 30 24.58 -29.13 25.63
C GLN A 30 24.42 -27.88 26.50
N ARG A 31 23.37 -27.10 26.22
CA ARG A 31 23.15 -25.83 26.90
C ARG A 31 22.25 -26.01 28.11
N MET A 32 22.65 -25.42 29.22
CA MET A 32 22.01 -25.63 30.51
C MET A 32 21.68 -24.31 31.24
N PHE A 33 20.47 -24.26 31.83
CA PHE A 33 20.07 -23.20 32.73
C PHE A 33 19.40 -23.80 33.93
N GLU A 34 19.93 -23.53 35.11
CA GLU A 34 19.40 -24.16 36.33
C GLU A 34 19.57 -23.29 37.58
N ILE A 35 18.82 -23.61 38.62
CA ILE A 35 19.03 -23.08 39.96
C ILE A 35 20.14 -23.92 40.65
N ASP A 36 21.17 -23.25 41.13
CA ASP A 36 22.13 -23.85 42.04
C ASP A 36 21.70 -23.47 43.44
N TYR A 37 21.05 -24.39 44.11
CA TYR A 37 20.64 -24.13 45.48
C TYR A 37 21.88 -23.92 46.40
N SER A 38 22.96 -24.67 46.18
CA SER A 38 24.17 -24.55 47.03
C SER A 38 24.62 -23.12 47.20
N ARG A 39 24.66 -22.37 46.09
CA ARG A 39 25.27 -21.02 46.08
C ARG A 39 24.26 -19.90 45.81
N ASP A 40 22.96 -20.19 46.03
CA ASP A 40 21.92 -19.15 45.91
C ASP A 40 21.98 -18.39 44.58
N SER A 41 22.08 -19.16 43.51
CA SER A 41 22.32 -18.58 42.20
C SER A 41 21.68 -19.41 41.09
N PHE A 42 21.43 -18.76 39.96
CA PHE A 42 21.26 -19.49 38.71
C PHE A 42 22.65 -19.88 38.14
N LEU A 43 22.66 -21.00 37.44
CA LEU A 43 23.78 -21.36 36.58
C LEU A 43 23.31 -21.42 35.14
N LYS A 44 24.02 -20.68 34.30
CA LYS A 44 23.83 -20.68 32.85
C LYS A 44 25.08 -21.26 32.26
N ASP A 45 24.94 -22.42 31.60
CA ASP A 45 26.09 -23.16 31.06
C ASP A 45 27.21 -23.36 32.09
N GLY A 46 26.82 -23.77 33.30
CA GLY A 46 27.75 -23.96 34.40
C GLY A 46 28.30 -22.70 35.03
N GLN A 47 27.89 -21.51 34.57
CA GLN A 47 28.44 -20.24 35.10
C GLN A 47 27.37 -19.50 35.91
N PRO A 48 27.77 -18.80 36.98
CA PRO A 48 26.79 -18.11 37.79
C PRO A 48 26.12 -17.00 36.98
N PHE A 49 24.82 -16.83 37.22
CA PHE A 49 24.05 -15.87 36.45
C PHE A 49 22.96 -15.18 37.27
N ARG A 50 22.80 -13.88 37.05
CA ARG A 50 21.76 -13.08 37.68
C ARG A 50 21.16 -12.25 36.54
N TYR A 51 19.84 -12.20 36.46
CA TYR A 51 19.18 -11.44 35.43
C TYR A 51 18.66 -10.09 35.86
N ILE A 52 18.72 -9.17 34.90
CA ILE A 52 18.19 -7.84 35.00
C ILE A 52 17.27 -7.69 33.79
N SER A 53 15.97 -7.69 34.08
CA SER A 53 14.98 -7.91 33.05
C SER A 53 14.03 -6.76 33.04
N GLY A 54 13.34 -6.61 31.91
CA GLY A 54 12.29 -5.64 31.82
C GLY A 54 11.09 -6.27 31.16
N SER A 55 9.92 -5.93 31.67
CA SER A 55 8.69 -6.39 31.02
C SER A 55 8.38 -5.62 29.72
N ILE A 56 8.12 -6.36 28.67
CA ILE A 56 7.51 -5.83 27.45
C ILE A 56 6.41 -6.84 27.05
N HIS A 57 5.21 -6.36 26.76
CA HIS A 57 4.13 -7.18 26.33
C HIS A 57 3.96 -7.03 24.83
N TYR A 58 4.33 -8.07 24.09
CA TYR A 58 4.24 -8.01 22.60
C TYR A 58 2.84 -7.72 22.08
N SER A 59 1.82 -8.06 22.86
CA SER A 59 0.42 -7.73 22.55
C SER A 59 0.06 -6.25 22.72
N ARG A 60 0.94 -5.47 23.35
CA ARG A 60 0.74 -4.05 23.56
C ARG A 60 1.70 -3.16 22.74
N VAL A 61 2.48 -3.80 21.88
CA VAL A 61 3.39 -3.12 20.96
C VAL A 61 3.11 -3.66 19.58
N PRO A 62 2.94 -2.76 18.57
CA PRO A 62 2.81 -3.32 17.22
C PRO A 62 4.09 -4.05 16.80
N ARG A 63 3.94 -5.13 16.05
CA ARG A 63 5.10 -5.90 15.62
C ARG A 63 6.12 -5.04 14.85
N PHE A 64 5.64 -4.08 14.08
CA PHE A 64 6.47 -3.11 13.40
C PHE A 64 7.57 -2.59 14.31
N TYR A 65 7.25 -2.37 15.59
CA TYR A 65 8.16 -1.75 16.56
C TYR A 65 8.82 -2.73 17.56
N TRP A 66 8.57 -4.02 17.44
CA TRP A 66 9.15 -5.00 18.41
C TRP A 66 10.65 -4.85 18.49
N LYS A 67 11.34 -4.87 17.35
CA LYS A 67 12.80 -4.78 17.40
C LYS A 67 13.31 -3.46 17.98
N ASP A 68 12.69 -2.35 17.61
CA ASP A 68 12.99 -1.05 18.20
C ASP A 68 12.94 -1.03 19.75
N ARG A 69 11.86 -1.54 20.33
CA ARG A 69 11.66 -1.56 21.81
C ARG A 69 12.71 -2.52 22.40
N LEU A 70 12.81 -3.70 21.79
CA LEU A 70 13.76 -4.72 22.30
C LEU A 70 15.21 -4.23 22.23
N LEU A 71 15.59 -3.60 21.14
CA LEU A 71 16.95 -3.00 21.08
C LEU A 71 17.19 -1.90 22.10
N LYS A 72 16.24 -0.99 22.30
CA LYS A 72 16.37 -0.03 23.40
C LYS A 72 16.47 -0.73 24.78
N MET A 73 15.75 -1.81 24.96
CA MET A 73 15.84 -2.58 26.25
C MET A 73 17.24 -3.14 26.43
N LYS A 74 17.75 -3.78 25.39
CA LYS A 74 19.15 -4.23 25.39
C LYS A 74 20.14 -3.09 25.69
N MET A 75 19.98 -1.93 25.07
CA MET A 75 20.95 -0.85 25.25
C MET A 75 20.88 -0.23 26.65
N ALA A 76 19.79 -0.48 27.38
CA ALA A 76 19.68 -0.05 28.76
C ALA A 76 20.52 -0.90 29.71
N GLY A 77 20.95 -2.08 29.27
CA GLY A 77 21.73 -2.96 30.11
C GLY A 77 20.99 -4.18 30.54
N LEU A 78 19.72 -4.30 30.17
CA LEU A 78 18.98 -5.52 30.48
C LEU A 78 19.59 -6.70 29.76
N ASN A 79 19.73 -7.83 30.47
CA ASN A 79 20.12 -9.08 29.81
C ASN A 79 18.97 -10.05 29.56
N ALA A 80 17.79 -9.65 30.01
CA ALA A 80 16.60 -10.44 29.71
C ALA A 80 15.37 -9.56 29.58
N ILE A 81 14.35 -10.11 28.95
CA ILE A 81 13.03 -9.49 28.97
C ILE A 81 12.02 -10.50 29.51
N GLN A 82 10.90 -9.99 29.98
CA GLN A 82 9.80 -10.82 30.48
C GLN A 82 8.49 -10.40 29.80
N THR A 83 7.66 -11.37 29.42
CA THR A 83 6.40 -11.08 28.75
C THR A 83 5.32 -12.01 29.23
N TYR A 84 4.07 -11.60 28.99
CA TYR A 84 2.94 -12.46 29.24
C TYR A 84 2.40 -13.00 27.88
N VAL A 85 1.84 -14.19 27.88
CA VAL A 85 1.15 -14.73 26.71
C VAL A 85 -0.30 -14.68 27.09
N PRO A 86 -1.07 -13.70 26.55
CA PRO A 86 -2.49 -13.67 26.87
C PRO A 86 -3.28 -14.67 26.02
N TRP A 87 -3.87 -15.66 26.69
CA TRP A 87 -4.52 -16.75 26.04
C TRP A 87 -5.64 -16.22 25.10
N ASN A 88 -6.44 -15.22 25.59
CA ASN A 88 -7.52 -14.68 24.78
C ASN A 88 -7.04 -13.93 23.51
N PHE A 89 -5.77 -13.53 23.47
CA PHE A 89 -5.17 -12.85 22.33
C PHE A 89 -4.85 -13.82 21.23
N HIS A 90 -4.69 -15.11 21.59
CA HIS A 90 -4.32 -16.18 20.67
C HIS A 90 -5.41 -17.22 20.39
N GLU A 91 -6.48 -17.29 21.20
CA GLU A 91 -7.55 -18.30 20.96
C GLU A 91 -8.92 -17.63 21.18
N PRO A 92 -9.34 -16.83 20.20
CA PRO A 92 -10.57 -16.06 20.31
C PRO A 92 -11.84 -16.93 20.39
N TRP A 93 -11.82 -18.13 19.81
CA TRP A 93 -12.85 -19.16 20.04
C TRP A 93 -12.14 -20.50 20.13
N PRO A 94 -12.80 -21.49 20.73
CA PRO A 94 -12.02 -22.73 20.94
C PRO A 94 -11.54 -23.36 19.63
N GLY A 95 -10.27 -23.71 19.56
CA GLY A 95 -9.76 -24.35 18.39
C GLY A 95 -9.54 -23.42 17.22
N GLN A 96 -9.67 -22.11 17.43
CA GLN A 96 -9.40 -21.16 16.36
C GLN A 96 -8.28 -20.21 16.81
N TYR A 97 -7.08 -20.34 16.24
CA TYR A 97 -5.86 -19.74 16.81
C TYR A 97 -5.30 -18.57 16.00
N GLN A 98 -4.64 -17.61 16.68
CA GLN A 98 -3.98 -16.44 16.03
C GLN A 98 -2.54 -16.43 16.47
N PHE A 99 -1.65 -16.73 15.52
CA PHE A 99 -0.22 -16.79 15.80
C PHE A 99 0.63 -16.08 14.76
N SER A 100 -0.02 -15.20 13.99
CA SER A 100 0.61 -14.46 12.92
C SER A 100 0.56 -12.97 13.16
N GLU A 101 1.48 -12.28 12.47
CA GLU A 101 1.60 -10.85 12.47
C GLU A 101 1.74 -10.32 13.88
N ASP A 102 0.80 -9.51 14.39
CA ASP A 102 0.93 -8.91 15.74
C ASP A 102 0.73 -9.94 16.81
N HIS A 103 0.30 -11.15 16.40
CA HIS A 103 0.08 -12.26 17.31
C HIS A 103 1.18 -13.32 17.27
N ASP A 104 2.30 -12.99 16.63
CA ASP A 104 3.36 -14.00 16.43
C ASP A 104 4.36 -14.06 17.58
N VAL A 105 4.00 -14.76 18.66
CA VAL A 105 4.81 -14.78 19.86
C VAL A 105 6.12 -15.49 19.59
N GLU A 106 6.08 -16.54 18.78
CA GLU A 106 7.26 -17.26 18.36
C GLU A 106 8.31 -16.28 17.73
N TYR A 107 7.83 -15.41 16.84
CA TYR A 107 8.71 -14.43 16.21
C TYR A 107 9.25 -13.42 17.18
N PHE A 108 8.41 -12.92 18.08
CA PHE A 108 8.89 -12.01 19.14
C PHE A 108 10.02 -12.61 19.95
N LEU A 109 9.85 -13.85 20.37
CA LEU A 109 10.90 -14.56 21.15
C LEU A 109 12.17 -14.81 20.33
N ARG A 110 12.03 -15.17 19.04
CA ARG A 110 13.24 -15.30 18.18
C ARG A 110 13.98 -13.93 18.06
N LEU A 111 13.20 -12.86 17.94
CA LEU A 111 13.75 -11.52 17.82
C LEU A 111 14.53 -11.12 19.06
N ALA A 112 13.96 -11.40 20.21
CA ALA A 112 14.69 -11.20 21.46
C ALA A 112 16.00 -12.01 21.49
N HIS A 113 15.93 -13.26 21.06
CA HIS A 113 17.11 -14.16 21.02
C HIS A 113 18.17 -13.65 20.07
N GLU A 114 17.77 -13.23 18.88
CA GLU A 114 18.69 -12.66 17.92
C GLU A 114 19.37 -11.42 18.48
N LEU A 115 18.70 -10.67 19.33
CA LEU A 115 19.35 -9.50 19.97
C LEU A 115 20.26 -9.83 21.15
N GLY A 116 20.36 -11.11 21.49
CA GLY A 116 21.18 -11.54 22.60
C GLY A 116 20.46 -11.50 23.94
N LEU A 117 19.14 -11.34 23.94
CA LEU A 117 18.37 -11.29 25.19
C LEU A 117 17.81 -12.65 25.55
N LEU A 118 17.80 -12.93 26.84
CA LEU A 118 17.13 -14.11 27.35
C LEU A 118 15.67 -13.76 27.65
N VAL A 119 14.83 -14.77 27.88
CA VAL A 119 13.45 -14.51 28.11
C VAL A 119 12.89 -15.26 29.29
N ILE A 120 12.10 -14.52 30.05
CA ILE A 120 11.30 -15.09 31.10
C ILE A 120 9.88 -15.08 30.60
N LEU A 121 9.33 -16.27 30.43
CA LEU A 121 8.00 -16.40 29.83
C LEU A 121 6.96 -16.56 30.90
N ARG A 122 5.93 -15.73 30.82
CA ARG A 122 4.79 -15.89 31.68
C ARG A 122 3.50 -16.22 30.90
N PRO A 123 3.27 -17.54 30.65
CA PRO A 123 2.18 -18.02 29.79
C PRO A 123 0.86 -18.27 30.56
N GLY A 124 0.81 -17.96 31.86
CA GLY A 124 -0.47 -17.96 32.55
C GLY A 124 -0.85 -19.33 33.09
N PRO A 125 -2.10 -19.79 32.87
CA PRO A 125 -3.06 -19.29 31.87
C PRO A 125 -3.82 -18.02 32.19
N TYR A 126 -3.83 -17.61 33.45
CA TYR A 126 -4.27 -16.27 33.85
C TYR A 126 -3.04 -15.48 34.04
N ILE A 127 -3.04 -14.26 33.49
CA ILE A 127 -1.92 -13.33 33.62
C ILE A 127 -2.22 -11.99 34.35
N CYS A 128 -3.49 -11.70 34.65
CA CYS A 128 -3.93 -10.41 35.31
C CYS A 128 -3.62 -9.23 34.37
N ALA A 129 -2.58 -8.46 34.67
CA ALA A 129 -1.88 -7.66 33.66
C ALA A 129 -2.65 -6.47 33.13
N GLU A 130 -3.67 -6.01 33.87
CA GLU A 130 -4.61 -4.95 33.40
C GLU A 130 -5.10 -5.26 31.95
N TRP A 131 -5.37 -6.53 31.71
CA TRP A 131 -5.77 -6.99 30.38
C TRP A 131 -7.12 -7.69 30.53
N GLU A 132 -7.98 -7.57 29.52
CA GLU A 132 -9.32 -8.21 29.50
C GLU A 132 -9.36 -9.58 30.16
N MET A 133 -10.14 -9.67 31.25
CA MET A 133 -10.35 -10.92 32.03
C MET A 133 -9.07 -11.62 32.42
N GLY A 134 -8.03 -10.82 32.64
CA GLY A 134 -6.69 -11.35 32.95
C GLY A 134 -6.16 -12.37 31.96
N GLY A 135 -6.57 -12.26 30.70
CA GLY A 135 -6.10 -13.14 29.64
C GLY A 135 -6.95 -14.34 29.33
N LEU A 136 -7.92 -14.64 30.18
CA LEU A 136 -8.77 -15.83 30.04
C LEU A 136 -9.83 -15.57 28.95
N PRO A 137 -10.03 -16.53 28.05
CA PRO A 137 -11.02 -16.33 27.01
C PRO A 137 -12.42 -16.28 27.62
N ALA A 138 -13.21 -15.31 27.15
CA ALA A 138 -14.55 -15.11 27.64
C ALA A 138 -15.51 -16.28 27.38
N TRP A 139 -15.22 -17.07 26.33
CA TRP A 139 -16.00 -18.21 25.97
C TRP A 139 -15.97 -19.32 27.04
N LEU A 140 -14.98 -19.28 27.93
CA LEU A 140 -14.97 -20.07 29.19
C LEU A 140 -16.26 -19.88 29.94
N LEU A 141 -16.83 -18.67 29.83
CA LEU A 141 -18.08 -18.35 30.55
C LEU A 141 -19.34 -18.94 29.94
N GLU A 142 -19.24 -19.67 28.84
CA GLU A 142 -20.44 -20.33 28.30
C GLU A 142 -20.99 -21.37 29.29
N LYS A 143 -20.12 -21.87 30.18
CA LYS A 143 -20.56 -22.51 31.43
C LYS A 143 -20.71 -21.41 32.49
N GLU A 144 -21.92 -20.96 32.76
CA GLU A 144 -22.22 -19.85 33.68
C GLU A 144 -21.62 -20.03 35.07
N SER A 145 -21.62 -21.25 35.58
CA SER A 145 -21.15 -21.54 36.95
C SER A 145 -19.66 -21.90 37.03
N ILE A 146 -18.92 -21.72 35.94
CA ILE A 146 -17.49 -22.09 35.92
C ILE A 146 -16.73 -21.38 37.03
N LEU A 147 -15.86 -22.12 37.72
CA LEU A 147 -14.99 -21.51 38.67
C LEU A 147 -13.61 -21.44 38.04
N LEU A 148 -13.24 -20.24 37.63
CA LEU A 148 -12.02 -20.00 36.95
C LEU A 148 -10.89 -20.20 37.92
N ARG A 149 -9.72 -20.50 37.38
CA ARG A 149 -8.49 -20.64 38.15
C ARG A 149 -8.71 -21.64 39.30
N SER A 150 -9.28 -22.80 38.96
CA SER A 150 -9.56 -23.82 39.93
C SER A 150 -9.47 -25.19 39.25
N SER A 151 -9.70 -26.26 40.00
CA SER A 151 -9.65 -27.56 39.36
C SER A 151 -11.04 -27.95 38.78
N ASP A 152 -11.96 -26.98 38.63
CA ASP A 152 -13.21 -27.15 37.84
C ASP A 152 -12.80 -27.90 36.57
N PRO A 153 -13.45 -29.05 36.27
CA PRO A 153 -12.99 -29.89 35.18
C PRO A 153 -13.12 -29.26 33.80
N ASP A 154 -14.08 -28.38 33.64
CA ASP A 154 -14.29 -27.66 32.42
C ASP A 154 -13.23 -26.60 32.21
N TYR A 155 -12.88 -25.87 33.25
CA TYR A 155 -11.77 -24.94 33.16
C TYR A 155 -10.46 -25.72 32.84
N LEU A 156 -10.24 -26.83 33.54
CA LEU A 156 -9.01 -27.56 33.34
C LEU A 156 -8.97 -28.12 31.92
N ALA A 157 -10.09 -28.62 31.43
CA ALA A 157 -10.04 -29.20 30.12
C ALA A 157 -9.67 -28.16 29.06
N ALA A 158 -10.14 -26.93 29.21
CA ALA A 158 -9.80 -25.92 28.21
C ALA A 158 -8.33 -25.48 28.36
N VAL A 159 -7.86 -25.31 29.59
CA VAL A 159 -6.49 -24.98 29.84
C VAL A 159 -5.61 -26.08 29.21
N ASP A 160 -5.94 -27.33 29.51
CA ASP A 160 -5.12 -28.42 28.97
C ASP A 160 -5.00 -28.31 27.44
N LYS A 161 -6.12 -28.04 26.79
CA LYS A 161 -6.14 -27.97 25.31
C LYS A 161 -5.25 -26.78 24.85
N TRP A 162 -5.41 -25.60 25.48
CA TRP A 162 -4.56 -24.42 25.21
C TRP A 162 -3.09 -24.72 25.43
N LEU A 163 -2.75 -25.36 26.53
CA LEU A 163 -1.33 -25.72 26.75
C LEU A 163 -0.77 -26.73 25.70
N GLY A 164 -1.60 -27.67 25.23
CA GLY A 164 -1.20 -28.61 24.12
C GLY A 164 -0.84 -27.90 22.80
N VAL A 165 -1.31 -26.66 22.65
CA VAL A 165 -1.06 -25.86 21.45
C VAL A 165 0.09 -24.93 21.68
N LEU A 166 0.06 -24.24 22.81
CA LEU A 166 1.00 -23.19 23.08
C LEU A 166 2.36 -23.79 23.49
N LEU A 167 2.36 -24.74 24.43
CA LEU A 167 3.63 -25.22 24.96
C LEU A 167 4.60 -25.93 24.00
N PRO A 168 4.10 -26.82 23.17
CA PRO A 168 4.99 -27.39 22.15
C PRO A 168 5.64 -26.32 21.25
N LYS A 169 4.96 -25.19 21.03
CA LYS A 169 5.57 -24.03 20.31
C LYS A 169 6.74 -23.39 21.06
N MET A 170 6.59 -23.27 22.40
CA MET A 170 7.66 -22.72 23.25
C MET A 170 8.77 -23.71 23.48
N LYS A 171 8.52 -25.02 23.32
CA LYS A 171 9.60 -26.02 23.66
C LYS A 171 10.97 -25.76 22.95
N PRO A 172 10.99 -25.64 21.62
CA PRO A 172 12.27 -25.28 20.94
C PRO A 172 12.88 -23.89 21.33
N LEU A 173 12.08 -23.00 21.89
CA LEU A 173 12.60 -21.73 22.35
C LEU A 173 13.20 -21.80 23.76
N LEU A 174 13.11 -22.94 24.43
CA LEU A 174 13.74 -23.11 25.74
C LEU A 174 15.26 -23.01 25.60
N TYR A 175 15.88 -22.47 26.63
CA TYR A 175 17.30 -22.24 26.60
C TYR A 175 18.04 -23.51 26.21
N GLN A 176 17.67 -24.61 26.85
CA GLN A 176 18.35 -25.87 26.61
C GLN A 176 18.14 -26.35 25.18
N ASN A 177 17.12 -25.88 24.49
CA ASN A 177 16.93 -26.33 23.10
C ASN A 177 17.49 -25.31 22.10
N GLY A 178 18.30 -24.37 22.56
CA GLY A 178 18.91 -23.38 21.64
C GLY A 178 18.18 -22.02 21.51
N GLY A 179 17.03 -21.86 22.17
CA GLY A 179 16.33 -20.56 22.28
C GLY A 179 16.63 -19.69 23.53
N PRO A 180 15.82 -18.64 23.76
CA PRO A 180 16.14 -17.67 24.83
C PRO A 180 15.50 -17.89 26.15
N VAL A 181 14.52 -18.79 26.22
CA VAL A 181 13.65 -18.88 27.40
C VAL A 181 14.33 -19.66 28.49
N ILE A 182 14.60 -18.96 29.58
CA ILE A 182 15.39 -19.48 30.67
C ILE A 182 14.51 -19.89 31.87
N THR A 183 13.43 -19.16 32.12
CA THR A 183 12.47 -19.54 33.16
C THR A 183 11.04 -19.32 32.70
N VAL A 184 10.13 -20.01 33.36
CA VAL A 184 8.73 -19.97 32.96
C VAL A 184 7.84 -19.93 34.18
N GLN A 185 6.99 -18.92 34.21
CA GLN A 185 6.11 -18.73 35.34
C GLN A 185 4.86 -19.55 35.22
N VAL A 186 4.46 -20.21 36.30
CA VAL A 186 3.18 -20.89 36.36
C VAL A 186 2.14 -20.06 37.09
N GLU A 187 1.03 -19.80 36.39
CA GLU A 187 -0.05 -19.00 36.88
C GLU A 187 0.47 -17.60 37.15
N ASN A 188 -0.31 -16.80 37.86
CA ASN A 188 0.05 -15.45 38.19
C ASN A 188 -0.56 -15.00 39.52
N GLU A 189 0.29 -14.85 40.52
CA GLU A 189 -0.16 -14.50 41.89
C GLU A 189 -1.36 -15.31 42.32
N TYR A 190 -1.30 -16.62 42.15
CA TYR A 190 -2.40 -17.43 42.60
C TYR A 190 -2.75 -17.20 44.09
N GLY A 191 -1.78 -16.75 44.88
CA GLY A 191 -2.00 -16.58 46.28
C GLY A 191 -2.94 -15.47 46.61
N SER A 192 -3.18 -14.58 45.65
CA SER A 192 -4.14 -13.49 45.82
C SER A 192 -5.57 -13.91 45.50
N TYR A 193 -5.76 -15.09 44.93
CA TYR A 193 -7.09 -15.49 44.55
C TYR A 193 -7.74 -16.23 45.71
N PHE A 194 -9.05 -16.25 45.81
CA PHE A 194 -9.75 -16.82 46.98
C PHE A 194 -9.69 -18.34 47.03
N ALA A 195 -9.52 -19.00 45.89
CA ALA A 195 -9.85 -20.39 45.77
C ALA A 195 -8.88 -21.33 46.48
N CYS A 196 -7.60 -21.02 46.43
CA CYS A 196 -6.56 -21.83 47.06
C CYS A 196 -6.66 -23.28 46.64
N ASP A 197 -6.81 -23.52 45.34
CA ASP A 197 -6.93 -24.86 44.82
C ASP A 197 -5.56 -25.46 44.42
N PHE A 198 -4.89 -26.13 45.36
CA PHE A 198 -3.53 -26.65 45.06
C PHE A 198 -3.56 -27.75 43.98
N ASP A 199 -4.71 -28.41 43.82
CA ASP A 199 -4.85 -29.40 42.76
C ASP A 199 -4.63 -28.74 41.41
N TYR A 200 -5.13 -27.51 41.29
CA TYR A 200 -5.04 -26.74 40.05
C TYR A 200 -3.58 -26.47 39.69
N LEU A 201 -2.82 -25.99 40.68
CA LEU A 201 -1.40 -25.68 40.50
C LEU A 201 -0.57 -26.93 40.20
N ARG A 202 -0.90 -28.03 40.87
CA ARG A 202 -0.24 -29.33 40.57
C ARG A 202 -0.57 -29.81 39.15
N PHE A 203 -1.80 -29.58 38.68
CA PHE A 203 -2.17 -29.92 37.30
C PHE A 203 -1.41 -29.06 36.28
N LEU A 204 -1.40 -27.75 36.48
CA LEU A 204 -0.49 -26.87 35.66
C LEU A 204 0.97 -27.39 35.66
N GLN A 205 1.55 -27.55 36.83
CA GLN A 205 2.93 -28.10 36.89
C GLN A 205 3.15 -29.40 36.12
N LYS A 206 2.24 -30.34 36.23
CA LYS A 206 2.38 -31.62 35.55
C LYS A 206 2.34 -31.41 34.03
N ARG A 207 1.43 -30.54 33.58
CA ARG A 207 1.29 -30.30 32.16
C ARG A 207 2.42 -29.43 31.60
N PHE A 208 2.90 -28.44 32.35
CA PHE A 208 4.06 -27.69 31.87
C PHE A 208 5.21 -28.69 31.74
N ARG A 209 5.40 -29.54 32.74
CA ARG A 209 6.44 -30.59 32.65
C ARG A 209 6.28 -31.49 31.42
N HIS A 210 5.07 -31.93 31.17
CA HIS A 210 4.82 -32.87 30.11
C HIS A 210 5.25 -32.28 28.76
N HIS A 211 4.96 -30.98 28.56
CA HIS A 211 5.20 -30.35 27.26
C HIS A 211 6.60 -29.80 27.16
N LEU A 212 7.15 -29.24 28.24
CA LEU A 212 8.42 -28.58 28.17
C LEU A 212 9.63 -29.37 28.68
N GLY A 213 9.40 -30.41 29.49
CA GLY A 213 10.49 -31.25 29.96
C GLY A 213 10.81 -31.02 31.42
N ASP A 214 11.73 -31.85 31.96
CA ASP A 214 12.00 -31.87 33.39
C ASP A 214 13.07 -30.86 33.83
N ASP A 215 13.75 -30.22 32.87
CA ASP A 215 14.85 -29.30 33.18
C ASP A 215 14.44 -27.82 33.25
N VAL A 216 13.38 -27.41 32.57
CA VAL A 216 13.04 -25.96 32.56
C VAL A 216 12.74 -25.48 33.96
N VAL A 217 13.32 -24.35 34.36
CA VAL A 217 12.98 -23.67 35.62
C VAL A 217 11.52 -23.11 35.63
N LEU A 218 10.66 -23.70 36.46
CA LEU A 218 9.30 -23.25 36.64
C LEU A 218 9.21 -22.50 37.94
N PHE A 219 8.53 -21.35 37.90
CA PHE A 219 8.44 -20.55 39.11
C PHE A 219 7.07 -19.94 39.26
N THR A 220 6.81 -19.40 40.45
CA THR A 220 5.57 -18.72 40.77
C THR A 220 5.97 -17.33 41.25
N THR A 221 5.01 -16.42 41.21
CA THR A 221 5.16 -15.09 41.69
C THR A 221 3.98 -14.69 42.53
N ASP A 222 4.26 -14.07 43.68
CA ASP A 222 3.21 -13.66 44.60
C ASP A 222 3.72 -12.43 45.35
N GLY A 223 2.79 -11.68 45.94
CA GLY A 223 3.13 -10.51 46.76
C GLY A 223 4.01 -10.98 47.92
N ALA A 224 4.85 -10.08 48.42
CA ALA A 224 5.94 -10.43 49.32
C ALA A 224 5.42 -10.49 50.77
N HIS A 225 4.57 -11.45 51.08
CA HIS A 225 4.01 -11.54 52.41
C HIS A 225 3.44 -12.92 52.53
N LYS A 226 3.57 -13.54 53.71
CA LYS A 226 3.14 -14.91 53.93
C LYS A 226 1.66 -15.16 53.63
N THR A 227 0.83 -14.14 53.85
CA THR A 227 -0.60 -14.21 53.54
C THR A 227 -0.83 -14.53 52.05
N PHE A 228 0.03 -14.03 51.17
CA PHE A 228 -0.06 -14.32 49.73
C PHE A 228 0.67 -15.61 49.35
N LEU A 229 1.81 -15.84 49.99
CA LEU A 229 2.64 -17.00 49.68
C LEU A 229 1.95 -18.31 50.12
N LYS A 230 1.07 -18.22 51.10
CA LYS A 230 0.34 -19.38 51.62
C LYS A 230 -0.31 -20.23 50.50
N CYS A 231 -1.04 -19.58 49.60
CA CYS A 231 -1.79 -20.29 48.58
C CYS A 231 -1.15 -20.18 47.21
N GLY A 232 -0.12 -19.36 47.08
CA GLY A 232 0.56 -19.16 45.80
C GLY A 232 1.69 -20.11 45.53
N ALA A 233 2.40 -20.52 46.59
CA ALA A 233 3.59 -21.41 46.47
C ALA A 233 3.30 -22.93 46.38
N LEU A 234 4.18 -23.66 45.72
CA LEU A 234 3.97 -25.08 45.49
C LEU A 234 5.31 -25.76 45.50
N GLN A 235 5.41 -26.87 46.23
CA GLN A 235 6.55 -27.79 46.07
C GLN A 235 6.90 -28.03 44.59
N GLY A 236 8.14 -27.82 44.20
CA GLY A 236 8.57 -28.08 42.81
C GLY A 236 8.49 -26.88 41.87
N LEU A 237 7.86 -25.78 42.31
CA LEU A 237 7.88 -24.53 41.58
C LEU A 237 8.60 -23.50 42.47
N TYR A 238 9.62 -22.83 41.92
CA TYR A 238 10.40 -21.87 42.66
C TYR A 238 9.62 -20.64 43.01
N THR A 239 9.65 -20.29 44.30
CA THR A 239 8.81 -19.23 44.82
C THR A 239 9.53 -17.90 44.71
N THR A 240 8.96 -16.97 43.91
CA THR A 240 9.49 -15.61 43.82
C THR A 240 8.43 -14.64 44.33
N VAL A 241 8.86 -13.40 44.57
CA VAL A 241 7.96 -12.36 45.06
C VAL A 241 8.01 -11.16 44.13
N ASP A 242 7.05 -10.27 44.30
CA ASP A 242 7.08 -8.96 43.65
C ASP A 242 6.83 -7.86 44.68
N PHE A 243 7.35 -6.68 44.38
CA PHE A 243 7.25 -5.49 45.25
C PHE A 243 7.86 -4.27 44.56
N GLY A 244 7.35 -3.10 44.88
CA GLY A 244 7.80 -1.88 44.23
C GLY A 244 8.53 -0.98 45.21
N THR A 245 8.55 0.32 44.90
CA THR A 245 9.38 1.26 45.61
C THR A 245 8.93 1.57 47.02
N GLY A 246 7.75 1.15 47.43
CA GLY A 246 7.24 1.49 48.76
C GLY A 246 7.49 0.42 49.79
N SER A 247 8.04 -0.70 49.34
CA SER A 247 8.21 -1.86 50.21
C SER A 247 9.60 -1.86 50.80
N ASN A 248 9.72 -2.46 51.97
CA ASN A 248 10.99 -2.62 52.64
C ASN A 248 11.66 -3.81 51.98
N ILE A 249 12.82 -3.59 51.39
CA ILE A 249 13.47 -4.61 50.57
C ILE A 249 13.87 -5.81 51.40
N THR A 250 14.37 -5.54 52.60
CA THR A 250 14.77 -6.62 53.50
C THR A 250 13.58 -7.52 53.89
N ASP A 251 12.47 -6.88 54.25
CA ASP A 251 11.25 -7.64 54.57
C ASP A 251 10.77 -8.47 53.41
N ALA A 252 10.79 -7.90 52.21
CA ALA A 252 10.24 -8.61 51.07
C ALA A 252 11.05 -9.89 50.79
N PHE A 253 12.36 -9.80 50.76
CA PHE A 253 13.17 -10.98 50.43
C PHE A 253 13.19 -12.02 51.54
N LEU A 254 12.97 -11.57 52.80
CA LEU A 254 12.75 -12.51 53.91
C LEU A 254 11.50 -13.33 53.71
N SER A 255 10.45 -12.69 53.19
CA SER A 255 9.19 -13.42 52.95
C SER A 255 9.50 -14.47 51.89
N GLN A 256 10.35 -14.11 50.93
CA GLN A 256 10.76 -15.04 49.91
C GLN A 256 11.61 -16.17 50.53
N ARG A 257 12.56 -15.80 51.37
CA ARG A 257 13.46 -16.77 52.00
C ARG A 257 12.71 -17.85 52.83
N LYS A 258 11.53 -17.53 53.39
CA LYS A 258 10.77 -18.53 54.17
C LYS A 258 10.26 -19.68 53.32
N CYS A 259 9.94 -19.39 52.07
CA CYS A 259 9.50 -20.43 51.12
C CYS A 259 10.68 -21.06 50.35
N GLU A 260 11.76 -20.30 50.13
CA GLU A 260 12.95 -20.81 49.42
C GLU A 260 14.19 -20.46 50.21
N PRO A 261 14.56 -21.31 51.19
CA PRO A 261 15.75 -20.99 52.01
C PRO A 261 17.02 -20.83 51.21
N LYS A 262 17.07 -21.49 50.07
CA LYS A 262 18.22 -21.62 49.22
C LYS A 262 17.81 -21.35 47.77
N GLY A 263 18.66 -20.61 47.09
CA GLY A 263 18.47 -20.24 45.71
C GLY A 263 18.47 -18.75 45.54
N PRO A 264 18.30 -18.28 44.29
CA PRO A 264 18.40 -16.85 44.05
C PRO A 264 17.24 -16.02 44.63
N LEU A 265 17.52 -14.80 45.05
CA LEU A 265 16.50 -13.83 45.41
C LEU A 265 15.99 -13.27 44.07
N ILE A 266 14.68 -13.16 43.92
CA ILE A 266 14.09 -12.73 42.64
C ILE A 266 12.94 -11.82 42.95
N ASN A 267 12.94 -10.64 42.34
CA ASN A 267 11.75 -9.81 42.33
C ASN A 267 11.25 -9.79 40.89
N SER A 268 10.15 -10.45 40.65
CA SER A 268 9.61 -10.69 39.32
C SER A 268 8.83 -9.52 38.75
N GLU A 269 8.43 -8.57 39.62
CA GLU A 269 7.74 -7.35 39.19
C GLU A 269 8.09 -6.22 40.12
N PHE A 270 9.20 -5.56 39.82
CA PHE A 270 9.59 -4.34 40.48
C PHE A 270 8.92 -3.18 39.78
N TYR A 271 7.94 -2.57 40.44
CA TYR A 271 7.10 -1.54 39.75
C TYR A 271 7.85 -0.21 39.47
N THR A 272 7.98 0.14 38.18
CA THR A 272 8.71 1.31 37.77
C THR A 272 7.79 2.52 37.67
N GLY A 273 6.51 2.25 37.90
CA GLY A 273 5.40 3.16 37.63
C GLY A 273 4.11 2.49 38.14
N TRP A 274 2.98 2.84 37.57
CA TRP A 274 1.70 2.22 38.00
C TRP A 274 0.55 2.49 37.02
N LEU A 275 -0.43 1.59 37.08
CA LEU A 275 -1.58 1.59 36.18
C LEU A 275 -2.48 2.79 36.40
N ASP A 276 -3.34 3.02 35.41
CA ASP A 276 -4.31 4.11 35.48
C ASP A 276 -5.74 3.64 35.52
N HIS A 277 -6.64 4.55 35.90
CA HIS A 277 -8.04 4.34 35.55
C HIS A 277 -8.60 5.66 35.01
N TRP A 278 -9.56 5.52 34.14
CA TRP A 278 -10.29 6.69 33.65
C TRP A 278 -10.81 7.54 34.77
N GLY A 279 -10.65 8.84 34.67
CA GLY A 279 -11.20 9.78 35.64
C GLY A 279 -10.36 10.01 36.88
N GLN A 280 -9.27 9.24 37.00
CA GLN A 280 -8.31 9.38 38.06
C GLN A 280 -7.08 9.97 37.45
N PRO A 281 -6.34 10.82 38.19
CA PRO A 281 -5.12 11.29 37.54
C PRO A 281 -4.11 10.16 37.18
N HIS A 282 -3.20 10.50 36.29
CA HIS A 282 -2.24 9.55 35.71
C HIS A 282 -1.19 9.28 36.76
N SER A 283 -0.99 7.99 37.05
CA SER A 283 0.05 7.55 37.97
C SER A 283 1.47 7.78 37.45
N THR A 284 2.31 8.32 38.36
CA THR A 284 3.77 8.41 38.18
C THR A 284 4.49 7.97 39.43
N ILE A 285 5.73 7.53 39.26
CA ILE A 285 6.64 7.25 40.35
C ILE A 285 7.94 7.93 40.00
N LYS A 286 8.47 8.69 40.96
CA LYS A 286 9.67 9.46 40.79
C LYS A 286 10.89 8.62 40.32
N THR A 287 11.61 9.11 39.32
CA THR A 287 12.80 8.42 38.79
C THR A 287 13.80 8.03 39.90
N GLU A 288 14.01 8.95 40.84
CA GLU A 288 14.96 8.74 41.95
C GLU A 288 14.56 7.54 42.83
N ALA A 289 13.26 7.44 43.10
CA ALA A 289 12.75 6.37 43.95
C ALA A 289 12.97 5.06 43.26
N VAL A 290 12.70 5.02 41.97
CA VAL A 290 12.90 3.79 41.23
C VAL A 290 14.42 3.43 41.14
N ALA A 291 15.25 4.41 40.86
CA ALA A 291 16.66 4.18 40.67
C ALA A 291 17.28 3.67 41.98
N SER A 292 16.86 4.29 43.07
CA SER A 292 17.39 3.98 44.41
C SER A 292 16.98 2.59 44.83
N SER A 293 15.72 2.22 44.66
CA SER A 293 15.30 0.85 45.01
C SER A 293 15.99 -0.19 44.08
N LEU A 294 16.11 0.10 42.79
CA LEU A 294 16.77 -0.82 41.86
C LEU A 294 18.20 -1.09 42.31
N TYR A 295 18.90 -0.04 42.70
CA TYR A 295 20.28 -0.18 43.16
C TYR A 295 20.29 -1.13 44.34
N ASP A 296 19.35 -0.99 45.25
CA ASP A 296 19.39 -1.77 46.52
C ASP A 296 19.05 -3.22 46.28
N ILE A 297 18.09 -3.44 45.38
CA ILE A 297 17.77 -4.78 44.91
C ILE A 297 18.96 -5.47 44.26
N LEU A 298 19.63 -4.76 43.35
CA LEU A 298 20.78 -5.30 42.62
C LEU A 298 21.96 -5.62 43.54
N ALA A 299 22.21 -4.68 44.46
CA ALA A 299 23.23 -4.82 45.51
C ALA A 299 23.05 -6.06 46.37
N ARG A 300 21.83 -6.58 46.50
CA ARG A 300 21.61 -7.84 47.25
C ARG A 300 21.98 -9.10 46.45
N GLY A 301 22.35 -8.94 45.19
CA GLY A 301 22.62 -10.07 44.28
C GLY A 301 21.38 -10.66 43.62
N ALA A 302 20.26 -9.95 43.68
CA ALA A 302 18.96 -10.55 43.30
C ALA A 302 18.75 -10.41 41.79
N SER A 303 17.99 -11.33 41.22
CA SER A 303 17.52 -11.15 39.89
C SER A 303 16.30 -10.24 40.03
N VAL A 304 16.07 -9.40 39.04
CA VAL A 304 14.95 -8.51 39.10
C VAL A 304 14.43 -8.22 37.71
N ASN A 305 13.11 -8.07 37.67
CA ASN A 305 12.42 -7.66 36.51
C ASN A 305 11.64 -6.38 36.76
N LEU A 306 11.93 -5.41 35.91
CA LEU A 306 11.25 -4.15 35.86
C LEU A 306 9.86 -4.19 35.18
N TYR A 307 8.82 -3.99 35.96
CA TYR A 307 7.41 -4.01 35.47
C TYR A 307 6.81 -2.58 35.52
N MET A 308 6.47 -1.94 34.40
CA MET A 308 6.81 -2.29 33.06
C MET A 308 8.15 -1.64 32.69
N PHE A 309 8.83 -2.18 31.68
CA PHE A 309 9.91 -1.39 31.05
C PHE A 309 9.38 -0.54 29.88
N ILE A 310 8.65 -1.17 28.95
CA ILE A 310 7.73 -0.41 28.10
C ILE A 310 6.34 -0.98 28.36
N GLY A 311 5.37 -0.11 28.59
CA GLY A 311 3.98 -0.50 28.79
C GLY A 311 3.21 -0.60 27.45
N GLY A 312 3.27 0.45 26.64
CA GLY A 312 2.55 0.45 25.35
C GLY A 312 1.07 0.76 25.41
N THR A 313 0.29 0.00 24.66
CA THR A 313 -1.08 0.30 24.38
C THR A 313 -2.01 -0.89 24.47
N ASN A 314 -3.15 -0.66 25.08
CA ASN A 314 -4.31 -1.55 25.01
C ASN A 314 -5.14 -1.12 23.82
N PHE A 315 -4.80 -1.68 22.67
CA PHE A 315 -5.53 -1.37 21.44
C PHE A 315 -6.89 -2.07 21.51
N ALA A 316 -7.78 -1.74 20.58
CA ALA A 316 -9.12 -2.40 20.46
C ALA A 316 -9.85 -2.43 21.81
N TYR A 317 -10.09 -3.60 22.36
CA TYR A 317 -10.90 -3.75 23.55
C TYR A 317 -10.11 -4.51 24.61
N TRP A 318 -8.78 -4.42 24.58
CA TRP A 318 -7.94 -5.41 25.31
C TRP A 318 -7.70 -5.00 26.75
N ASN A 319 -8.05 -3.75 27.12
CA ASN A 319 -7.93 -3.31 28.53
C ASN A 319 -8.72 -4.17 29.50
N GLY A 320 -8.25 -4.24 30.75
CA GLY A 320 -9.02 -4.85 31.85
C GLY A 320 -9.78 -3.81 32.71
N ALA A 321 -10.19 -4.23 33.90
CA ALA A 321 -10.80 -3.40 34.90
C ALA A 321 -10.53 -3.99 36.29
N ASN A 322 -10.66 -3.15 37.30
CA ASN A 322 -10.66 -3.58 38.69
C ASN A 322 -12.06 -3.52 39.28
N SER A 323 -12.21 -4.14 40.44
CA SER A 323 -13.47 -4.22 41.15
C SER A 323 -13.25 -3.47 42.47
N PRO A 324 -14.15 -2.56 42.89
CA PRO A 324 -15.42 -2.17 42.29
C PRO A 324 -15.22 -1.46 40.94
N TYR A 325 -16.14 -1.69 40.02
CA TYR A 325 -15.85 -1.62 38.60
C TYR A 325 -15.19 -0.34 38.22
N ALA A 326 -13.96 -0.44 37.74
CA ALA A 326 -13.23 0.70 37.22
C ALA A 326 -12.28 0.24 36.08
N ALA A 327 -12.64 0.60 34.85
CA ALA A 327 -11.87 0.14 33.67
C ALA A 327 -10.54 0.86 33.58
N GLN A 328 -9.47 0.12 33.27
CA GLN A 328 -8.22 0.78 32.93
C GLN A 328 -8.33 1.37 31.52
N PRO A 329 -7.65 2.50 31.27
CA PRO A 329 -7.77 3.17 29.96
C PRO A 329 -6.97 2.51 28.80
N THR A 330 -7.03 3.16 27.63
CA THR A 330 -6.36 2.65 26.45
C THR A 330 -4.80 2.69 26.58
N SER A 331 -4.22 3.84 26.98
CA SER A 331 -2.76 3.92 27.19
C SER A 331 -2.34 2.97 28.32
N TYR A 332 -1.30 2.18 28.08
CA TYR A 332 -0.61 1.46 29.14
C TYR A 332 0.79 2.05 29.32
N ASP A 333 0.91 3.37 29.12
CA ASP A 333 2.20 4.04 29.27
C ASP A 333 2.89 3.66 30.60
N TYR A 334 2.11 3.65 31.68
CA TYR A 334 2.51 3.11 33.01
C TYR A 334 3.61 3.95 33.65
N ASP A 335 3.97 5.08 33.04
CA ASP A 335 5.13 5.90 33.44
C ASP A 335 6.42 5.09 33.40
N ALA A 336 6.48 4.16 32.45
CA ALA A 336 7.60 3.23 32.31
C ALA A 336 8.84 4.00 31.80
N PRO A 337 10.03 3.42 31.96
CA PRO A 337 11.24 4.01 31.39
C PRO A 337 11.14 4.32 29.89
N LEU A 338 10.52 3.42 29.13
CA LEU A 338 10.14 3.76 27.75
C LEU A 338 8.66 4.16 27.69
N SER A 339 8.36 5.30 27.08
CA SER A 339 7.01 5.76 27.05
C SER A 339 6.17 4.91 26.12
N GLU A 340 4.88 5.18 26.12
CA GLU A 340 3.97 4.43 25.26
C GLU A 340 4.46 4.25 23.83
N ALA A 341 4.95 5.32 23.20
CA ALA A 341 5.34 5.29 21.79
C ALA A 341 6.83 4.88 21.65
N GLY A 342 7.43 4.42 22.75
CA GLY A 342 8.79 3.90 22.78
C GLY A 342 9.91 4.92 23.02
N ASP A 343 9.57 6.10 23.55
CA ASP A 343 10.54 7.19 23.75
C ASP A 343 11.47 6.94 24.91
N LEU A 344 12.72 7.42 24.77
CA LEU A 344 13.69 7.38 25.84
C LEU A 344 13.29 8.48 26.81
N THR A 345 13.18 8.15 28.08
CA THR A 345 12.82 9.16 29.05
C THR A 345 13.98 9.36 30.01
N GLU A 346 13.91 10.40 30.84
CA GLU A 346 14.85 10.53 31.95
C GLU A 346 14.92 9.26 32.75
N LYS A 347 13.78 8.66 33.01
CA LYS A 347 13.78 7.45 33.83
C LYS A 347 14.67 6.37 33.22
N TYR A 348 14.61 6.25 31.89
CA TYR A 348 15.32 5.23 31.13
C TYR A 348 16.81 5.41 31.36
N PHE A 349 17.28 6.63 31.14
CA PHE A 349 18.70 6.92 31.31
C PHE A 349 19.17 6.74 32.75
N ALA A 350 18.33 7.13 33.72
CA ALA A 350 18.72 6.93 35.15
C ALA A 350 18.77 5.46 35.50
N LEU A 351 17.88 4.62 34.96
CA LEU A 351 17.97 3.16 35.27
C LEU A 351 19.13 2.49 34.54
N ARG A 352 19.41 2.93 33.32
CA ARG A 352 20.59 2.51 32.61
C ARG A 352 21.85 2.79 33.44
N ASN A 353 21.87 3.96 34.03
CA ASN A 353 22.97 4.38 34.90
C ASN A 353 23.12 3.49 36.12
N ILE A 354 22.02 3.16 36.74
CA ILE A 354 22.03 2.24 37.86
C ILE A 354 22.66 0.94 37.38
N ILE A 355 22.12 0.34 36.31
CA ILE A 355 22.60 -0.94 35.80
C ILE A 355 24.08 -0.94 35.53
N GLN A 356 24.55 0.15 34.90
CA GLN A 356 25.98 0.31 34.61
C GLN A 356 26.94 0.15 35.83
N LYS A 357 26.42 0.33 37.04
CA LYS A 357 27.23 0.19 38.24
C LYS A 357 27.50 -1.27 38.59
N PHE A 358 26.73 -2.17 38.00
CA PHE A 358 26.82 -3.59 38.27
C PHE A 358 27.34 -4.39 37.10
N GLU A 359 27.10 -3.90 35.87
CA GLU A 359 27.42 -4.66 34.66
C GLU A 359 27.86 -3.69 33.59
N LYS A 360 28.63 -4.19 32.61
CA LYS A 360 28.98 -3.40 31.42
C LYS A 360 27.76 -3.42 30.51
N VAL A 361 27.45 -2.26 29.98
CA VAL A 361 26.25 -2.05 29.22
C VAL A 361 26.69 -1.94 27.75
N PRO A 362 25.87 -2.36 26.79
CA PRO A 362 26.36 -2.35 25.42
C PRO A 362 26.85 -0.96 24.92
N GLU A 363 27.89 -1.00 24.09
CA GLU A 363 28.45 0.20 23.50
C GLU A 363 27.70 0.59 22.26
N GLY A 364 27.86 1.86 21.90
CA GLY A 364 27.23 2.39 20.70
C GLY A 364 26.07 3.31 21.01
N PRO A 365 25.64 4.04 19.99
CA PRO A 365 24.49 4.90 20.21
C PRO A 365 23.15 4.10 20.36
N ILE A 366 22.27 4.67 21.17
CA ILE A 366 20.95 4.10 21.40
C ILE A 366 19.98 4.53 20.28
N PRO A 367 19.14 3.61 19.83
CA PRO A 367 18.15 4.00 18.84
C PRO A 367 17.19 5.05 19.42
N PRO A 368 16.84 6.05 18.62
CA PRO A 368 16.14 7.20 19.17
C PRO A 368 14.65 6.99 19.41
N SER A 369 14.08 7.90 20.18
CA SER A 369 12.66 8.20 20.18
C SER A 369 12.21 8.48 18.75
N THR A 370 11.07 7.92 18.35
CA THR A 370 10.65 8.09 16.98
C THR A 370 10.27 9.56 16.80
N PRO A 371 10.41 10.06 15.59
CA PRO A 371 9.84 11.38 15.23
C PRO A 371 8.29 11.33 15.26
N LYS A 372 7.68 12.38 15.80
CA LYS A 372 6.25 12.51 15.80
C LYS A 372 5.86 13.71 14.92
N PHE A 373 4.70 13.63 14.29
CA PHE A 373 4.27 14.63 13.30
C PHE A 373 2.81 15.02 13.55
N ALA A 374 2.56 16.33 13.50
CA ALA A 374 1.22 16.89 13.67
C ALA A 374 0.54 17.02 12.30
N TYR A 375 -0.26 16.04 11.92
CA TYR A 375 -0.95 16.11 10.65
C TYR A 375 -2.03 17.19 10.67
N GLY A 376 -2.39 17.63 11.87
CA GLY A 376 -3.29 18.72 12.04
C GLY A 376 -4.75 18.33 12.12
N LYS A 377 -5.61 19.28 11.75
CA LYS A 377 -7.04 19.04 11.90
C LYS A 377 -7.59 18.26 10.71
N VAL A 378 -8.49 17.30 10.96
CA VAL A 378 -9.10 16.49 9.92
C VAL A 378 -10.61 16.44 10.18
N THR A 379 -11.40 16.99 9.23
CA THR A 379 -12.87 17.02 9.37
C THR A 379 -13.50 15.65 9.16
N LEU A 380 -14.53 15.31 9.93
CA LEU A 380 -15.29 14.11 9.72
C LEU A 380 -16.71 14.50 9.41
N GLU A 381 -17.46 13.54 8.90
CA GLU A 381 -18.86 13.74 8.84
C GLU A 381 -19.54 12.45 9.15
N LYS A 382 -20.75 12.57 9.63
CA LYS A 382 -21.55 11.44 10.03
C LYS A 382 -21.96 10.66 8.80
N LEU A 383 -21.75 9.35 8.88
CA LEU A 383 -22.09 8.45 7.79
C LEU A 383 -23.44 7.80 8.08
N LYS A 384 -23.56 7.15 9.23
CA LYS A 384 -24.79 6.46 9.62
C LYS A 384 -24.82 6.32 11.12
N THR A 385 -26.02 6.30 11.70
CA THR A 385 -26.20 5.95 13.10
C THR A 385 -25.99 4.45 13.24
N VAL A 386 -25.73 4.00 14.46
CA VAL A 386 -25.60 2.54 14.74
C VAL A 386 -26.91 1.87 14.37
N GLY A 387 -28.02 2.54 14.74
CA GLY A 387 -29.36 2.01 14.42
C GLY A 387 -29.57 1.84 12.90
N ALA A 388 -29.13 2.79 12.08
CA ALA A 388 -29.20 2.61 10.60
C ALA A 388 -28.23 1.56 10.03
N ALA A 389 -27.20 1.20 10.77
CA ALA A 389 -26.18 0.31 10.23
C ALA A 389 -26.40 -1.11 10.71
N LEU A 390 -27.58 -1.41 11.21
CA LEU A 390 -27.81 -2.69 11.88
C LEU A 390 -27.66 -3.86 10.93
N ASP A 391 -28.03 -3.63 9.66
CA ASP A 391 -27.99 -4.65 8.62
C ASP A 391 -26.53 -5.07 8.39
N ILE A 392 -25.62 -4.11 8.37
CA ILE A 392 -24.22 -4.42 8.14
C ILE A 392 -23.50 -4.88 9.40
N LEU A 393 -23.92 -4.37 10.56
CA LEU A 393 -23.37 -4.80 11.84
C LEU A 393 -23.81 -6.19 12.24
N CYS A 394 -24.97 -6.60 11.77
CA CYS A 394 -25.53 -7.85 12.23
C CYS A 394 -26.10 -8.60 11.04
N PRO A 395 -25.23 -9.06 10.13
CA PRO A 395 -25.69 -9.65 8.86
C PRO A 395 -26.47 -10.98 8.94
N SER A 396 -26.21 -11.78 9.97
CA SER A 396 -27.00 -13.01 10.19
C SER A 396 -28.23 -12.84 11.07
N GLY A 397 -28.56 -11.62 11.45
CA GLY A 397 -29.80 -11.33 12.16
C GLY A 397 -29.71 -11.48 13.68
N PRO A 398 -30.72 -10.95 14.36
CA PRO A 398 -30.70 -10.88 15.80
C PRO A 398 -31.12 -12.19 16.43
N ILE A 399 -30.90 -12.27 17.73
CA ILE A 399 -31.42 -13.35 18.58
C ILE A 399 -32.61 -12.83 19.40
N LYS A 400 -33.71 -13.59 19.41
CA LYS A 400 -34.92 -13.20 20.15
C LYS A 400 -34.97 -13.93 21.45
N SER A 401 -35.44 -13.27 22.50
CA SER A 401 -35.43 -13.87 23.84
C SER A 401 -36.45 -13.15 24.69
N LEU A 402 -37.10 -13.89 25.57
CA LEU A 402 -38.12 -13.33 26.48
C LEU A 402 -37.46 -12.36 27.44
N TYR A 403 -36.40 -12.81 28.11
CA TYR A 403 -35.59 -11.95 28.98
C TYR A 403 -34.22 -11.72 28.36
N PRO A 404 -33.54 -10.67 28.83
CA PRO A 404 -32.23 -10.36 28.28
C PRO A 404 -31.21 -11.47 28.41
N LEU A 405 -30.39 -11.62 27.37
CA LEU A 405 -29.20 -12.48 27.36
C LEU A 405 -27.91 -11.70 27.46
N THR A 406 -26.91 -12.34 28.04
CA THR A 406 -25.60 -11.74 28.18
C THR A 406 -24.83 -11.72 26.84
N PHE A 407 -23.74 -10.95 26.78
CA PHE A 407 -22.77 -10.98 25.68
C PHE A 407 -22.36 -12.41 25.37
N ILE A 408 -22.08 -13.18 26.40
CA ILE A 408 -21.58 -14.58 26.23
C ILE A 408 -22.62 -15.45 25.51
N GLN A 409 -23.87 -15.37 25.96
CA GLN A 409 -24.97 -16.08 25.38
C GLN A 409 -25.27 -15.72 23.92
N VAL A 410 -24.97 -14.50 23.50
CA VAL A 410 -25.19 -14.20 22.10
C VAL A 410 -23.88 -14.27 21.35
N LYS A 411 -22.84 -14.87 21.92
CA LYS A 411 -21.62 -15.17 21.16
C LYS A 411 -20.85 -13.90 20.72
N GLN A 412 -20.91 -12.87 21.56
CA GLN A 412 -20.06 -11.69 21.39
C GLN A 412 -19.24 -11.47 22.66
N HIS A 413 -17.94 -11.25 22.51
CA HIS A 413 -17.08 -11.10 23.70
C HIS A 413 -16.72 -9.68 23.97
N TYR A 414 -16.44 -8.93 22.91
CA TYR A 414 -15.93 -7.58 23.06
C TYR A 414 -16.76 -6.57 22.26
N GLY A 415 -16.65 -5.29 22.61
CA GLY A 415 -17.38 -4.23 21.92
C GLY A 415 -18.80 -4.04 22.43
N PHE A 416 -19.74 -4.02 21.50
CA PHE A 416 -21.12 -3.59 21.74
C PHE A 416 -22.19 -4.57 21.24
N VAL A 417 -23.30 -4.60 21.96
CA VAL A 417 -24.47 -5.42 21.66
C VAL A 417 -25.71 -4.51 21.81
N LEU A 418 -26.56 -4.49 20.79
CA LEU A 418 -27.72 -3.59 20.81
C LEU A 418 -28.89 -4.41 21.31
N TYR A 419 -29.52 -3.94 22.36
CA TYR A 419 -30.69 -4.65 22.92
C TYR A 419 -31.92 -3.83 22.60
N ARG A 420 -32.96 -4.46 22.04
CA ARG A 420 -34.11 -3.78 21.53
C ARG A 420 -35.41 -4.44 22.02
N THR A 421 -36.34 -3.61 22.47
CA THR A 421 -37.72 -4.05 22.74
C THR A 421 -38.73 -2.95 22.39
N THR A 422 -40.03 -3.17 22.65
CA THR A 422 -41.00 -2.05 22.50
C THR A 422 -41.59 -1.62 23.82
N LEU A 423 -42.04 -0.36 23.92
CA LEU A 423 -42.58 0.11 25.22
C LEU A 423 -43.97 -0.46 25.39
N PRO A 424 -44.24 -1.13 26.51
CA PRO A 424 -45.54 -1.78 26.80
C PRO A 424 -46.59 -0.86 27.40
N GLN A 425 -46.24 0.41 27.67
CA GLN A 425 -47.15 1.43 28.21
C GLN A 425 -46.85 2.76 27.52
N ASP A 426 -47.80 3.67 27.53
CA ASP A 426 -47.53 5.06 27.16
C ASP A 426 -46.60 5.60 28.19
N CYS A 427 -45.57 6.32 27.76
CA CYS A 427 -44.65 7.02 28.65
C CYS A 427 -44.57 8.50 28.23
N SER A 428 -45.72 9.11 27.96
CA SER A 428 -45.72 10.53 27.64
C SER A 428 -45.17 11.35 28.80
N ASN A 429 -45.48 10.95 30.03
CA ASN A 429 -44.80 11.46 31.21
C ASN A 429 -43.68 10.49 31.54
N PRO A 430 -42.52 11.02 32.00
CA PRO A 430 -41.31 10.21 32.16
C PRO A 430 -41.53 8.99 33.04
N ALA A 431 -41.10 7.81 32.56
CA ALA A 431 -41.23 6.59 33.30
C ALA A 431 -39.83 6.08 33.59
N PRO A 432 -39.61 5.53 34.81
CA PRO A 432 -38.29 5.13 35.12
C PRO A 432 -37.94 3.77 34.47
N LEU A 433 -36.85 3.76 33.67
CA LEU A 433 -36.25 2.54 33.12
C LEU A 433 -35.11 2.15 34.04
N SER A 434 -35.12 0.94 34.57
CA SER A 434 -34.18 0.58 35.64
C SER A 434 -33.70 -0.85 35.52
N SER A 435 -32.55 -1.10 36.15
CA SER A 435 -31.92 -2.39 36.32
C SER A 435 -31.77 -2.57 37.84
N PRO A 436 -32.85 -3.04 38.48
CA PRO A 436 -32.89 -3.09 39.95
C PRO A 436 -31.74 -3.88 40.61
N LEU A 437 -31.20 -4.90 39.95
CA LEU A 437 -30.01 -5.59 40.46
C LEU A 437 -28.68 -5.04 39.93
N ASN A 438 -28.70 -3.86 39.32
CA ASN A 438 -27.45 -3.26 38.90
C ASN A 438 -26.73 -4.14 37.87
N GLY A 439 -27.50 -4.53 36.84
CA GLY A 439 -27.05 -5.45 35.81
C GLY A 439 -26.84 -4.85 34.43
N VAL A 440 -26.48 -3.57 34.37
CA VAL A 440 -26.02 -2.96 33.11
C VAL A 440 -24.47 -3.02 33.14
N HIS A 441 -23.92 -4.02 32.47
CA HIS A 441 -22.49 -4.24 32.48
C HIS A 441 -21.95 -4.01 31.08
N ASP A 442 -21.46 -2.80 30.81
CA ASP A 442 -21.11 -1.83 31.81
C ASP A 442 -21.72 -0.43 31.58
N ARG A 443 -22.17 -0.15 30.38
CA ARG A 443 -22.73 1.15 30.12
C ARG A 443 -23.75 0.95 29.05
N ALA A 444 -24.85 1.70 29.06
CA ALA A 444 -25.80 1.57 28.02
C ALA A 444 -26.26 2.94 27.55
N TYR A 445 -26.28 3.10 26.24
CA TYR A 445 -26.73 4.32 25.58
C TYR A 445 -28.15 4.03 25.08
N VAL A 446 -29.10 4.77 25.62
CA VAL A 446 -30.55 4.47 25.53
C VAL A 446 -31.22 5.44 24.59
N ALA A 447 -32.06 4.90 23.72
CA ALA A 447 -32.84 5.71 22.79
C ALA A 447 -34.26 5.21 22.71
N VAL A 448 -35.19 6.09 22.40
CA VAL A 448 -36.58 5.70 22.19
C VAL A 448 -37.07 6.31 20.89
N ASP A 449 -37.47 5.47 19.93
CA ASP A 449 -37.84 5.92 18.58
C ASP A 449 -36.81 6.90 18.03
N GLY A 450 -35.57 6.55 18.26
CA GLY A 450 -34.47 7.34 17.72
C GLY A 450 -34.15 8.61 18.45
N ILE A 451 -34.73 8.82 19.65
CA ILE A 451 -34.41 9.97 20.49
C ILE A 451 -33.51 9.51 21.70
N PRO A 452 -32.25 9.99 21.80
CA PRO A 452 -31.43 9.51 22.91
C PRO A 452 -32.03 9.97 24.24
N GLN A 453 -32.01 9.10 25.23
CA GLN A 453 -32.51 9.42 26.54
C GLN A 453 -31.42 9.61 27.59
N GLY A 454 -30.16 9.28 27.27
CA GLY A 454 -29.09 9.33 28.29
C GLY A 454 -28.47 7.95 28.49
N VAL A 455 -27.91 7.71 29.67
CA VAL A 455 -27.02 6.58 29.86
C VAL A 455 -27.30 5.85 31.15
N LEU A 456 -27.23 4.52 31.10
CA LEU A 456 -27.23 3.71 32.30
C LEU A 456 -25.80 3.21 32.56
N GLU A 457 -25.40 3.11 33.82
CA GLU A 457 -23.97 2.91 34.15
C GLU A 457 -23.89 1.89 35.26
N ARG A 458 -23.00 0.92 35.10
CA ARG A 458 -22.71 0.02 36.15
C ARG A 458 -22.37 0.79 37.45
N ASN A 459 -22.97 0.38 38.55
CA ASN A 459 -22.88 1.00 39.89
C ASN A 459 -23.53 2.39 40.00
N ASN A 460 -23.14 3.32 39.15
CA ASN A 460 -23.44 4.73 39.35
C ASN A 460 -24.85 5.24 39.08
N VAL A 461 -25.50 4.70 38.06
CA VAL A 461 -26.81 5.16 37.67
C VAL A 461 -27.57 3.96 37.14
N ILE A 462 -28.48 3.44 37.93
CA ILE A 462 -29.25 2.26 37.52
C ILE A 462 -30.66 2.59 37.03
N THR A 463 -31.03 3.85 37.09
CA THR A 463 -32.32 4.31 36.66
C THR A 463 -32.19 5.53 35.78
N LEU A 464 -32.94 5.50 34.68
CA LEU A 464 -33.04 6.55 33.70
C LEU A 464 -34.53 6.79 33.37
N ASN A 465 -35.00 8.02 33.48
CA ASN A 465 -36.35 8.33 33.02
C ASN A 465 -36.37 8.50 31.50
N ILE A 466 -37.34 7.89 30.88
CA ILE A 466 -37.51 7.91 29.45
C ILE A 466 -38.93 8.35 29.11
N THR A 467 -39.08 8.87 27.91
CA THR A 467 -40.38 9.15 27.34
C THR A 467 -40.50 8.60 25.90
N GLY A 468 -41.75 8.40 25.48
CA GLY A 468 -42.10 7.90 24.18
C GLY A 468 -43.48 7.28 24.26
N LYS A 469 -44.02 6.90 23.11
CA LYS A 469 -45.39 6.38 23.04
C LYS A 469 -45.37 4.90 23.24
N ALA A 470 -46.50 4.38 23.71
CA ALA A 470 -46.70 2.97 23.83
C ALA A 470 -46.32 2.37 22.47
N GLY A 471 -45.61 1.25 22.46
CA GLY A 471 -45.18 0.62 21.21
C GLY A 471 -43.92 1.20 20.55
N ALA A 472 -43.36 2.27 21.10
CA ALA A 472 -42.08 2.82 20.63
C ALA A 472 -40.97 1.79 20.81
N THR A 473 -39.97 1.87 19.95
CA THR A 473 -38.81 1.06 20.05
C THR A 473 -37.86 1.61 21.08
N LEU A 474 -37.53 0.77 22.06
CA LEU A 474 -36.54 1.08 23.08
C LEU A 474 -35.26 0.34 22.75
N ASP A 475 -34.18 1.08 22.54
CA ASP A 475 -32.85 0.57 22.21
C ASP A 475 -31.86 0.89 23.35
N LEU A 476 -31.13 -0.14 23.80
CA LEU A 476 -29.97 0.02 24.62
C LEU A 476 -28.70 -0.54 23.91
N LEU A 477 -27.76 0.35 23.62
CA LEU A 477 -26.47 -0.02 23.04
C LEU A 477 -25.59 -0.24 24.21
N VAL A 478 -25.28 -1.50 24.48
CA VAL A 478 -24.49 -1.82 25.64
C VAL A 478 -23.02 -2.10 25.33
N GLU A 479 -22.13 -1.46 26.10
CA GLU A 479 -20.68 -1.57 25.94
C GLU A 479 -20.05 -2.39 27.04
N ASN A 480 -19.26 -3.37 26.63
CA ASN A 480 -18.34 -4.04 27.51
C ASN A 480 -17.12 -3.12 27.68
N MET A 481 -16.98 -2.56 28.87
CA MET A 481 -15.87 -1.61 29.11
C MET A 481 -14.56 -2.32 29.47
N GLY A 482 -14.60 -3.63 29.56
CA GLY A 482 -13.47 -4.44 29.97
C GLY A 482 -13.80 -5.37 31.14
N ARG A 483 -13.44 -6.65 30.98
CA ARG A 483 -13.69 -7.64 32.00
C ARG A 483 -12.67 -7.51 33.08
N VAL A 484 -13.19 -7.46 34.29
CA VAL A 484 -12.36 -7.41 35.47
C VAL A 484 -11.21 -8.46 35.33
N ASN A 485 -10.00 -8.03 35.65
CA ASN A 485 -8.82 -8.90 35.49
C ASN A 485 -8.17 -9.30 36.82
N TYR A 486 -8.74 -8.86 37.94
CA TYR A 486 -8.19 -9.17 39.27
C TYR A 486 -9.27 -9.23 40.30
N GLY A 487 -9.16 -10.22 41.18
CA GLY A 487 -10.05 -10.39 42.33
C GLY A 487 -10.95 -11.58 42.13
N ALA A 488 -11.99 -11.68 42.94
CA ALA A 488 -12.95 -12.78 42.82
C ALA A 488 -13.84 -12.68 41.59
N TYR A 489 -14.04 -11.46 41.06
CA TYR A 489 -15.14 -11.24 40.10
C TYR A 489 -14.67 -11.18 38.64
N ILE A 490 -13.67 -12.00 38.31
CA ILE A 490 -13.18 -12.11 36.94
C ILE A 490 -14.21 -12.80 36.01
N ASN A 491 -15.21 -13.50 36.58
CA ASN A 491 -16.30 -14.12 35.80
C ASN A 491 -17.38 -13.05 35.49
N ASP A 492 -16.93 -12.06 34.70
CA ASP A 492 -17.65 -10.86 34.37
C ASP A 492 -18.33 -11.11 32.99
N PHE A 493 -19.58 -11.57 32.93
CA PHE A 493 -20.23 -11.97 31.66
C PHE A 493 -20.35 -10.81 30.64
N LYS A 494 -20.81 -9.67 31.16
CA LYS A 494 -21.14 -8.45 30.35
C LYS A 494 -22.49 -8.47 29.68
N GLY A 495 -22.98 -7.24 29.40
CA GLY A 495 -24.27 -7.03 28.76
C GLY A 495 -25.33 -6.66 29.77
N LEU A 496 -26.60 -6.86 29.41
CA LEU A 496 -27.67 -6.79 30.39
C LEU A 496 -27.71 -8.18 31.11
N VAL A 497 -27.14 -8.25 32.31
CA VAL A 497 -26.96 -9.52 32.98
C VAL A 497 -28.08 -9.82 33.93
N SER A 498 -29.03 -8.89 34.01
CA SER A 498 -30.25 -9.08 34.73
C SER A 498 -31.36 -8.26 34.07
N ASN A 499 -32.56 -8.39 34.59
CA ASN A 499 -33.73 -7.74 34.00
C ASN A 499 -33.75 -6.22 34.05
N LEU A 500 -34.41 -5.62 33.08
CA LEU A 500 -34.78 -4.22 33.16
C LEU A 500 -36.28 -4.12 33.52
N THR A 501 -36.64 -3.10 34.29
CA THR A 501 -38.01 -2.73 34.55
C THR A 501 -38.35 -1.38 33.96
N LEU A 502 -39.60 -1.21 33.58
CA LEU A 502 -40.11 0.06 33.28
C LEU A 502 -41.30 0.23 34.22
N SER A 503 -41.26 1.30 35.02
CA SER A 503 -42.27 1.57 36.07
C SER A 503 -42.46 0.31 36.95
N SER A 504 -41.36 -0.34 37.27
CA SER A 504 -41.26 -1.48 38.16
C SER A 504 -41.75 -2.79 37.55
N ASN A 505 -42.16 -2.77 36.29
CA ASN A 505 -42.64 -3.96 35.60
C ASN A 505 -41.53 -4.46 34.69
N ILE A 506 -41.14 -5.72 34.86
CA ILE A 506 -40.05 -6.34 34.07
C ILE A 506 -40.36 -6.28 32.57
N LEU A 507 -39.46 -5.72 31.76
CA LEU A 507 -39.63 -5.65 30.34
C LEU A 507 -39.32 -6.98 29.68
N THR A 508 -40.23 -7.43 28.82
CA THR A 508 -40.01 -8.68 28.09
C THR A 508 -40.01 -8.48 26.59
N ASP A 509 -39.55 -9.54 25.90
CA ASP A 509 -39.54 -9.65 24.42
C ASP A 509 -38.47 -8.82 23.79
N TRP A 510 -37.28 -9.40 23.82
CA TRP A 510 -36.05 -8.74 23.44
C TRP A 510 -35.60 -9.23 22.09
N THR A 511 -35.13 -8.29 21.28
CA THR A 511 -34.43 -8.56 20.05
C THR A 511 -32.97 -8.06 20.22
N ILE A 512 -32.02 -8.97 20.06
CA ILE A 512 -30.64 -8.71 20.48
C ILE A 512 -29.68 -8.88 19.31
N PHE A 513 -28.98 -7.79 18.96
CA PHE A 513 -28.14 -7.73 17.81
C PHE A 513 -26.70 -7.67 18.29
N PRO A 514 -25.94 -8.79 18.22
CA PRO A 514 -24.50 -8.75 18.32
C PRO A 514 -23.96 -7.88 17.18
N LEU A 515 -22.95 -7.03 17.43
CA LEU A 515 -22.51 -6.05 16.44
C LEU A 515 -21.09 -6.33 16.06
N ASP A 516 -20.90 -6.69 14.78
CA ASP A 516 -19.60 -6.93 14.13
C ASP A 516 -19.01 -5.59 13.68
N THR A 517 -18.69 -4.76 14.67
CA THR A 517 -18.19 -3.41 14.44
C THR A 517 -16.89 -3.44 13.62
N GLU A 518 -16.04 -4.43 13.88
CA GLU A 518 -14.71 -4.50 13.24
C GLU A 518 -14.83 -4.79 11.74
N ASP A 519 -15.58 -5.81 11.39
CA ASP A 519 -15.86 -6.10 9.99
C ASP A 519 -16.45 -4.89 9.31
N ALA A 520 -17.43 -4.25 9.98
CA ALA A 520 -18.21 -3.24 9.34
C ALA A 520 -17.38 -2.02 9.05
N VAL A 521 -16.53 -1.67 10.02
CA VAL A 521 -15.66 -0.54 9.85
C VAL A 521 -14.67 -0.81 8.71
N ARG A 522 -14.22 -2.05 8.57
CA ARG A 522 -13.27 -2.40 7.50
C ARG A 522 -13.93 -2.44 6.12
N SER A 523 -15.22 -2.67 6.04
CA SER A 523 -15.95 -2.51 4.76
C SER A 523 -16.55 -1.08 4.54
N HIS A 524 -16.23 -0.13 5.44
CA HIS A 524 -16.83 1.23 5.41
C HIS A 524 -18.36 1.15 5.43
N LEU A 525 -18.83 0.44 6.43
CA LEU A 525 -20.22 0.09 6.63
C LEU A 525 -20.83 -0.40 5.32
N GLY A 526 -20.08 -1.23 4.59
CA GLY A 526 -20.65 -1.90 3.41
C GLY A 526 -20.40 -1.16 2.12
N GLY A 527 -19.97 0.12 2.25
CA GLY A 527 -19.67 0.98 1.12
C GLY A 527 -18.54 0.49 0.23
N TRP A 528 -17.60 -0.30 0.78
CA TRP A 528 -16.51 -0.89 -0.02
C TRP A 528 -16.73 -2.34 -0.49
N GLY A 529 -17.90 -2.91 -0.26
CA GLY A 529 -18.14 -4.26 -0.69
C GLY A 529 -17.45 -5.25 0.24
N HIS A 530 -17.36 -6.48 -0.22
CA HIS A 530 -16.92 -7.58 0.63
C HIS A 530 -15.80 -8.42 0.01
N ARG A 531 -15.20 -7.93 -1.07
CA ARG A 531 -13.95 -8.53 -1.54
C ARG A 531 -12.81 -8.38 -0.51
N ASN A 546 -27.00 16.40 27.79
CA ASN A 546 -27.53 16.29 26.42
C ASN A 546 -26.74 15.36 25.47
N TYR A 547 -27.41 14.62 24.58
CA TYR A 547 -26.81 13.49 23.88
C TYR A 547 -27.19 13.40 22.41
N THR A 548 -26.36 12.74 21.61
CA THR A 548 -26.68 12.38 20.23
C THR A 548 -26.72 10.89 20.12
N LEU A 549 -27.37 10.40 19.05
CA LEU A 549 -27.45 8.94 18.85
C LEU A 549 -26.06 8.39 18.57
N PRO A 550 -25.72 7.22 19.13
CA PRO A 550 -24.49 6.57 18.73
C PRO A 550 -24.37 6.43 17.18
N ALA A 551 -23.25 6.89 16.60
CA ALA A 551 -23.10 7.00 15.17
C ALA A 551 -21.63 6.92 14.78
N PHE A 552 -21.40 6.56 13.52
CA PHE A 552 -20.10 6.44 12.90
C PHE A 552 -19.85 7.73 12.10
N TYR A 553 -18.71 8.38 12.35
CA TYR A 553 -18.30 9.60 11.68
C TYR A 553 -17.02 9.28 10.94
N MET A 554 -16.91 9.69 9.68
CA MET A 554 -15.79 9.25 8.85
C MET A 554 -15.13 10.41 8.18
N GLY A 555 -13.81 10.32 7.99
CA GLY A 555 -13.08 11.37 7.33
C GLY A 555 -11.75 10.90 6.81
N ASN A 556 -11.22 11.62 5.82
CA ASN A 556 -10.03 11.18 5.12
C ASN A 556 -8.93 12.26 5.19
N PHE A 557 -7.69 11.81 5.16
CA PHE A 557 -6.56 12.67 4.96
C PHE A 557 -5.44 11.91 4.25
N SER A 558 -4.68 12.70 3.51
CA SER A 558 -3.65 12.21 2.60
C SER A 558 -2.32 12.56 3.13
N ILE A 559 -1.31 11.75 2.82
CA ILE A 559 0.03 12.02 3.23
C ILE A 559 0.82 11.82 1.97
N PRO A 560 1.76 12.73 1.68
CA PRO A 560 2.50 12.56 0.42
C PRO A 560 3.48 11.39 0.37
N SER A 561 3.62 10.86 -0.83
CA SER A 561 4.57 9.81 -1.13
C SER A 561 5.89 10.45 -1.48
N GLY A 562 6.91 9.61 -1.50
CA GLY A 562 8.24 10.05 -1.91
C GLY A 562 8.92 10.97 -0.90
N ILE A 563 8.39 11.08 0.33
CA ILE A 563 9.06 11.85 1.40
C ILE A 563 9.69 10.87 2.42
N PRO A 564 11.00 10.87 2.55
CA PRO A 564 11.53 9.75 3.34
C PRO A 564 11.04 9.70 4.76
N ASP A 565 10.74 10.85 5.36
CA ASP A 565 10.33 10.87 6.76
C ASP A 565 8.81 11.00 6.98
N LEU A 566 8.03 10.64 5.97
CA LEU A 566 6.58 10.48 6.15
C LEU A 566 6.15 9.16 5.57
N PRO A 567 5.25 8.47 6.24
CA PRO A 567 4.55 8.92 7.48
C PRO A 567 5.35 8.81 8.78
N GLN A 568 4.96 9.61 9.77
CA GLN A 568 5.50 9.50 11.14
C GLN A 568 4.39 9.16 12.14
N ASP A 569 4.81 8.61 13.27
CA ASP A 569 3.91 8.42 14.43
C ASP A 569 3.24 9.73 14.78
N THR A 570 2.07 9.63 15.35
CA THR A 570 1.35 10.82 15.76
C THR A 570 0.42 10.46 16.91
N PHE A 571 -0.34 11.46 17.35
CA PHE A 571 -1.24 11.33 18.48
C PHE A 571 -2.51 12.00 18.02
N ILE A 572 -3.64 11.32 18.23
CA ILE A 572 -4.95 11.82 17.83
C ILE A 572 -5.72 12.28 19.05
N GLN A 573 -6.28 13.48 18.93
CA GLN A 573 -6.99 14.20 19.97
C GLN A 573 -8.45 14.46 19.51
N PHE A 574 -9.38 14.51 20.45
CA PHE A 574 -10.83 14.56 20.13
C PHE A 574 -11.59 15.74 20.75
N PRO A 575 -11.17 16.98 20.46
CA PRO A 575 -11.82 18.15 21.09
C PRO A 575 -13.32 18.23 20.77
N GLY A 576 -14.15 18.33 21.81
CA GLY A 576 -15.61 18.40 21.66
C GLY A 576 -16.36 17.07 21.60
N TRP A 577 -15.64 15.96 21.38
CA TRP A 577 -16.27 14.63 21.38
C TRP A 577 -16.37 14.22 22.86
N THR A 578 -16.84 13.02 23.17
CA THR A 578 -17.21 12.68 24.51
C THR A 578 -16.67 11.32 24.94
N LYS A 579 -17.17 10.27 24.31
CA LYS A 579 -16.75 8.92 24.57
C LYS A 579 -17.02 8.09 23.33
N GLY A 580 -16.00 7.35 22.88
CA GLY A 580 -16.14 6.35 21.81
C GLY A 580 -14.93 5.45 21.53
N GLN A 581 -14.97 4.87 20.32
CA GLN A 581 -14.00 3.97 19.77
C GLN A 581 -13.50 4.63 18.48
N VAL A 582 -12.19 4.46 18.19
CA VAL A 582 -11.59 5.08 16.99
C VAL A 582 -10.76 4.08 16.15
N TRP A 583 -10.93 4.13 14.83
CA TRP A 583 -10.14 3.33 13.91
C TRP A 583 -9.47 4.24 12.89
N ILE A 584 -8.28 3.85 12.46
CA ILE A 584 -7.71 4.48 11.26
C ILE A 584 -7.36 3.37 10.29
N ASN A 585 -7.81 3.52 9.05
CA ASN A 585 -7.73 2.44 8.08
C ASN A 585 -8.09 1.07 8.65
N GLY A 586 -9.11 1.04 9.47
CA GLY A 586 -9.69 -0.22 9.96
C GLY A 586 -8.91 -0.80 11.13
N PHE A 587 -7.87 -0.12 11.60
CA PHE A 587 -7.10 -0.61 12.78
C PHE A 587 -7.71 0.05 14.00
N ASN A 588 -8.12 -0.78 14.95
CA ASN A 588 -8.82 -0.26 16.11
C ASN A 588 -7.79 0.21 17.12
N LEU A 589 -7.68 1.53 17.22
CA LEU A 589 -6.69 2.20 18.05
C LEU A 589 -7.06 2.21 19.56
N GLY A 590 -8.33 1.91 19.85
CA GLY A 590 -8.85 1.82 21.19
C GLY A 590 -9.93 2.85 21.51
N ARG A 591 -10.09 3.10 22.82
CA ARG A 591 -11.18 3.93 23.34
C ARG A 591 -10.71 5.31 23.66
N TYR A 592 -11.55 6.29 23.32
CA TYR A 592 -11.26 7.66 23.71
C TYR A 592 -12.31 8.10 24.70
N TRP A 593 -11.91 8.88 25.67
CA TRP A 593 -12.87 9.39 26.62
C TRP A 593 -12.39 10.71 27.21
N PRO A 594 -12.32 11.76 26.36
CA PRO A 594 -11.78 13.02 26.87
C PRO A 594 -12.67 13.66 27.94
N ALA A 595 -13.96 13.30 27.98
CA ALA A 595 -14.81 13.73 29.11
C ALA A 595 -14.28 13.32 30.50
N ARG A 596 -13.56 12.21 30.61
CA ARG A 596 -13.09 11.78 31.91
C ARG A 596 -11.61 11.96 32.04
N GLY A 597 -10.85 11.76 30.96
CA GLY A 597 -9.42 11.76 31.11
C GLY A 597 -8.93 10.63 32.00
N PRO A 598 -7.64 10.65 32.32
CA PRO A 598 -6.62 11.68 32.12
C PRO A 598 -6.00 11.68 30.70
N GLN A 599 -6.07 10.54 30.03
CA GLN A 599 -5.65 10.41 28.63
C GLN A 599 -6.54 11.24 27.70
N LEU A 600 -5.98 12.28 27.07
CA LEU A 600 -6.72 13.00 26.02
C LEU A 600 -6.25 12.70 24.59
N THR A 601 -5.20 11.92 24.39
CA THR A 601 -4.70 11.63 23.04
C THR A 601 -4.58 10.13 22.95
N LEU A 602 -4.74 9.57 21.75
CA LEU A 602 -4.36 8.19 21.53
C LEU A 602 -3.15 8.08 20.62
N PHE A 603 -2.29 7.09 20.91
CA PHE A 603 -1.09 6.87 20.14
C PHE A 603 -1.51 6.28 18.78
N VAL A 604 -0.89 6.78 17.72
CA VAL A 604 -1.13 6.29 16.35
C VAL A 604 0.21 5.94 15.74
N PRO A 605 0.46 4.65 15.55
CA PRO A 605 1.68 4.18 14.96
C PRO A 605 1.77 4.36 13.46
N GLN A 606 2.93 4.79 12.97
CA GLN A 606 3.08 5.20 11.57
C GLN A 606 2.69 4.12 10.51
N HIS A 607 2.89 2.86 10.85
CA HIS A 607 2.79 1.79 9.88
C HIS A 607 1.35 1.48 9.47
N ILE A 608 0.36 1.97 10.20
CA ILE A 608 -1.02 1.83 9.70
C ILE A 608 -1.47 2.98 8.75
N LEU A 609 -0.62 4.00 8.56
CA LEU A 609 -0.89 5.17 7.72
C LEU A 609 -0.26 4.96 6.36
N MET A 610 -0.90 5.46 5.30
CA MET A 610 -0.60 5.15 3.90
C MET A 610 -0.32 6.50 3.21
N THR A 611 0.49 6.44 2.14
CA THR A 611 0.74 7.60 1.26
C THR A 611 0.10 7.47 -0.14
N SER A 612 -0.12 8.65 -0.77
CA SER A 612 -1.14 8.88 -1.84
C SER A 612 -2.60 8.47 -1.46
N ALA A 613 -2.83 7.17 -1.18
CA ALA A 613 -4.17 6.65 -0.86
C ALA A 613 -4.76 7.28 0.41
N PRO A 614 -6.06 7.60 0.40
CA PRO A 614 -6.58 8.30 1.58
C PRO A 614 -6.60 7.42 2.84
N ASN A 615 -6.26 8.02 3.98
CA ASN A 615 -6.34 7.38 5.29
C ASN A 615 -7.72 7.67 5.81
N THR A 616 -8.51 6.65 6.09
CA THR A 616 -9.87 6.85 6.55
C THR A 616 -9.88 6.71 8.07
N ILE A 617 -10.35 7.76 8.76
CA ILE A 617 -10.61 7.73 10.18
C ILE A 617 -12.06 7.41 10.36
N THR A 618 -12.36 6.49 11.26
CA THR A 618 -13.74 6.20 11.66
C THR A 618 -13.84 6.47 13.15
N VAL A 619 -14.77 7.32 13.55
CA VAL A 619 -15.03 7.54 14.98
C VAL A 619 -16.48 7.03 15.27
N LEU A 620 -16.60 6.10 16.20
CA LEU A 620 -17.91 5.67 16.70
C LEU A 620 -18.15 6.49 17.98
N GLU A 621 -18.90 7.59 17.89
CA GLU A 621 -19.21 8.40 19.08
C GLU A 621 -20.48 7.90 19.78
N LEU A 622 -20.39 7.72 21.10
CA LEU A 622 -21.46 7.05 21.86
C LEU A 622 -22.43 7.97 22.57
N GLU A 623 -21.98 9.19 22.89
CA GLU A 623 -22.71 10.06 23.81
C GLU A 623 -23.03 11.43 23.26
N TRP A 624 -22.02 12.12 22.74
CA TRP A 624 -22.25 13.42 22.17
C TRP A 624 -21.15 13.81 21.19
N ALA A 625 -21.54 14.12 19.94
CA ALA A 625 -20.61 14.49 18.88
C ALA A 625 -20.72 15.97 18.55
N PRO A 626 -19.59 16.62 18.20
CA PRO A 626 -19.64 18.06 17.95
C PRO A 626 -19.99 18.39 16.49
N CYS A 627 -21.12 17.91 16.01
CA CYS A 627 -21.33 17.80 14.58
C CYS A 627 -22.74 18.26 14.15
N SER A 628 -23.49 18.90 15.03
CA SER A 628 -24.87 19.28 14.67
C SER A 628 -24.78 20.60 13.95
N SER A 629 -24.42 21.65 14.69
CA SER A 629 -24.35 23.03 14.18
C SER A 629 -23.83 23.07 12.75
N ASP A 630 -24.27 24.04 11.97
CA ASP A 630 -23.74 24.13 10.62
C ASP A 630 -22.45 24.91 10.69
N ASP A 631 -21.48 24.26 11.32
CA ASP A 631 -20.07 24.63 11.32
C ASP A 631 -19.36 23.27 11.24
N PRO A 632 -19.24 22.73 10.00
CA PRO A 632 -18.65 21.42 9.72
C PRO A 632 -17.28 21.33 10.32
N GLU A 633 -16.63 22.47 10.38
CA GLU A 633 -15.30 22.60 10.92
C GLU A 633 -15.18 22.10 12.37
N LEU A 634 -16.30 22.04 13.11
CA LEU A 634 -16.24 21.56 14.49
C LEU A 634 -16.24 20.05 14.54
N CYS A 635 -16.78 19.44 13.50
CA CYS A 635 -16.85 18.01 13.43
C CYS A 635 -15.52 17.55 12.89
N ALA A 636 -14.54 17.43 13.77
CA ALA A 636 -13.16 17.18 13.39
C ALA A 636 -12.34 16.57 14.54
N VAL A 637 -11.26 15.91 14.18
CA VAL A 637 -10.25 15.44 15.12
C VAL A 637 -8.93 16.16 14.81
N THR A 638 -7.97 16.10 15.69
CA THR A 638 -6.68 16.75 15.48
C THR A 638 -5.54 15.80 15.78
N PHE A 639 -4.56 15.76 14.88
CA PHE A 639 -3.33 15.04 15.10
C PHE A 639 -2.29 15.98 15.64
N VAL A 640 -1.75 15.64 16.80
CA VAL A 640 -0.69 16.43 17.48
C VAL A 640 0.62 15.62 17.61
N ASP A 641 1.72 16.29 17.93
CA ASP A 641 3.03 15.64 17.94
C ASP A 641 3.55 15.33 19.36
N ARG A 642 2.70 15.53 20.38
CA ARG A 642 3.02 15.13 21.75
C ARG A 642 1.81 14.52 22.45
N PRO A 643 2.05 13.50 23.30
CA PRO A 643 0.92 12.99 24.02
C PRO A 643 0.40 13.99 25.03
N VAL A 644 -0.91 13.95 25.23
CA VAL A 644 -1.51 14.47 26.44
C VAL A 644 -2.18 13.30 27.19
N ILE A 645 -1.39 12.52 27.93
CA ILE A 645 -1.94 11.54 28.88
C ILE A 645 -1.90 12.02 30.35
N GLY A 646 -1.70 13.32 30.57
CA GLY A 646 -1.63 13.87 31.91
C GLY A 646 -2.62 14.98 32.25
N SER A 647 -3.14 15.66 31.23
CA SER A 647 -3.87 16.93 31.45
C SER A 647 -5.20 16.76 32.21
N SER A 648 -5.10 16.75 33.54
CA SER A 648 -6.27 16.63 34.44
C SER A 648 -7.06 15.33 34.27
N GLN B 30 -10.43 -40.48 19.84
CA GLN B 30 -9.27 -40.08 19.00
C GLN B 30 -9.41 -40.45 17.51
N ARG B 31 -9.04 -39.52 16.62
CA ARG B 31 -9.04 -39.75 15.18
C ARG B 31 -7.98 -40.78 14.79
N MET B 32 -8.30 -41.63 13.83
CA MET B 32 -7.40 -42.69 13.44
C MET B 32 -7.34 -42.76 11.92
N PHE B 33 -6.13 -42.87 11.39
CA PHE B 33 -5.95 -43.12 9.99
C PHE B 33 -4.95 -44.24 9.83
N GLU B 34 -5.28 -45.27 9.06
CA GLU B 34 -4.37 -46.42 8.98
C GLU B 34 -4.63 -47.24 7.73
N ILE B 35 -3.61 -48.01 7.33
CA ILE B 35 -3.74 -49.02 6.32
C ILE B 35 -4.51 -50.21 6.88
N ASP B 36 -5.48 -50.67 6.10
CA ASP B 36 -6.29 -51.84 6.44
C ASP B 36 -5.75 -52.95 5.60
N TYR B 37 -4.81 -53.66 6.17
CA TYR B 37 -4.19 -54.75 5.45
C TYR B 37 -5.18 -55.91 5.20
N SER B 38 -6.34 -55.94 5.87
CA SER B 38 -7.28 -57.01 5.56
C SER B 38 -8.37 -56.65 4.53
N ARG B 39 -8.40 -55.41 4.03
CA ARG B 39 -9.27 -55.04 2.91
C ARG B 39 -8.53 -54.29 1.80
N ASP B 40 -7.21 -54.34 1.82
CA ASP B 40 -6.39 -53.62 0.83
C ASP B 40 -6.85 -52.17 0.61
N SER B 41 -7.06 -51.46 1.70
CA SER B 41 -7.48 -50.05 1.65
C SER B 41 -6.96 -49.27 2.83
N PHE B 42 -7.46 -48.06 3.03
CA PHE B 42 -7.25 -47.33 4.26
C PHE B 42 -8.52 -47.38 5.10
N LEU B 43 -8.36 -47.14 6.39
CA LEU B 43 -9.48 -46.84 7.27
C LEU B 43 -9.27 -45.48 7.88
N LYS B 44 -10.28 -44.65 7.77
CA LYS B 44 -10.32 -43.37 8.40
C LYS B 44 -11.44 -43.40 9.41
N ASP B 45 -11.09 -43.23 10.67
CA ASP B 45 -11.99 -43.37 11.79
C ASP B 45 -12.82 -44.65 11.69
N GLY B 46 -12.15 -45.78 11.45
CA GLY B 46 -12.82 -47.06 11.30
C GLY B 46 -13.64 -47.29 10.04
N GLN B 47 -13.64 -46.35 9.09
CA GLN B 47 -14.41 -46.52 7.85
C GLN B 47 -13.45 -46.62 6.67
N PRO B 48 -13.75 -47.51 5.68
CA PRO B 48 -13.06 -47.58 4.41
C PRO B 48 -12.85 -46.23 3.77
N PHE B 49 -11.63 -46.03 3.24
CA PHE B 49 -11.29 -44.75 2.65
C PHE B 49 -10.33 -44.94 1.50
N ARG B 50 -10.54 -44.26 0.39
CA ARG B 50 -9.42 -44.09 -0.53
C ARG B 50 -9.41 -42.73 -1.13
N TYR B 51 -8.21 -42.33 -1.48
CA TYR B 51 -8.00 -40.94 -1.77
C TYR B 51 -7.90 -40.73 -3.24
N ILE B 52 -8.43 -39.60 -3.65
CA ILE B 52 -8.29 -39.10 -4.99
C ILE B 52 -7.71 -37.71 -4.76
N SER B 53 -6.43 -37.58 -5.04
CA SER B 53 -5.62 -36.46 -4.61
C SER B 53 -5.07 -35.69 -5.81
N GLY B 54 -4.63 -34.47 -5.58
CA GLY B 54 -3.91 -33.73 -6.62
C GLY B 54 -2.72 -33.05 -6.05
N SER B 55 -1.67 -32.91 -6.86
CA SER B 55 -0.48 -32.21 -6.41
C SER B 55 -0.65 -30.68 -6.59
N ILE B 56 -0.26 -29.97 -5.53
CA ILE B 56 -0.16 -28.52 -5.50
C ILE B 56 1.05 -28.20 -4.64
N HIS B 57 1.97 -27.44 -5.23
CA HIS B 57 3.14 -26.98 -4.50
C HIS B 57 2.99 -25.56 -3.98
N TYR B 58 2.83 -25.42 -2.66
CA TYR B 58 2.65 -24.09 -2.05
C TYR B 58 3.78 -23.11 -2.38
N SER B 59 5.00 -23.62 -2.64
CA SER B 59 6.16 -22.79 -3.01
C SER B 59 6.10 -22.26 -4.47
N ARG B 60 5.12 -22.72 -5.22
CA ARG B 60 4.91 -22.34 -6.62
C ARG B 60 3.61 -21.56 -6.84
N VAL B 61 2.83 -21.38 -5.79
CA VAL B 61 1.64 -20.54 -5.84
C VAL B 61 1.84 -19.45 -4.77
N PRO B 62 1.64 -18.17 -5.14
CA PRO B 62 1.59 -17.18 -4.10
C PRO B 62 0.52 -17.51 -3.08
N ARG B 63 0.81 -17.25 -1.83
CA ARG B 63 -0.14 -17.42 -0.75
C ARG B 63 -1.49 -16.71 -0.92
N PHE B 64 -1.46 -15.53 -1.54
CA PHE B 64 -2.65 -14.83 -2.00
C PHE B 64 -3.64 -15.72 -2.72
N TYR B 65 -3.12 -16.66 -3.50
CA TYR B 65 -3.96 -17.56 -4.24
C TYR B 65 -4.09 -18.98 -3.67
N TRP B 66 -3.52 -19.29 -2.53
CA TRP B 66 -3.62 -20.66 -2.03
C TRP B 66 -5.06 -21.12 -1.91
N LYS B 67 -5.95 -20.30 -1.28
CA LYS B 67 -7.34 -20.66 -1.14
C LYS B 67 -8.10 -20.85 -2.47
N ASP B 68 -7.88 -19.97 -3.44
CA ASP B 68 -8.46 -20.13 -4.79
C ASP B 68 -8.15 -21.49 -5.44
N ARG B 69 -6.88 -21.83 -5.49
CA ARG B 69 -6.43 -23.09 -6.11
C ARG B 69 -6.96 -24.30 -5.30
N LEU B 70 -6.88 -24.23 -3.98
CA LEU B 70 -7.37 -25.33 -3.11
C LEU B 70 -8.88 -25.55 -3.26
N LEU B 71 -9.66 -24.48 -3.22
CA LEU B 71 -11.10 -24.60 -3.42
C LEU B 71 -11.46 -25.15 -4.83
N LYS B 72 -10.71 -24.75 -5.85
CA LYS B 72 -10.93 -25.29 -7.20
C LYS B 72 -10.65 -26.81 -7.21
N MET B 73 -9.68 -27.20 -6.39
CA MET B 73 -9.28 -28.62 -6.32
C MET B 73 -10.38 -29.47 -5.69
N LYS B 74 -10.88 -28.99 -4.57
CA LYS B 74 -12.03 -29.56 -3.89
C LYS B 74 -13.24 -29.63 -4.80
N MET B 75 -13.44 -28.57 -5.59
CA MET B 75 -14.61 -28.51 -6.43
C MET B 75 -14.49 -29.51 -7.58
N ALA B 76 -13.28 -29.96 -7.93
CA ALA B 76 -13.10 -31.04 -8.89
C ALA B 76 -13.48 -32.42 -8.32
N GLY B 77 -13.71 -32.53 -7.02
CA GLY B 77 -13.97 -33.85 -6.38
C GLY B 77 -12.80 -34.51 -5.72
N LEU B 78 -11.65 -33.87 -5.75
CA LEU B 78 -10.52 -34.35 -4.91
C LEU B 78 -10.86 -34.33 -3.44
N ASN B 79 -10.45 -35.36 -2.71
CA ASN B 79 -10.60 -35.34 -1.27
C ASN B 79 -9.32 -35.19 -0.49
N ALA B 80 -8.21 -35.11 -1.20
CA ALA B 80 -6.94 -34.77 -0.60
C ALA B 80 -6.12 -34.00 -1.60
N ILE B 81 -5.09 -33.34 -1.08
CA ILE B 81 -4.03 -32.74 -1.87
C ILE B 81 -2.70 -33.37 -1.41
N GLN B 82 -1.72 -33.28 -2.29
CA GLN B 82 -0.40 -33.77 -2.04
C GLN B 82 0.49 -32.58 -2.32
N THR B 83 1.53 -32.43 -1.47
CA THR B 83 2.53 -31.36 -1.60
C THR B 83 3.91 -31.76 -1.12
N TYR B 84 4.91 -31.07 -1.66
CA TYR B 84 6.31 -31.19 -1.25
C TYR B 84 6.72 -30.03 -0.32
N VAL B 85 7.58 -30.36 0.63
CA VAL B 85 8.25 -29.35 1.44
C VAL B 85 9.68 -29.15 0.94
N PRO B 86 9.95 -28.06 0.19
CA PRO B 86 11.29 -27.90 -0.26
C PRO B 86 12.17 -27.33 0.84
N TRP B 87 13.13 -28.15 1.32
CA TRP B 87 14.06 -27.77 2.42
C TRP B 87 14.78 -26.42 2.15
N ASN B 88 15.27 -26.25 0.94
CA ASN B 88 16.01 -25.02 0.60
C ASN B 88 15.11 -23.78 0.55
N PHE B 89 13.81 -24.00 0.48
CA PHE B 89 12.80 -22.95 0.57
C PHE B 89 12.55 -22.46 2.01
N HIS B 90 12.84 -23.31 3.02
CA HIS B 90 12.69 -22.98 4.40
C HIS B 90 13.99 -22.78 5.21
N GLU B 91 15.10 -23.40 4.79
CA GLU B 91 16.39 -23.19 5.43
C GLU B 91 17.44 -22.64 4.48
N PRO B 92 17.31 -21.35 4.13
CA PRO B 92 18.31 -20.73 3.26
C PRO B 92 19.75 -20.81 3.80
N TRP B 93 19.95 -20.67 5.13
CA TRP B 93 21.27 -20.88 5.76
C TRP B 93 21.14 -21.72 7.04
N PRO B 94 22.18 -22.46 7.38
CA PRO B 94 21.98 -23.35 8.54
C PRO B 94 21.48 -22.58 9.77
N GLY B 95 20.33 -22.98 10.33
CA GLY B 95 19.81 -22.30 11.51
C GLY B 95 19.05 -21.01 11.21
N GLN B 96 18.84 -20.73 9.93
CA GLN B 96 18.11 -19.58 9.54
C GLN B 96 16.87 -20.01 8.76
N TYR B 97 15.67 -19.77 9.32
CA TYR B 97 14.44 -20.42 8.84
C TYR B 97 13.40 -19.43 8.24
N GLN B 98 12.73 -19.83 7.17
CA GLN B 98 11.63 -19.03 6.58
C GLN B 98 10.34 -19.86 6.67
N PHE B 99 9.43 -19.43 7.52
CA PHE B 99 8.14 -20.11 7.64
C PHE B 99 6.96 -19.12 7.64
N SER B 100 7.19 -17.95 7.05
CA SER B 100 6.20 -16.86 7.06
C SER B 100 5.74 -16.48 5.66
N GLU B 101 4.53 -15.94 5.56
CA GLU B 101 3.97 -15.45 4.35
C GLU B 101 4.00 -16.51 3.29
N ASP B 102 4.68 -16.32 2.16
CA ASP B 102 4.69 -17.37 1.12
C ASP B 102 5.42 -18.67 1.55
N HIS B 103 6.08 -18.66 2.70
CA HIS B 103 6.81 -19.80 3.19
C HIS B 103 6.05 -20.54 4.32
N ASP B 104 4.82 -20.12 4.61
CA ASP B 104 4.07 -20.65 5.76
C ASP B 104 3.37 -21.91 5.42
N VAL B 105 4.11 -23.00 5.43
CA VAL B 105 3.57 -24.30 5.14
C VAL B 105 2.55 -24.74 6.17
N GLU B 106 2.76 -24.37 7.45
CA GLU B 106 1.77 -24.67 8.50
C GLU B 106 0.40 -24.10 8.13
N TYR B 107 0.39 -22.86 7.66
CA TYR B 107 -0.86 -22.18 7.26
C TYR B 107 -1.49 -22.82 6.04
N PHE B 108 -0.67 -23.17 5.05
CA PHE B 108 -1.13 -23.89 3.89
C PHE B 108 -1.88 -25.14 4.28
N LEU B 109 -1.28 -25.93 5.15
CA LEU B 109 -1.88 -27.19 5.61
C LEU B 109 -3.17 -26.91 6.36
N ARG B 110 -3.17 -25.83 7.18
CA ARG B 110 -4.39 -25.42 7.90
CA ARG B 110 -4.36 -25.37 7.92
C ARG B 110 -5.50 -25.02 6.95
N LEU B 111 -5.13 -24.33 5.89
CA LEU B 111 -6.09 -23.91 4.88
C LEU B 111 -6.69 -25.11 4.18
N ALA B 112 -5.87 -26.06 3.77
CA ALA B 112 -6.43 -27.27 3.15
C ALA B 112 -7.45 -27.97 4.06
N HIS B 113 -7.09 -28.07 5.33
CA HIS B 113 -7.92 -28.72 6.35
C HIS B 113 -9.30 -27.98 6.54
N GLU B 114 -9.26 -26.66 6.66
CA GLU B 114 -10.48 -25.87 6.79
C GLU B 114 -11.41 -26.03 5.61
N LEU B 115 -10.84 -26.38 4.47
CA LEU B 115 -11.63 -26.69 3.26
C LEU B 115 -12.07 -28.14 3.21
N GLY B 116 -11.73 -28.94 4.24
CA GLY B 116 -12.15 -30.34 4.24
C GLY B 116 -11.33 -31.24 3.34
N LEU B 117 -10.12 -30.83 3.03
CA LEU B 117 -9.17 -31.64 2.28
C LEU B 117 -8.16 -32.23 3.21
N LEU B 118 -7.86 -33.49 2.96
CA LEU B 118 -6.81 -34.19 3.70
C LEU B 118 -5.52 -33.89 2.97
N VAL B 119 -4.39 -34.14 3.62
CA VAL B 119 -3.07 -33.91 3.00
C VAL B 119 -2.15 -35.15 3.00
N ILE B 120 -1.51 -35.36 1.86
CA ILE B 120 -0.41 -36.29 1.73
C ILE B 120 0.81 -35.41 1.67
N LEU B 121 1.64 -35.54 2.69
CA LEU B 121 2.81 -34.66 2.89
C LEU B 121 4.04 -35.37 2.41
N ARG B 122 4.79 -34.69 1.56
CA ARG B 122 6.09 -35.18 1.02
C ARG B 122 7.28 -34.26 1.36
N PRO B 123 7.85 -34.46 2.55
CA PRO B 123 8.87 -33.55 3.08
C PRO B 123 10.35 -33.93 2.77
N GLY B 124 10.58 -34.92 1.90
CA GLY B 124 11.91 -35.15 1.42
C GLY B 124 12.73 -36.03 2.37
N PRO B 125 13.97 -35.61 2.72
CA PRO B 125 14.54 -34.26 2.51
C PRO B 125 14.84 -33.89 1.08
N TYR B 126 14.93 -34.88 0.19
CA TYR B 126 15.04 -34.64 -1.26
C TYR B 126 13.67 -34.85 -1.86
N ILE B 127 13.25 -33.91 -2.72
CA ILE B 127 11.94 -34.00 -3.40
C ILE B 127 11.93 -34.04 -4.96
N CYS B 128 13.10 -33.88 -5.61
CA CYS B 128 13.24 -33.87 -7.08
C CYS B 128 12.46 -32.66 -7.63
N ALA B 129 11.24 -32.89 -8.13
CA ALA B 129 10.25 -31.85 -8.26
C ALA B 129 10.57 -30.75 -9.29
N GLU B 130 11.59 -30.95 -10.14
CA GLU B 130 12.00 -29.87 -11.11
C GLU B 130 12.31 -28.56 -10.36
N TRP B 131 12.84 -28.74 -9.17
CA TRP B 131 13.09 -27.67 -8.25
C TRP B 131 14.59 -27.66 -7.98
N GLU B 132 15.16 -26.46 -7.79
CA GLU B 132 16.60 -26.31 -7.52
C GLU B 132 17.21 -27.40 -6.65
N MET B 133 18.15 -28.15 -7.20
CA MET B 133 18.86 -29.23 -6.45
C MET B 133 17.94 -30.20 -5.76
N GLY B 134 16.74 -30.38 -6.32
CA GLY B 134 15.78 -31.27 -5.73
C GLY B 134 15.36 -30.95 -4.32
N GLY B 135 15.37 -29.67 -3.96
CA GLY B 135 15.03 -29.27 -2.57
C GLY B 135 16.19 -29.17 -1.60
N LEU B 136 17.28 -29.82 -1.93
CA LEU B 136 18.43 -29.84 -1.04
C LEU B 136 19.14 -28.48 -1.02
N PRO B 137 19.49 -27.98 0.21
CA PRO B 137 20.12 -26.66 0.30
C PRO B 137 21.57 -26.73 -0.22
N ALA B 138 21.93 -25.65 -0.94
CA ALA B 138 23.24 -25.58 -1.60
C ALA B 138 24.36 -25.59 -0.61
N TRP B 139 24.12 -25.00 0.57
CA TRP B 139 25.16 -24.95 1.59
C TRP B 139 25.61 -26.34 2.08
N LEU B 140 24.87 -27.39 1.77
CA LEU B 140 25.38 -28.76 2.02
C LEU B 140 26.70 -29.00 1.30
N LEU B 141 26.82 -28.40 0.12
CA LEU B 141 28.05 -28.52 -0.72
C LEU B 141 29.32 -27.85 -0.19
N GLU B 142 29.22 -27.11 0.92
CA GLU B 142 30.37 -26.58 1.59
C GLU B 142 31.25 -27.74 2.02
N LYS B 143 30.67 -28.92 2.22
CA LYS B 143 31.52 -30.10 2.22
C LYS B 143 31.64 -30.57 0.76
N GLU B 144 32.75 -30.18 0.12
CA GLU B 144 33.00 -30.48 -1.30
C GLU B 144 32.72 -31.92 -1.71
N SER B 145 33.13 -32.86 -0.86
CA SER B 145 33.07 -34.29 -1.17
C SER B 145 31.82 -35.01 -0.67
N ILE B 146 30.85 -34.27 -0.15
CA ILE B 146 29.64 -34.86 0.40
C ILE B 146 28.90 -35.72 -0.61
N LEU B 147 28.45 -36.89 -0.17
CA LEU B 147 27.57 -37.71 -0.94
C LEU B 147 26.13 -37.50 -0.47
N LEU B 148 25.40 -36.74 -1.26
CA LEU B 148 24.03 -36.42 -0.96
C LEU B 148 23.22 -37.70 -0.99
N ARG B 149 22.13 -37.69 -0.25
CA ARG B 149 21.20 -38.79 -0.19
C ARG B 149 21.89 -40.14 0.19
N SER B 150 22.63 -40.14 1.27
CA SER B 150 23.29 -41.39 1.74
C SER B 150 23.59 -41.23 3.23
N SER B 151 24.29 -42.21 3.82
CA SER B 151 24.66 -42.12 5.26
C SER B 151 25.94 -41.34 5.54
N ASP B 152 26.43 -40.58 4.56
CA ASP B 152 27.48 -39.58 4.78
C ASP B 152 27.15 -38.81 6.06
N PRO B 153 28.04 -38.84 7.06
CA PRO B 153 27.59 -38.34 8.35
C PRO B 153 27.26 -36.82 8.38
N ASP B 154 27.92 -36.05 7.56
CA ASP B 154 27.64 -34.61 7.50
C ASP B 154 26.26 -34.41 6.86
N TYR B 155 25.92 -35.21 5.86
CA TYR B 155 24.61 -35.17 5.27
C TYR B 155 23.50 -35.58 6.24
N LEU B 156 23.69 -36.71 6.90
CA LEU B 156 22.73 -37.15 7.93
C LEU B 156 22.63 -36.11 9.06
N ALA B 157 23.73 -35.50 9.43
CA ALA B 157 23.65 -34.53 10.50
C ALA B 157 22.82 -33.33 10.11
N ALA B 158 22.97 -32.86 8.88
CA ALA B 158 22.23 -31.67 8.44
C ALA B 158 20.74 -32.08 8.32
N VAL B 159 20.46 -33.27 7.74
CA VAL B 159 19.10 -33.75 7.69
C VAL B 159 18.45 -33.83 9.06
N ASP B 160 19.16 -34.43 10.03
CA ASP B 160 18.59 -34.59 11.35
C ASP B 160 18.15 -33.24 11.91
N LYS B 161 18.96 -32.22 11.72
CA LYS B 161 18.69 -30.95 12.35
C LYS B 161 17.45 -30.30 11.67
N TRP B 162 17.32 -30.45 10.35
CA TRP B 162 16.13 -30.02 9.63
C TRP B 162 14.86 -30.71 10.06
N LEU B 163 14.89 -32.03 10.18
CA LEU B 163 13.75 -32.78 10.64
C LEU B 163 13.38 -32.36 12.04
N GLY B 164 14.36 -32.07 12.89
CA GLY B 164 14.10 -31.58 14.28
C GLY B 164 13.44 -30.21 14.38
N VAL B 165 13.42 -29.50 13.25
CA VAL B 165 12.71 -28.17 13.15
C VAL B 165 11.39 -28.39 12.46
N LEU B 166 11.38 -29.09 11.31
CA LEU B 166 10.18 -29.27 10.50
C LEU B 166 9.18 -30.24 11.10
N LEU B 167 9.63 -31.42 11.49
CA LEU B 167 8.69 -32.45 11.92
C LEU B 167 7.83 -32.11 13.16
N PRO B 168 8.40 -31.51 14.20
CA PRO B 168 7.49 -31.09 15.29
C PRO B 168 6.43 -30.07 14.88
N LYS B 169 6.70 -29.22 13.89
CA LYS B 169 5.65 -28.35 13.42
C LYS B 169 4.54 -29.15 12.73
N MET B 170 4.93 -30.22 12.02
CA MET B 170 3.96 -31.08 11.31
C MET B 170 3.20 -32.01 12.26
N LYS B 171 3.73 -32.26 13.45
CA LYS B 171 3.11 -33.26 14.36
C LYS B 171 1.65 -32.92 14.68
N PRO B 172 1.36 -31.67 15.10
CA PRO B 172 -0.04 -31.30 15.35
C PRO B 172 -0.93 -31.26 14.09
N LEU B 173 -0.34 -31.28 12.90
CA LEU B 173 -1.13 -31.34 11.67
C LEU B 173 -1.45 -32.78 11.21
N LEU B 174 -0.94 -33.78 11.90
CA LEU B 174 -1.30 -35.16 11.64
C LEU B 174 -2.77 -35.38 11.93
N TYR B 175 -3.38 -36.26 11.15
CA TYR B 175 -4.81 -36.60 11.28
C TYR B 175 -5.18 -37.03 12.68
N GLN B 176 -4.36 -37.90 13.26
CA GLN B 176 -4.51 -38.37 14.64
C GLN B 176 -4.59 -37.20 15.66
N ASN B 177 -3.95 -36.09 15.32
CA ASN B 177 -3.86 -34.96 16.27
C ASN B 177 -4.79 -33.80 15.91
N GLY B 178 -5.70 -34.03 14.96
CA GLY B 178 -6.71 -33.05 14.59
C GLY B 178 -6.42 -32.30 13.32
N GLY B 179 -5.31 -32.58 12.66
CA GLY B 179 -5.00 -31.91 11.37
C GLY B 179 -5.34 -32.79 10.14
N PRO B 180 -4.92 -32.35 8.94
CA PRO B 180 -5.27 -32.98 7.66
C PRO B 180 -4.37 -34.11 7.18
N VAL B 181 -3.17 -34.23 7.74
CA VAL B 181 -2.09 -35.06 7.16
C VAL B 181 -2.27 -36.51 7.49
N ILE B 182 -2.59 -37.26 6.45
CA ILE B 182 -2.93 -38.65 6.54
C ILE B 182 -1.77 -39.59 6.29
N THR B 183 -0.84 -39.21 5.42
CA THR B 183 0.29 -40.05 5.09
C THR B 183 1.46 -39.12 4.82
N VAL B 184 2.63 -39.67 5.04
CA VAL B 184 3.86 -38.96 4.88
C VAL B 184 4.87 -39.78 4.10
N GLN B 185 5.37 -39.20 3.00
CA GLN B 185 6.39 -39.82 2.18
C GLN B 185 7.83 -39.63 2.74
N VAL B 186 8.62 -40.67 2.68
CA VAL B 186 10.02 -40.61 3.07
C VAL B 186 10.90 -40.60 1.82
N GLU B 187 11.75 -39.59 1.70
CA GLU B 187 12.60 -39.46 0.55
C GLU B 187 11.70 -39.32 -0.69
N ASN B 188 12.26 -39.53 -1.87
CA ASN B 188 11.52 -39.43 -3.13
C ASN B 188 12.22 -40.22 -4.20
N GLU B 189 11.62 -41.35 -4.57
CA GLU B 189 12.12 -42.23 -5.66
C GLU B 189 13.53 -42.62 -5.43
N TYR B 190 13.85 -42.98 -4.18
CA TYR B 190 15.24 -43.30 -3.85
C TYR B 190 15.80 -44.44 -4.70
N GLY B 191 14.91 -45.26 -5.23
CA GLY B 191 15.33 -46.39 -6.02
C GLY B 191 15.87 -45.96 -7.36
N SER B 192 15.64 -44.70 -7.75
CA SER B 192 16.20 -44.18 -9.00
C SER B 192 17.63 -43.61 -8.87
N TYR B 193 18.13 -43.46 -7.66
CA TYR B 193 19.47 -42.92 -7.36
C TYR B 193 20.50 -44.05 -7.27
N PHE B 194 21.77 -43.75 -7.54
CA PHE B 194 22.81 -44.77 -7.58
C PHE B 194 23.19 -45.38 -6.22
N ALA B 195 23.13 -44.57 -5.16
CA ALA B 195 23.79 -44.91 -3.89
C ALA B 195 23.32 -46.20 -3.29
N CYS B 196 22.01 -46.39 -3.25
CA CYS B 196 21.37 -47.58 -2.71
C CYS B 196 21.82 -47.82 -1.28
N ASP B 197 21.74 -46.76 -0.48
CA ASP B 197 22.11 -46.80 0.91
C ASP B 197 20.90 -47.00 1.83
N PHE B 198 20.66 -48.26 2.22
CA PHE B 198 19.53 -48.58 3.09
C PHE B 198 19.72 -48.08 4.51
N ASP B 199 20.96 -47.82 4.92
CA ASP B 199 21.19 -47.24 6.21
C ASP B 199 20.58 -45.81 6.24
N TYR B 200 20.66 -45.10 5.12
CA TYR B 200 20.01 -43.75 5.03
C TYR B 200 18.49 -43.82 5.16
N LEU B 201 17.89 -44.70 4.42
CA LEU B 201 16.45 -44.89 4.54
C LEU B 201 16.04 -45.34 5.94
N ARG B 202 16.77 -46.27 6.55
CA ARG B 202 16.49 -46.64 7.95
C ARG B 202 16.67 -45.46 8.91
N PHE B 203 17.64 -44.61 8.67
CA PHE B 203 17.74 -43.43 9.51
C PHE B 203 16.53 -42.49 9.42
N LEU B 204 16.04 -42.28 8.19
CA LEU B 204 14.92 -41.38 7.97
C LEU B 204 13.69 -41.95 8.66
N GLN B 205 13.46 -43.23 8.46
CA GLN B 205 12.37 -43.93 9.12
C GLN B 205 12.39 -43.69 10.63
N LYS B 206 13.55 -43.88 11.25
CA LYS B 206 13.71 -43.73 12.69
C LYS B 206 13.47 -42.29 13.13
N ARG B 207 13.97 -41.31 12.39
CA ARG B 207 13.79 -39.93 12.83
C ARG B 207 12.35 -39.49 12.62
N PHE B 208 11.76 -39.93 11.53
CA PHE B 208 10.36 -39.56 11.21
C PHE B 208 9.49 -40.12 12.32
N ARG B 209 9.69 -41.40 12.63
CA ARG B 209 9.01 -42.03 13.76
C ARG B 209 9.20 -41.31 15.11
N HIS B 210 10.41 -40.89 15.41
CA HIS B 210 10.71 -40.16 16.65
C HIS B 210 9.87 -38.87 16.79
N HIS B 211 9.71 -38.14 15.69
CA HIS B 211 9.10 -36.79 15.76
C HIS B 211 7.61 -36.87 15.54
N LEU B 212 7.20 -37.82 14.70
CA LEU B 212 5.78 -37.91 14.34
C LEU B 212 5.03 -39.01 15.09
N GLY B 213 5.76 -39.96 15.69
CA GLY B 213 5.14 -41.03 16.50
C GLY B 213 4.92 -42.26 15.68
N ASP B 214 4.30 -43.28 16.28
CA ASP B 214 4.22 -44.61 15.69
C ASP B 214 3.02 -44.90 14.83
N ASP B 215 2.01 -44.04 14.83
CA ASP B 215 0.82 -44.40 14.06
C ASP B 215 0.82 -43.84 12.65
N VAL B 216 1.57 -42.77 12.43
CA VAL B 216 1.48 -42.05 11.14
C VAL B 216 1.88 -43.01 10.04
N VAL B 217 1.09 -43.08 8.96
CA VAL B 217 1.45 -43.88 7.83
C VAL B 217 2.66 -43.26 7.06
N LEU B 218 3.76 -44.02 6.99
CA LEU B 218 4.95 -43.59 6.23
C LEU B 218 5.05 -44.44 5.00
N PHE B 219 5.39 -43.81 3.88
CA PHE B 219 5.46 -44.49 2.57
C PHE B 219 6.56 -43.96 1.70
N THR B 220 6.86 -44.76 0.68
CA THR B 220 7.82 -44.46 -0.32
C THR B 220 7.17 -44.51 -1.67
N THR B 221 7.83 -43.86 -2.62
CA THR B 221 7.35 -43.80 -3.99
C THR B 221 8.50 -44.08 -4.91
N ASP B 222 8.26 -44.98 -5.86
CA ASP B 222 9.22 -45.35 -6.86
C ASP B 222 8.61 -45.66 -8.21
N GLY B 223 9.45 -45.64 -9.25
CA GLY B 223 9.07 -46.15 -10.57
C GLY B 223 8.46 -47.54 -10.43
N ALA B 224 7.51 -47.88 -11.31
CA ALA B 224 6.69 -49.11 -11.17
C ALA B 224 7.37 -50.29 -11.86
N HIS B 225 8.49 -50.71 -11.29
CA HIS B 225 9.34 -51.75 -11.88
C HIS B 225 10.30 -52.24 -10.84
N LYS B 226 10.53 -53.54 -10.83
CA LYS B 226 11.37 -54.15 -9.81
C LYS B 226 12.72 -53.51 -9.72
N THR B 227 13.26 -53.05 -10.85
CA THR B 227 14.56 -52.38 -10.85
C THR B 227 14.61 -51.03 -10.09
N PHE B 228 13.48 -50.33 -9.98
CA PHE B 228 13.43 -49.13 -9.13
C PHE B 228 13.07 -49.46 -7.69
N LEU B 229 12.33 -50.55 -7.47
CA LEU B 229 11.80 -50.88 -6.15
C LEU B 229 12.86 -51.58 -5.30
N LYS B 230 13.78 -52.25 -5.96
CA LYS B 230 14.92 -52.86 -5.29
C LYS B 230 15.55 -51.96 -4.21
N CYS B 231 15.99 -50.77 -4.64
CA CYS B 231 16.71 -49.84 -3.77
C CYS B 231 15.85 -48.79 -3.06
N GLY B 232 14.59 -48.66 -3.47
CA GLY B 232 13.71 -47.61 -2.98
C GLY B 232 12.81 -48.04 -1.86
N ALA B 233 12.43 -49.32 -1.90
CA ALA B 233 11.54 -49.91 -0.88
C ALA B 233 12.25 -50.29 0.42
N LEU B 234 11.49 -50.23 1.52
CA LEU B 234 12.01 -50.56 2.84
C LEU B 234 10.90 -51.14 3.74
N GLN B 235 11.27 -52.16 4.51
CA GLN B 235 10.46 -52.70 5.59
C GLN B 235 10.00 -51.59 6.56
N GLY B 236 8.71 -51.57 6.88
CA GLY B 236 8.16 -50.53 7.73
C GLY B 236 7.77 -49.22 7.03
N LEU B 237 8.14 -49.05 5.76
CA LEU B 237 7.65 -47.96 4.91
C LEU B 237 6.78 -48.60 3.83
N TYR B 238 5.50 -48.24 3.76
CA TYR B 238 4.65 -48.75 2.70
C TYR B 238 5.09 -48.34 1.29
N THR B 239 5.19 -49.32 0.40
CA THR B 239 5.69 -49.08 -0.94
C THR B 239 4.60 -48.67 -1.88
N THR B 240 4.74 -47.51 -2.53
CA THR B 240 3.86 -47.10 -3.60
C THR B 240 4.67 -46.86 -4.88
N VAL B 241 3.96 -46.75 -6.00
CA VAL B 241 4.60 -46.55 -7.27
C VAL B 241 4.00 -45.30 -7.95
N ASP B 242 4.65 -44.87 -9.02
CA ASP B 242 4.09 -43.88 -9.89
C ASP B 242 4.17 -44.32 -11.35
N PHE B 243 3.27 -43.77 -12.17
CA PHE B 243 3.27 -44.00 -13.60
C PHE B 243 2.22 -43.11 -14.19
N GLY B 244 2.31 -42.89 -15.51
CA GLY B 244 1.45 -41.99 -16.24
C GLY B 244 0.64 -42.75 -17.27
N THR B 245 0.12 -42.02 -18.25
CA THR B 245 -0.80 -42.54 -19.26
C THR B 245 -0.12 -43.53 -20.23
N GLY B 246 1.19 -43.53 -20.30
CA GLY B 246 1.85 -44.41 -21.24
C GLY B 246 2.11 -45.80 -20.70
N SER B 247 1.71 -46.07 -19.45
CA SER B 247 2.10 -47.31 -18.79
C SER B 247 0.95 -48.30 -18.72
N ASN B 248 1.28 -49.59 -18.74
CA ASN B 248 0.27 -50.63 -18.54
C ASN B 248 -0.09 -50.68 -17.08
N ILE B 249 -1.35 -50.40 -16.75
CA ILE B 249 -1.74 -50.23 -15.37
C ILE B 249 -1.60 -51.53 -14.54
N THR B 250 -1.99 -52.63 -15.14
CA THR B 250 -1.98 -53.92 -14.46
C THR B 250 -0.59 -54.31 -14.08
N ASP B 251 0.35 -54.13 -15.02
CA ASP B 251 1.77 -54.37 -14.74
C ASP B 251 2.34 -53.42 -13.70
N ALA B 252 1.88 -52.17 -13.68
CA ALA B 252 2.39 -51.19 -12.72
C ALA B 252 1.95 -51.62 -11.34
N PHE B 253 0.66 -51.92 -11.16
CA PHE B 253 0.16 -52.36 -9.86
C PHE B 253 0.64 -53.77 -9.50
N LEU B 254 0.87 -54.65 -10.46
CA LEU B 254 1.58 -55.93 -10.12
C LEU B 254 2.95 -55.70 -9.51
N SER B 255 3.70 -54.69 -9.98
CA SER B 255 5.00 -54.43 -9.35
C SER B 255 4.82 -53.90 -7.92
N GLN B 256 3.74 -53.16 -7.66
CA GLN B 256 3.50 -52.68 -6.30
C GLN B 256 3.10 -53.88 -5.43
N ARG B 257 2.25 -54.74 -5.99
CA ARG B 257 1.71 -55.86 -5.22
C ARG B 257 2.75 -56.83 -4.76
N LYS B 258 3.80 -56.95 -5.54
CA LYS B 258 4.95 -57.81 -5.22
C LYS B 258 5.66 -57.30 -3.95
N CYS B 259 5.76 -55.99 -3.75
CA CYS B 259 6.34 -55.44 -2.48
C CYS B 259 5.35 -55.35 -1.34
N GLU B 260 4.06 -55.16 -1.67
CA GLU B 260 3.01 -55.04 -0.66
C GLU B 260 1.86 -55.99 -1.04
N PRO B 261 1.97 -57.25 -0.63
CA PRO B 261 0.93 -58.24 -0.89
C PRO B 261 -0.45 -57.84 -0.37
N LYS B 262 -0.48 -57.06 0.72
CA LYS B 262 -1.72 -56.51 1.24
C LYS B 262 -1.61 -55.01 1.48
N GLY B 263 -2.76 -54.36 1.41
CA GLY B 263 -2.88 -52.93 1.57
C GLY B 263 -3.33 -52.33 0.24
N PRO B 264 -3.52 -51.01 0.23
CA PRO B 264 -4.05 -50.36 -0.97
C PRO B 264 -3.08 -50.33 -2.14
N LEU B 265 -3.63 -50.36 -3.34
CA LEU B 265 -2.92 -49.93 -4.53
C LEU B 265 -2.88 -48.38 -4.52
N ILE B 266 -1.69 -47.82 -4.74
CA ILE B 266 -1.49 -46.39 -4.73
C ILE B 266 -0.57 -45.99 -5.87
N ASN B 267 -1.05 -45.08 -6.71
CA ASN B 267 -0.19 -44.41 -7.67
C ASN B 267 -0.02 -42.98 -7.14
N SER B 268 1.18 -42.66 -6.65
CA SER B 268 1.45 -41.42 -5.91
C SER B 268 1.73 -40.24 -6.85
N GLU B 269 1.95 -40.53 -8.12
CA GLU B 269 2.16 -39.52 -9.14
C GLU B 269 1.65 -40.04 -10.50
N PHE B 270 0.37 -39.78 -10.75
CA PHE B 270 -0.26 -40.06 -11.99
C PHE B 270 -0.11 -38.81 -12.88
N TYR B 271 0.70 -38.90 -13.91
CA TYR B 271 1.10 -37.68 -14.64
C TYR B 271 0.02 -37.15 -15.53
N THR B 272 -0.45 -35.94 -15.23
CA THR B 272 -1.53 -35.30 -15.97
C THR B 272 -1.04 -34.48 -17.18
N GLY B 273 0.28 -34.26 -17.20
CA GLY B 273 0.98 -33.48 -18.19
C GLY B 273 2.46 -33.81 -18.03
N TRP B 274 3.33 -32.88 -18.36
CA TRP B 274 4.78 -33.11 -18.23
C TRP B 274 5.66 -31.84 -18.34
N LEU B 275 6.89 -31.94 -17.82
CA LEU B 275 7.80 -30.81 -17.67
C LEU B 275 8.37 -30.27 -18.97
N ASP B 276 8.95 -29.09 -18.86
CA ASP B 276 9.55 -28.40 -20.01
C ASP B 276 11.04 -28.21 -19.82
N HIS B 277 11.73 -27.99 -20.93
CA HIS B 277 13.05 -27.39 -20.90
C HIS B 277 13.03 -26.22 -21.86
N TRP B 278 13.85 -25.23 -21.58
CA TRP B 278 13.98 -24.13 -22.52
C TRP B 278 14.38 -24.72 -23.84
N GLY B 279 13.83 -24.20 -24.94
CA GLY B 279 14.30 -24.54 -26.28
C GLY B 279 13.62 -25.74 -26.89
N GLN B 280 12.69 -26.35 -26.15
CA GLN B 280 11.97 -27.54 -26.58
C GLN B 280 10.54 -27.17 -26.50
N PRO B 281 9.70 -27.67 -27.42
CA PRO B 281 8.29 -27.29 -27.35
C PRO B 281 7.64 -27.70 -26.03
N HIS B 282 6.58 -27.00 -25.69
CA HIS B 282 5.93 -27.17 -24.41
C HIS B 282 5.22 -28.50 -24.44
N SER B 283 5.45 -29.31 -23.38
CA SER B 283 4.85 -30.64 -23.23
C SER B 283 3.35 -30.57 -22.85
N THR B 284 2.58 -31.46 -23.49
CA THR B 284 1.12 -31.60 -23.28
C THR B 284 0.75 -33.08 -23.32
N ILE B 285 -0.32 -33.42 -22.63
CA ILE B 285 -0.89 -34.74 -22.74
C ILE B 285 -2.37 -34.47 -22.99
N LYS B 286 -2.94 -35.19 -23.95
CA LYS B 286 -4.34 -34.99 -24.29
C LYS B 286 -5.27 -35.40 -23.16
N THR B 287 -6.34 -34.65 -23.04
CA THR B 287 -7.30 -34.82 -21.98
C THR B 287 -7.86 -36.23 -21.90
N GLU B 288 -8.18 -36.78 -23.08
CA GLU B 288 -8.78 -38.10 -23.24
C GLU B 288 -7.92 -39.20 -22.64
N ALA B 289 -6.62 -39.08 -22.89
CA ALA B 289 -5.61 -39.99 -22.36
C ALA B 289 -5.55 -39.96 -20.84
N VAL B 290 -5.55 -38.75 -20.28
CA VAL B 290 -5.52 -38.64 -18.83
C VAL B 290 -6.81 -39.20 -18.22
N ALA B 291 -7.96 -38.76 -18.74
CA ALA B 291 -9.26 -39.14 -18.19
C ALA B 291 -9.52 -40.64 -18.22
N SER B 292 -9.23 -41.25 -19.35
CA SER B 292 -9.31 -42.68 -19.49
C SER B 292 -8.40 -43.46 -18.52
N SER B 293 -7.12 -43.08 -18.40
CA SER B 293 -6.26 -43.80 -17.47
C SER B 293 -6.73 -43.55 -16.01
N LEU B 294 -7.17 -42.33 -15.71
CA LEU B 294 -7.70 -42.05 -14.35
C LEU B 294 -8.89 -42.95 -14.07
N TYR B 295 -9.82 -43.04 -15.00
CA TYR B 295 -10.95 -43.94 -14.80
C TYR B 295 -10.44 -45.35 -14.43
N ASP B 296 -9.47 -45.85 -15.21
CA ASP B 296 -9.01 -47.26 -15.02
C ASP B 296 -8.37 -47.47 -13.64
N ILE B 297 -7.58 -46.50 -13.24
CA ILE B 297 -6.94 -46.53 -11.92
C ILE B 297 -8.02 -46.54 -10.89
N LEU B 298 -8.95 -45.59 -10.98
CA LEU B 298 -10.03 -45.53 -9.96
C LEU B 298 -10.89 -46.79 -9.91
N ALA B 299 -11.17 -47.35 -11.09
CA ALA B 299 -11.95 -48.59 -11.17
C ALA B 299 -11.25 -49.75 -10.48
N ARG B 300 -9.95 -49.69 -10.28
CA ARG B 300 -9.21 -50.73 -9.58
C ARG B 300 -9.29 -50.63 -8.07
N GLY B 301 -9.96 -49.59 -7.58
CA GLY B 301 -10.02 -49.31 -6.15
C GLY B 301 -8.73 -48.68 -5.63
N ALA B 302 -7.85 -48.24 -6.52
CA ALA B 302 -6.58 -47.60 -6.08
C ALA B 302 -6.82 -46.22 -5.51
N SER B 303 -6.01 -45.82 -4.53
CA SER B 303 -5.81 -44.40 -4.22
C SER B 303 -4.88 -43.81 -5.28
N VAL B 304 -5.10 -42.54 -5.62
CA VAL B 304 -4.28 -41.95 -6.64
C VAL B 304 -4.05 -40.47 -6.39
N ASN B 305 -2.86 -40.02 -6.78
CA ASN B 305 -2.56 -38.62 -6.85
C ASN B 305 -2.14 -38.13 -8.24
N LEU B 306 -2.85 -37.09 -8.66
CA LEU B 306 -2.57 -36.39 -9.94
C LEU B 306 -1.42 -35.37 -9.85
N TYR B 307 -0.34 -35.67 -10.55
CA TYR B 307 0.87 -34.86 -10.58
C TYR B 307 0.99 -34.23 -11.99
N MET B 308 0.81 -32.92 -12.17
CA MET B 308 0.36 -31.96 -11.18
C MET B 308 -1.12 -31.73 -11.35
N PHE B 309 -1.72 -31.12 -10.35
CA PHE B 309 -3.07 -30.62 -10.53
C PHE B 309 -3.08 -29.15 -10.88
N ILE B 310 -2.32 -28.37 -10.14
CA ILE B 310 -1.90 -27.05 -10.64
C ILE B 310 -0.39 -27.09 -10.46
N GLY B 311 0.35 -26.69 -11.48
CA GLY B 311 1.81 -26.66 -11.37
C GLY B 311 2.32 -25.35 -10.86
N GLY B 312 1.85 -24.29 -11.47
CA GLY B 312 2.17 -22.97 -11.06
C GLY B 312 3.48 -22.49 -11.66
N THR B 313 4.25 -21.79 -10.85
CA THR B 313 5.39 -21.07 -11.30
C THR B 313 6.63 -21.32 -10.45
N ASN B 314 7.76 -21.38 -11.12
CA ASN B 314 9.07 -21.26 -10.52
C ASN B 314 9.54 -19.80 -10.49
N PHE B 315 9.24 -19.13 -9.37
CA PHE B 315 9.59 -17.76 -9.19
C PHE B 315 11.10 -17.70 -8.91
N ALA B 316 11.64 -16.51 -9.08
CA ALA B 316 13.06 -16.24 -8.73
C ALA B 316 13.97 -17.27 -9.35
N TYR B 317 14.77 -17.97 -8.57
CA TYR B 317 15.75 -18.90 -9.12
C TYR B 317 15.41 -20.36 -8.80
N TRP B 318 14.14 -20.65 -8.50
CA TRP B 318 13.73 -21.95 -7.93
C TRP B 318 13.64 -23.15 -8.87
N ASN B 319 13.75 -22.93 -10.16
CA ASN B 319 13.72 -24.02 -11.12
C ASN B 319 14.90 -24.98 -10.91
N GLY B 320 14.72 -26.21 -11.34
CA GLY B 320 15.85 -27.15 -11.45
C GLY B 320 16.39 -27.35 -12.86
N ALA B 321 16.99 -28.50 -13.07
CA ALA B 321 17.55 -28.84 -14.36
C ALA B 321 17.74 -30.32 -14.41
N ASN B 322 17.86 -30.85 -15.61
CA ASN B 322 18.28 -32.23 -15.78
C ASN B 322 19.63 -32.29 -16.41
N SER B 323 20.13 -33.52 -16.46
CA SER B 323 21.44 -33.86 -17.00
C SER B 323 21.25 -34.84 -18.15
N PRO B 324 21.91 -34.62 -19.31
CA PRO B 324 22.88 -33.56 -19.64
C PRO B 324 22.23 -32.20 -19.57
N TYR B 325 22.98 -31.17 -19.19
CA TYR B 325 22.43 -29.96 -18.60
C TYR B 325 21.43 -29.22 -19.46
N ALA B 326 20.25 -29.08 -18.86
CA ALA B 326 19.10 -28.45 -19.50
C ALA B 326 18.22 -27.97 -18.38
N ALA B 327 18.13 -26.65 -18.21
CA ALA B 327 17.31 -26.06 -17.17
C ALA B 327 15.82 -26.10 -17.51
N GLN B 328 14.97 -26.36 -16.52
CA GLN B 328 13.50 -26.25 -16.66
C GLN B 328 13.12 -24.77 -16.65
N PRO B 329 12.09 -24.37 -17.40
CA PRO B 329 11.83 -22.94 -17.48
C PRO B 329 11.10 -22.37 -16.27
N THR B 330 10.74 -21.09 -16.35
CA THR B 330 10.08 -20.41 -15.25
C THR B 330 8.65 -20.96 -15.04
N SER B 331 7.89 -21.13 -16.11
CA SER B 331 6.53 -21.65 -15.97
C SER B 331 6.62 -23.10 -15.51
N TYR B 332 5.82 -23.47 -14.50
CA TYR B 332 5.62 -24.89 -14.18
C TYR B 332 4.15 -25.25 -14.52
N ASP B 333 3.63 -24.61 -15.57
CA ASP B 333 2.28 -24.93 -16.06
C ASP B 333 1.97 -26.44 -16.14
N TYR B 334 2.83 -27.18 -16.84
CA TYR B 334 2.84 -28.63 -16.79
C TYR B 334 1.68 -29.21 -17.56
N ASP B 335 0.97 -28.36 -18.33
CA ASP B 335 -0.27 -28.72 -18.98
C ASP B 335 -1.27 -29.36 -17.99
N ALA B 336 -1.28 -28.84 -16.77
CA ALA B 336 -2.04 -29.40 -15.70
C ALA B 336 -3.49 -28.98 -15.89
N PRO B 337 -4.40 -29.65 -15.22
CA PRO B 337 -5.86 -29.39 -15.20
C PRO B 337 -6.17 -27.94 -14.82
N LEU B 338 -5.48 -27.40 -13.83
CA LEU B 338 -5.47 -25.94 -13.59
C LEU B 338 -4.20 -25.34 -14.20
N SER B 339 -4.36 -24.27 -14.98
CA SER B 339 -3.28 -23.59 -15.63
C SER B 339 -2.40 -22.91 -14.61
N GLU B 340 -1.26 -22.37 -15.08
CA GLU B 340 -0.32 -21.71 -14.19
C GLU B 340 -0.97 -20.63 -13.32
N ALA B 341 -1.81 -19.81 -13.94
CA ALA B 341 -2.54 -18.72 -13.26
C ALA B 341 -3.82 -19.20 -12.58
N GLY B 342 -4.00 -20.51 -12.48
CA GLY B 342 -5.17 -21.06 -11.78
C GLY B 342 -6.41 -21.27 -12.62
N ASP B 343 -6.29 -21.25 -13.94
CA ASP B 343 -7.47 -21.30 -14.78
C ASP B 343 -8.05 -22.68 -14.86
N LEU B 344 -9.39 -22.71 -14.94
CA LEU B 344 -10.13 -23.91 -15.23
C LEU B 344 -9.93 -24.28 -16.70
N THR B 345 -9.53 -25.52 -16.96
CA THR B 345 -9.27 -25.95 -18.32
C THR B 345 -10.31 -27.01 -18.72
N GLU B 346 -10.32 -27.37 -20.00
CA GLU B 346 -11.08 -28.49 -20.49
C GLU B 346 -10.75 -29.74 -19.69
N LYS B 347 -9.45 -29.95 -19.48
CA LYS B 347 -8.94 -31.12 -18.77
C LYS B 347 -9.48 -31.16 -17.34
N TYR B 348 -9.59 -29.99 -16.69
CA TYR B 348 -10.14 -29.86 -15.34
C TYR B 348 -11.54 -30.45 -15.32
N PHE B 349 -12.38 -30.03 -16.23
CA PHE B 349 -13.76 -30.48 -16.26
C PHE B 349 -13.90 -31.93 -16.65
N ALA B 350 -13.03 -32.41 -17.54
CA ALA B 350 -13.08 -33.82 -17.91
C ALA B 350 -12.62 -34.73 -16.75
N LEU B 351 -11.63 -34.30 -15.99
CA LEU B 351 -11.21 -35.11 -14.82
C LEU B 351 -12.24 -35.07 -13.68
N ARG B 352 -12.92 -33.93 -13.48
CA ARG B 352 -14.07 -33.85 -12.56
C ARG B 352 -15.17 -34.82 -12.99
N ASN B 353 -15.45 -34.82 -14.28
CA ASN B 353 -16.43 -35.76 -14.82
C ASN B 353 -16.06 -37.20 -14.48
N ILE B 354 -14.81 -37.57 -14.67
CA ILE B 354 -14.38 -38.92 -14.26
C ILE B 354 -14.61 -39.20 -12.78
N ILE B 355 -14.26 -38.26 -11.93
CA ILE B 355 -14.35 -38.49 -10.50
C ILE B 355 -15.81 -38.64 -10.09
N GLN B 356 -16.70 -37.88 -10.75
CA GLN B 356 -18.11 -37.96 -10.48
C GLN B 356 -18.66 -39.35 -10.69
N LYS B 357 -18.04 -40.12 -11.58
CA LYS B 357 -18.48 -41.49 -11.79
C LYS B 357 -18.21 -42.37 -10.56
N PHE B 358 -17.32 -41.96 -9.66
CA PHE B 358 -17.05 -42.77 -8.47
C PHE B 358 -17.56 -42.11 -7.19
N GLU B 359 -17.67 -40.78 -7.18
CA GLU B 359 -18.03 -40.04 -5.97
C GLU B 359 -18.96 -38.93 -6.37
N LYS B 360 -19.77 -38.47 -5.42
CA LYS B 360 -20.38 -37.15 -5.54
C LYS B 360 -19.26 -36.13 -5.40
N VAL B 361 -19.30 -35.14 -6.26
CA VAL B 361 -18.46 -33.97 -6.16
C VAL B 361 -19.26 -32.89 -5.41
N PRO B 362 -18.63 -31.87 -4.82
CA PRO B 362 -19.45 -30.88 -4.12
C PRO B 362 -20.33 -30.03 -5.05
N GLU B 363 -21.37 -29.45 -4.48
CA GLU B 363 -22.31 -28.63 -5.25
C GLU B 363 -21.95 -27.15 -5.21
N GLY B 364 -22.60 -26.40 -6.08
CA GLY B 364 -22.43 -24.97 -6.11
C GLY B 364 -21.55 -24.64 -7.26
N PRO B 365 -21.50 -23.37 -7.62
CA PRO B 365 -20.64 -22.91 -8.69
C PRO B 365 -19.13 -23.05 -8.31
N ILE B 366 -18.27 -23.25 -9.29
CA ILE B 366 -16.82 -23.36 -9.09
C ILE B 366 -16.15 -21.95 -9.15
N PRO B 367 -15.21 -21.64 -8.23
CA PRO B 367 -14.60 -20.31 -8.34
C PRO B 367 -14.00 -20.07 -9.75
N PRO B 368 -14.15 -18.87 -10.34
CA PRO B 368 -13.77 -18.74 -11.73
C PRO B 368 -12.22 -18.63 -11.98
N SER B 369 -11.83 -18.76 -13.24
CA SER B 369 -10.51 -18.31 -13.70
C SER B 369 -10.47 -16.81 -13.43
N THR B 370 -9.35 -16.35 -12.86
CA THR B 370 -9.19 -14.93 -12.55
C THR B 370 -9.33 -14.08 -13.83
N PRO B 371 -9.80 -12.83 -13.70
CA PRO B 371 -9.73 -11.91 -14.84
C PRO B 371 -8.27 -11.61 -15.12
N LYS B 372 -7.93 -11.47 -16.40
CA LYS B 372 -6.64 -11.01 -16.85
C LYS B 372 -6.79 -9.65 -17.55
N PHE B 373 -5.79 -8.80 -17.38
CA PHE B 373 -5.80 -7.47 -17.93
C PHE B 373 -4.50 -7.15 -18.71
N ALA B 374 -4.67 -6.57 -19.91
CA ALA B 374 -3.55 -6.07 -20.70
C ALA B 374 -3.26 -4.62 -20.34
N TYR B 375 -2.30 -4.39 -19.46
CA TYR B 375 -1.86 -3.04 -19.10
C TYR B 375 -1.15 -2.35 -20.28
N GLY B 376 -0.75 -3.11 -21.30
CA GLY B 376 -0.12 -2.54 -22.48
C GLY B 376 1.42 -2.34 -22.42
N LYS B 377 1.89 -1.43 -23.25
CA LYS B 377 3.34 -1.21 -23.38
C LYS B 377 3.82 -0.35 -22.24
N VAL B 378 4.94 -0.70 -21.61
CA VAL B 378 5.53 0.15 -20.57
C VAL B 378 6.99 0.35 -20.97
N THR B 379 7.39 1.60 -21.20
CA THR B 379 8.77 1.89 -21.60
C THR B 379 9.69 1.79 -20.39
N LEU B 380 10.90 1.31 -20.61
CA LEU B 380 11.95 1.26 -19.62
C LEU B 380 13.14 2.09 -20.11
N GLU B 381 14.07 2.39 -19.22
CA GLU B 381 15.36 2.88 -19.63
C GLU B 381 16.40 2.31 -18.74
N LYS B 382 17.60 2.33 -19.27
CA LYS B 382 18.73 1.75 -18.62
C LYS B 382 19.08 2.63 -17.46
N LEU B 383 19.27 2.03 -16.29
CA LEU B 383 19.61 2.81 -15.14
C LEU B 383 21.13 2.72 -14.91
N LYS B 384 21.65 1.50 -14.79
CA LYS B 384 23.08 1.22 -14.58
C LYS B 384 23.42 -0.16 -15.13
N THR B 385 24.68 -0.33 -15.55
CA THR B 385 25.18 -1.66 -15.86
C THR B 385 25.47 -2.39 -14.54
N VAL B 386 25.62 -3.69 -14.61
CA VAL B 386 26.01 -4.48 -13.44
C VAL B 386 27.40 -4.02 -12.97
N GLY B 387 28.28 -3.73 -13.92
CA GLY B 387 29.60 -3.21 -13.65
C GLY B 387 29.58 -1.94 -12.83
N ALA B 388 28.70 -1.02 -13.17
CA ALA B 388 28.60 0.24 -12.45
C ALA B 388 27.79 0.08 -11.18
N ALA B 389 27.08 -1.04 -10.99
CA ALA B 389 26.31 -1.25 -9.76
C ALA B 389 27.01 -2.17 -8.74
N LEU B 390 28.31 -2.35 -8.85
CA LEU B 390 29.00 -3.31 -7.94
C LEU B 390 29.06 -2.88 -6.47
N ASP B 391 29.17 -1.60 -6.17
CA ASP B 391 29.15 -1.17 -4.76
C ASP B 391 27.83 -1.55 -4.08
N ILE B 392 26.71 -1.39 -4.78
CA ILE B 392 25.43 -1.73 -4.19
C ILE B 392 25.14 -3.25 -4.29
N LEU B 393 25.64 -3.91 -5.33
CA LEU B 393 25.45 -5.35 -5.43
C LEU B 393 26.32 -6.15 -4.43
N CYS B 394 27.43 -5.58 -3.99
CA CYS B 394 28.39 -6.33 -3.20
C CYS B 394 28.90 -5.39 -2.10
N PRO B 395 27.98 -4.97 -1.19
CA PRO B 395 28.37 -3.94 -0.21
C PRO B 395 29.43 -4.40 0.80
N SER B 396 29.65 -5.70 0.99
CA SER B 396 30.78 -6.16 1.81
C SER B 396 32.13 -6.38 1.10
N GLY B 397 32.22 -6.04 -0.17
CA GLY B 397 33.47 -6.19 -0.90
C GLY B 397 33.68 -7.59 -1.45
N PRO B 398 34.55 -7.71 -2.43
CA PRO B 398 34.77 -8.95 -3.12
C PRO B 398 35.69 -9.90 -2.35
N ILE B 399 35.89 -11.10 -2.90
CA ILE B 399 36.78 -12.10 -2.35
C ILE B 399 37.86 -12.34 -3.39
N LYS B 400 39.11 -12.28 -2.96
CA LYS B 400 40.26 -12.41 -3.85
C LYS B 400 40.79 -13.80 -3.79
N SER B 401 41.16 -14.37 -4.94
CA SER B 401 41.55 -15.75 -4.99
C SER B 401 42.51 -15.91 -6.12
N LEU B 402 43.46 -16.83 -5.96
CA LEU B 402 44.42 -17.12 -7.02
C LEU B 402 43.76 -17.77 -8.23
N TYR B 403 42.95 -18.80 -8.02
CA TYR B 403 42.12 -19.42 -9.07
C TYR B 403 40.65 -19.22 -8.74
N PRO B 404 39.75 -19.46 -9.71
CA PRO B 404 38.36 -19.11 -9.39
C PRO B 404 37.77 -20.00 -8.29
N LEU B 405 36.82 -19.44 -7.56
CA LEU B 405 36.04 -20.13 -6.57
C LEU B 405 34.65 -20.37 -7.09
N THR B 406 33.99 -21.40 -6.60
CA THR B 406 32.58 -21.70 -6.92
C THR B 406 31.64 -20.75 -6.19
N PHE B 407 30.36 -20.77 -6.63
CA PHE B 407 29.28 -20.07 -5.92
C PHE B 407 29.28 -20.45 -4.44
N ILE B 408 29.32 -21.75 -4.17
CA ILE B 408 29.30 -22.25 -2.81
C ILE B 408 30.41 -21.65 -1.98
N GLN B 409 31.59 -21.57 -2.56
CA GLN B 409 32.75 -21.06 -1.86
C GLN B 409 32.70 -19.57 -1.58
N VAL B 410 31.98 -18.78 -2.40
CA VAL B 410 31.84 -17.38 -2.10
C VAL B 410 30.53 -17.08 -1.35
N LYS B 411 29.91 -18.12 -0.80
CA LYS B 411 28.65 -18.03 -0.03
C LYS B 411 27.47 -17.47 -0.84
N GLN B 412 27.39 -17.81 -2.12
CA GLN B 412 26.25 -17.42 -2.93
C GLN B 412 25.59 -18.64 -3.49
N HIS B 413 24.27 -18.78 -3.35
CA HIS B 413 23.60 -20.01 -3.83
C HIS B 413 22.87 -19.84 -5.13
N TYR B 414 22.17 -18.71 -5.30
CA TYR B 414 21.38 -18.48 -6.49
C TYR B 414 21.81 -17.21 -7.18
N GLY B 415 21.43 -17.08 -8.44
CA GLY B 415 21.59 -15.84 -9.14
C GLY B 415 22.95 -15.77 -9.80
N PHE B 416 23.71 -14.75 -9.48
CA PHE B 416 24.79 -14.27 -10.33
C PHE B 416 26.04 -13.95 -9.53
N VAL B 417 27.21 -14.26 -10.08
CA VAL B 417 28.48 -13.86 -9.47
C VAL B 417 29.35 -13.25 -10.53
N LEU B 418 30.02 -12.13 -10.22
CA LEU B 418 30.94 -11.51 -11.18
C LEU B 418 32.39 -11.92 -10.87
N TYR B 419 33.05 -12.58 -11.81
CA TYR B 419 34.43 -12.97 -11.69
C TYR B 419 35.23 -11.99 -12.52
N ARG B 420 36.18 -11.30 -11.87
CA ARG B 420 37.02 -10.27 -12.54
C ARG B 420 38.53 -10.56 -12.43
N THR B 421 39.26 -10.33 -13.50
CA THR B 421 40.73 -10.40 -13.50
C THR B 421 41.23 -9.39 -14.52
N THR B 422 42.53 -9.32 -14.77
CA THR B 422 43.02 -8.46 -15.85
C THR B 422 43.72 -9.31 -16.89
N LEU B 423 43.80 -8.78 -18.11
CA LEU B 423 44.45 -9.55 -19.19
C LEU B 423 45.96 -9.47 -18.99
N PRO B 424 46.67 -10.61 -18.93
CA PRO B 424 48.12 -10.59 -18.70
C PRO B 424 48.95 -10.38 -19.95
N GLN B 425 48.33 -10.40 -21.13
CA GLN B 425 49.05 -10.21 -22.40
C GLN B 425 48.19 -9.33 -23.28
N ASP B 426 48.80 -8.71 -24.28
CA ASP B 426 48.04 -7.92 -25.24
C ASP B 426 47.19 -8.82 -26.12
N CYS B 427 45.89 -8.50 -26.25
CA CYS B 427 44.99 -9.25 -27.15
C CYS B 427 44.44 -8.32 -28.24
N SER B 428 45.33 -7.61 -28.92
CA SER B 428 44.90 -6.84 -30.09
C SER B 428 44.35 -7.79 -31.15
N ASN B 429 45.06 -8.89 -31.37
CA ASN B 429 44.53 -9.98 -32.17
C ASN B 429 43.72 -10.84 -31.23
N PRO B 430 42.58 -11.35 -31.72
CA PRO B 430 41.73 -12.13 -30.83
C PRO B 430 42.45 -13.31 -30.24
N ALA B 431 42.19 -13.61 -28.98
CA ALA B 431 42.86 -14.67 -28.27
C ALA B 431 41.81 -15.49 -27.54
N PRO B 432 42.01 -16.82 -27.54
CA PRO B 432 40.95 -17.65 -27.08
C PRO B 432 40.86 -17.71 -25.53
N LEU B 433 39.69 -17.27 -25.01
CA LEU B 433 39.35 -17.47 -23.61
C LEU B 433 38.57 -18.78 -23.49
N SER B 434 39.05 -19.69 -22.65
CA SER B 434 38.51 -21.04 -22.66
C SER B 434 38.41 -21.67 -21.26
N SER B 435 37.39 -22.48 -21.05
CA SER B 435 37.29 -23.36 -19.86
C SER B 435 37.51 -24.78 -20.39
N PRO B 436 38.79 -25.20 -20.45
CA PRO B 436 39.07 -26.45 -21.15
C PRO B 436 38.39 -27.64 -20.53
N LEU B 437 38.09 -27.59 -19.23
CA LEU B 437 37.36 -28.69 -18.59
C LEU B 437 35.83 -28.48 -18.60
N ASN B 438 35.33 -27.54 -19.39
CA ASN B 438 33.87 -27.35 -19.48
C ASN B 438 33.28 -27.00 -18.11
N GLY B 439 33.90 -26.03 -17.46
CA GLY B 439 33.53 -25.60 -16.12
C GLY B 439 32.96 -24.18 -15.97
N VAL B 440 32.30 -23.68 -17.01
CA VAL B 440 31.36 -22.54 -16.85
C VAL B 440 29.96 -23.03 -16.49
N HIS B 441 29.63 -22.97 -15.19
CA HIS B 441 28.39 -23.54 -14.74
C HIS B 441 27.48 -22.39 -14.30
N ASP B 442 26.59 -21.91 -15.16
CA ASP B 442 26.16 -22.55 -16.40
C ASP B 442 26.30 -21.66 -17.63
N ARG B 443 26.45 -20.37 -17.41
CA ARG B 443 26.51 -19.43 -18.50
C ARG B 443 27.33 -18.23 -18.04
N ALA B 444 28.21 -17.68 -18.90
CA ALA B 444 28.99 -16.49 -18.55
C ALA B 444 28.87 -15.44 -19.61
N TYR B 445 28.54 -14.22 -19.18
CA TYR B 445 28.45 -13.05 -20.05
C TYR B 445 29.75 -12.31 -19.87
N VAL B 446 30.50 -12.24 -20.96
CA VAL B 446 31.91 -11.81 -20.94
C VAL B 446 32.08 -10.39 -21.51
N ALA B 447 32.91 -9.58 -20.83
CA ALA B 447 33.26 -8.21 -21.23
C ALA B 447 34.75 -7.88 -20.99
N VAL B 448 35.37 -7.18 -21.92
CA VAL B 448 36.71 -6.64 -21.74
C VAL B 448 36.69 -5.10 -21.82
N ASP B 449 37.17 -4.46 -20.74
CA ASP B 449 37.07 -3.00 -20.51
C ASP B 449 35.75 -2.43 -20.94
N GLY B 450 34.70 -3.06 -20.47
CA GLY B 450 33.34 -2.61 -20.75
C GLY B 450 32.81 -2.92 -22.12
N ILE B 451 33.52 -3.77 -22.90
CA ILE B 451 33.07 -4.17 -24.23
C ILE B 451 32.61 -5.62 -24.19
N PRO B 452 31.30 -5.84 -24.40
CA PRO B 452 30.85 -7.23 -24.41
C PRO B 452 31.51 -8.07 -25.53
N GLN B 453 31.88 -9.31 -25.19
CA GLN B 453 32.58 -10.21 -26.09
C GLN B 453 31.74 -11.44 -26.51
N GLY B 454 30.64 -11.69 -25.82
CA GLY B 454 29.77 -12.82 -26.12
C GLY B 454 29.66 -13.70 -24.88
N VAL B 455 29.38 -14.97 -25.10
CA VAL B 455 28.88 -15.84 -24.05
C VAL B 455 29.57 -17.19 -24.01
N LEU B 456 29.93 -17.62 -22.80
CA LEU B 456 30.45 -18.96 -22.61
C LEU B 456 29.29 -19.76 -22.00
N GLU B 457 29.15 -20.99 -22.45
CA GLU B 457 27.98 -21.81 -22.06
C GLU B 457 28.37 -23.24 -21.68
N ARG B 458 27.81 -23.74 -20.58
CA ARG B 458 28.00 -25.12 -20.23
C ARG B 458 27.71 -26.04 -21.40
N ASN B 459 28.67 -26.92 -21.63
CA ASN B 459 28.65 -27.91 -22.71
C ASN B 459 28.87 -27.27 -24.11
N ASN B 460 28.04 -26.29 -24.47
CA ASN B 460 27.93 -25.82 -25.84
C ASN B 460 29.08 -25.03 -26.41
N VAL B 461 29.64 -24.14 -25.61
CA VAL B 461 30.64 -23.22 -26.07
C VAL B 461 31.59 -23.01 -24.90
N ILE B 462 32.78 -23.60 -24.98
CA ILE B 462 33.74 -23.53 -23.92
C ILE B 462 34.90 -22.59 -24.29
N THR B 463 34.85 -22.00 -25.47
CA THR B 463 35.86 -21.05 -25.92
C THR B 463 35.24 -19.88 -26.63
N LEU B 464 35.77 -18.69 -26.33
CA LEU B 464 35.30 -17.44 -26.85
C LEU B 464 36.53 -16.63 -27.18
N ASN B 465 36.63 -16.11 -28.39
CA ASN B 465 37.70 -15.18 -28.70
C ASN B 465 37.40 -13.81 -28.15
N ILE B 466 38.40 -13.19 -27.53
CA ILE B 466 38.25 -11.85 -26.98
C ILE B 466 39.35 -10.95 -27.54
N THR B 467 39.12 -9.65 -27.53
CA THR B 467 40.18 -8.74 -27.84
C THR B 467 40.21 -7.66 -26.77
N GLY B 468 41.36 -7.01 -26.63
CA GLY B 468 41.57 -5.98 -25.60
C GLY B 468 43.03 -5.78 -25.27
N LYS B 469 43.35 -4.67 -24.61
CA LYS B 469 44.73 -4.30 -24.29
C LYS B 469 45.28 -5.03 -23.08
N ALA B 470 46.61 -5.17 -23.04
CA ALA B 470 47.26 -5.80 -21.89
C ALA B 470 46.81 -5.02 -20.66
N GLY B 471 46.42 -5.74 -19.62
CA GLY B 471 46.00 -5.12 -18.35
C GLY B 471 44.55 -4.66 -18.34
N ALA B 472 43.82 -4.87 -19.43
CA ALA B 472 42.40 -4.54 -19.48
C ALA B 472 41.61 -5.44 -18.51
N THR B 473 40.45 -4.96 -18.06
CA THR B 473 39.63 -5.70 -17.08
C THR B 473 38.73 -6.72 -17.82
N LEU B 474 38.91 -8.00 -17.45
CA LEU B 474 38.13 -9.11 -17.93
C LEU B 474 37.10 -9.46 -16.88
N ASP B 475 35.84 -9.26 -17.26
CA ASP B 475 34.68 -9.61 -16.42
C ASP B 475 33.94 -10.78 -17.04
N LEU B 476 33.60 -11.78 -16.19
CA LEU B 476 32.65 -12.83 -16.50
C LEU B 476 31.50 -12.80 -15.51
N LEU B 477 30.30 -12.45 -15.99
CA LEU B 477 29.11 -12.47 -15.14
C LEU B 477 28.56 -13.85 -15.24
N VAL B 478 28.61 -14.65 -14.19
CA VAL B 478 28.23 -16.10 -14.33
C VAL B 478 26.86 -16.36 -13.67
N GLU B 479 25.96 -16.98 -14.40
CA GLU B 479 24.63 -17.34 -13.91
C GLU B 479 24.52 -18.81 -13.58
N ASN B 480 23.97 -19.06 -12.38
CA ASN B 480 23.47 -20.37 -11.99
C ASN B 480 22.09 -20.49 -12.62
N MET B 481 21.97 -21.34 -13.64
CA MET B 481 20.69 -21.54 -14.33
C MET B 481 19.74 -22.57 -13.69
N GLY B 482 20.16 -23.11 -12.55
CA GLY B 482 19.46 -24.03 -11.76
C GLY B 482 20.26 -25.29 -11.49
N ARG B 483 20.44 -25.64 -10.22
CA ARG B 483 21.01 -26.97 -9.88
C ARG B 483 20.17 -28.19 -10.25
N VAL B 484 20.83 -29.15 -10.86
CA VAL B 484 20.20 -30.37 -11.35
C VAL B 484 19.47 -31.02 -10.20
N ASN B 485 18.27 -31.49 -10.46
CA ASN B 485 17.43 -32.02 -9.42
C ASN B 485 17.19 -33.53 -9.48
N TYR B 486 17.78 -34.19 -10.48
CA TYR B 486 17.61 -35.62 -10.68
C TYR B 486 18.87 -36.18 -11.28
N GLY B 487 19.20 -37.38 -10.88
CA GLY B 487 20.32 -38.07 -11.46
C GLY B 487 21.39 -38.06 -10.39
N ALA B 488 22.53 -38.67 -10.72
CA ALA B 488 23.71 -38.67 -9.89
C ALA B 488 24.39 -37.30 -9.79
N TYR B 489 24.09 -36.34 -10.68
CA TYR B 489 24.80 -35.06 -10.65
C TYR B 489 24.09 -33.87 -9.96
N ILE B 490 23.38 -34.16 -8.86
CA ILE B 490 22.73 -33.10 -8.03
C ILE B 490 23.76 -32.29 -7.22
N ASN B 491 24.99 -32.80 -7.09
CA ASN B 491 26.06 -32.05 -6.42
C ASN B 491 26.73 -31.00 -7.36
N ASP B 492 25.93 -30.03 -7.73
CA ASP B 492 26.18 -29.11 -8.87
C ASP B 492 26.58 -27.77 -8.20
N PHE B 493 27.88 -27.50 -8.08
CA PHE B 493 28.40 -26.38 -7.31
C PHE B 493 28.00 -24.98 -7.82
N LYS B 494 28.14 -24.81 -9.13
CA LYS B 494 27.90 -23.58 -9.93
C LYS B 494 29.04 -22.60 -9.87
N GLY B 495 29.09 -21.71 -10.86
CA GLY B 495 30.13 -20.72 -10.99
C GLY B 495 31.20 -21.19 -11.95
N LEU B 496 32.38 -20.64 -11.82
CA LEU B 496 33.48 -21.12 -12.59
C LEU B 496 34.08 -22.20 -11.72
N VAL B 497 33.79 -23.45 -12.05
CA VAL B 497 34.17 -24.60 -11.19
C VAL B 497 35.51 -25.27 -11.58
N SER B 498 36.15 -24.71 -12.61
CA SER B 498 37.48 -25.07 -12.99
C SER B 498 38.10 -23.83 -13.63
N ASN B 499 39.38 -23.90 -13.95
CA ASN B 499 40.13 -22.79 -14.49
C ASN B 499 39.74 -22.29 -15.87
N LEU B 500 40.00 -21.02 -16.12
CA LEU B 500 39.93 -20.47 -17.44
C LEU B 500 41.35 -20.36 -17.96
N THR B 501 41.53 -20.52 -19.26
CA THR B 501 42.77 -20.21 -19.91
C THR B 501 42.58 -19.09 -20.90
N LEU B 502 43.67 -18.44 -21.24
CA LEU B 502 43.70 -17.46 -22.33
C LEU B 502 44.94 -17.81 -23.15
N SER B 503 44.75 -18.12 -24.42
CA SER B 503 45.84 -18.61 -25.25
C SER B 503 46.52 -19.79 -24.56
N SER B 504 45.72 -20.68 -23.96
CA SER B 504 46.18 -21.88 -23.24
C SER B 504 46.93 -21.66 -21.92
N ASN B 505 47.08 -20.43 -21.46
CA ASN B 505 47.71 -20.17 -20.17
C ASN B 505 46.64 -19.89 -19.09
N ILE B 506 46.69 -20.64 -18.00
CA ILE B 506 45.72 -20.49 -16.94
C ILE B 506 45.68 -19.04 -16.47
N LEU B 507 44.48 -18.50 -16.28
CA LEU B 507 44.35 -17.15 -15.78
C LEU B 507 44.24 -17.18 -14.27
N THR B 508 45.04 -16.35 -13.61
CA THR B 508 45.12 -16.29 -12.17
C THR B 508 44.85 -14.89 -11.71
N ASP B 509 44.66 -14.75 -10.39
CA ASP B 509 44.46 -13.48 -9.73
C ASP B 509 43.07 -12.89 -9.98
N TRP B 510 42.12 -13.40 -9.21
CA TRP B 510 40.69 -13.15 -9.45
C TRP B 510 40.13 -12.35 -8.32
N THR B 511 39.28 -11.41 -8.66
CA THR B 511 38.49 -10.69 -7.71
C THR B 511 37.01 -10.98 -7.97
N ILE B 512 36.35 -11.60 -7.00
CA ILE B 512 35.06 -12.25 -7.19
C ILE B 512 33.95 -11.61 -6.33
N PHE B 513 32.93 -11.11 -7.04
CA PHE B 513 31.86 -10.32 -6.44
C PHE B 513 30.61 -11.19 -6.41
N PRO B 514 30.23 -11.73 -5.22
CA PRO B 514 28.90 -12.25 -5.07
C PRO B 514 27.92 -11.09 -5.13
N LEU B 515 26.77 -11.29 -5.79
CA LEU B 515 25.88 -10.17 -6.10
C LEU B 515 24.53 -10.33 -5.42
N ASP B 516 24.23 -9.38 -4.54
CA ASP B 516 22.96 -9.28 -3.81
C ASP B 516 21.92 -8.61 -4.71
N THR B 517 21.61 -9.26 -5.81
CA THR B 517 20.67 -8.70 -6.77
C THR B 517 19.31 -8.38 -6.12
N GLU B 518 18.90 -9.21 -5.16
CA GLU B 518 17.56 -9.11 -4.61
C GLU B 518 17.42 -7.85 -3.76
N ASP B 519 18.38 -7.63 -2.84
CA ASP B 519 18.38 -6.41 -2.01
C ASP B 519 18.53 -5.19 -2.88
N ALA B 520 19.42 -5.28 -3.87
CA ALA B 520 19.76 -4.13 -4.67
C ALA B 520 18.57 -3.66 -5.50
N VAL B 521 17.87 -4.61 -6.10
CA VAL B 521 16.63 -4.27 -6.82
C VAL B 521 15.62 -3.66 -5.86
N ARG B 522 15.47 -4.25 -4.68
CA ARG B 522 14.52 -3.74 -3.70
C ARG B 522 14.84 -2.34 -3.19
N SER B 523 16.09 -1.90 -3.32
CA SER B 523 16.52 -0.54 -2.95
C SER B 523 16.66 0.38 -4.19
N HIS B 524 16.21 -0.10 -5.35
CA HIS B 524 16.38 0.65 -6.62
C HIS B 524 17.84 0.96 -6.85
N LEU B 525 18.70 -0.01 -6.60
CA LEU B 525 20.15 0.17 -6.71
C LEU B 525 20.65 1.26 -5.79
N GLY B 526 20.02 1.40 -4.61
CA GLY B 526 20.47 2.32 -3.61
C GLY B 526 19.85 3.68 -3.72
N GLY B 527 19.09 3.95 -4.78
CA GLY B 527 18.38 5.23 -4.92
C GLY B 527 17.30 5.47 -3.88
N TRP B 528 16.77 4.41 -3.23
CA TRP B 528 15.77 4.54 -2.15
C TRP B 528 16.32 4.35 -0.74
N GLY B 529 17.62 4.30 -0.62
CA GLY B 529 18.28 4.18 0.65
C GLY B 529 18.07 2.77 1.24
N HIS B 530 18.36 2.65 2.51
CA HIS B 530 18.31 1.33 3.16
C HIS B 530 17.39 1.24 4.35
N ARG B 531 16.57 2.26 4.54
CA ARG B 531 15.48 2.15 5.53
C ARG B 531 14.50 1.01 5.22
N ASN B 546 25.64 -10.00 -31.74
CA ASN B 546 25.94 -8.75 -31.03
C ASN B 546 25.27 -8.68 -29.66
N TYR B 547 25.93 -8.00 -28.72
CA TYR B 547 25.54 -8.01 -27.32
C TYR B 547 25.63 -6.63 -26.72
N THR B 548 24.97 -6.44 -25.60
CA THR B 548 25.10 -5.24 -24.80
C THR B 548 25.60 -5.67 -23.46
N LEU B 549 26.20 -4.75 -22.71
CA LEU B 549 26.55 -5.09 -21.30
C LEU B 549 25.33 -5.44 -20.44
N PRO B 550 25.43 -6.54 -19.65
CA PRO B 550 24.43 -6.80 -18.64
C PRO B 550 24.10 -5.52 -17.84
N ALA B 551 22.83 -5.21 -17.68
CA ALA B 551 22.41 -3.94 -17.13
C ALA B 551 20.94 -4.04 -16.68
N PHE B 552 20.60 -3.17 -15.75
CA PHE B 552 19.31 -3.01 -15.13
C PHE B 552 18.56 -1.91 -15.86
N TYR B 553 17.36 -2.23 -16.35
CA TYR B 553 16.49 -1.29 -17.03
C TYR B 553 15.23 -1.18 -16.22
N MET B 554 14.80 0.04 -15.92
CA MET B 554 13.67 0.30 -15.02
C MET B 554 12.64 1.14 -15.69
N GLY B 555 11.41 0.97 -15.22
CA GLY B 555 10.27 1.69 -15.78
C GLY B 555 9.11 1.57 -14.82
N ASN B 556 8.30 2.60 -14.79
CA ASN B 556 7.13 2.66 -13.92
C ASN B 556 5.81 2.69 -14.73
N PHE B 557 4.76 2.11 -14.16
CA PHE B 557 3.40 2.35 -14.64
C PHE B 557 2.41 2.40 -13.49
N SER B 558 1.39 3.25 -13.66
CA SER B 558 0.38 3.47 -12.66
C SER B 558 -0.92 2.78 -12.98
N ILE B 559 -1.69 2.49 -11.94
CA ILE B 559 -2.99 1.82 -12.10
C ILE B 559 -3.94 2.64 -11.24
N PRO B 560 -5.10 3.01 -11.79
CA PRO B 560 -6.03 3.83 -10.98
C PRO B 560 -6.53 3.15 -9.66
N SER B 561 -6.68 3.96 -8.61
CA SER B 561 -7.24 3.53 -7.32
C SER B 561 -8.76 3.59 -7.46
N GLY B 562 -9.47 2.93 -6.57
CA GLY B 562 -10.93 2.99 -6.51
C GLY B 562 -11.67 2.33 -7.67
N ILE B 563 -10.99 1.46 -8.42
CA ILE B 563 -11.63 0.69 -9.46
C ILE B 563 -11.71 -0.72 -8.88
N PRO B 564 -12.93 -1.25 -8.70
CA PRO B 564 -12.96 -2.50 -7.89
C PRO B 564 -12.22 -3.68 -8.57
N ASP B 565 -12.21 -3.68 -9.89
CA ASP B 565 -11.59 -4.73 -10.66
C ASP B 565 -10.21 -4.42 -11.22
N LEU B 566 -9.51 -3.49 -10.59
CA LEU B 566 -8.09 -3.29 -10.81
C LEU B 566 -7.43 -3.16 -9.46
N PRO B 567 -6.27 -3.76 -9.29
CA PRO B 567 -5.50 -4.46 -10.31
C PRO B 567 -5.99 -5.86 -10.64
N GLN B 568 -5.71 -6.30 -11.89
CA GLN B 568 -5.82 -7.72 -12.25
C GLN B 568 -4.50 -8.37 -12.59
N ASP B 569 -4.53 -9.71 -12.53
CA ASP B 569 -3.51 -10.58 -13.07
C ASP B 569 -3.22 -10.21 -14.52
N THR B 570 -1.99 -10.39 -14.94
CA THR B 570 -1.55 -10.10 -16.29
C THR B 570 -0.35 -11.02 -16.63
N PHE B 571 0.20 -10.81 -17.80
CA PHE B 571 1.30 -11.55 -18.30
C PHE B 571 2.21 -10.57 -18.96
N ILE B 572 3.51 -10.75 -18.76
CA ILE B 572 4.48 -9.80 -19.23
C ILE B 572 5.27 -10.46 -20.34
N GLN B 573 5.43 -9.71 -21.46
CA GLN B 573 6.21 -10.17 -22.59
C GLN B 573 7.32 -9.20 -22.92
N PHE B 574 8.38 -9.72 -23.54
CA PHE B 574 9.63 -9.01 -23.72
C PHE B 574 10.02 -8.98 -25.19
N PRO B 575 9.18 -8.35 -26.05
CA PRO B 575 9.54 -8.20 -27.48
C PRO B 575 10.86 -7.47 -27.67
N GLY B 576 11.80 -8.10 -28.36
CA GLY B 576 13.18 -7.55 -28.66
C GLY B 576 14.26 -7.78 -27.58
N TRP B 577 13.85 -8.18 -26.40
CA TRP B 577 14.79 -8.53 -25.37
C TRP B 577 15.30 -9.97 -25.65
N THR B 578 16.29 -10.42 -24.89
CA THR B 578 16.95 -11.65 -25.21
C THR B 578 16.92 -12.66 -24.04
N LYS B 579 17.59 -12.35 -22.94
CA LYS B 579 17.62 -13.24 -21.79
C LYS B 579 17.87 -12.44 -20.54
N GLY B 580 17.06 -12.64 -19.53
CA GLY B 580 17.34 -12.06 -18.24
C GLY B 580 16.42 -12.41 -17.07
N GLN B 581 16.45 -11.51 -16.07
CA GLN B 581 15.62 -11.65 -14.87
C GLN B 581 14.65 -10.43 -14.82
N VAL B 582 13.47 -10.63 -14.25
CA VAL B 582 12.50 -9.54 -14.11
C VAL B 582 11.85 -9.47 -12.73
N TRP B 583 11.77 -8.25 -12.23
CA TRP B 583 11.09 -7.94 -10.96
C TRP B 583 9.99 -6.92 -11.19
N ILE B 584 8.90 -7.08 -10.46
CA ILE B 584 7.94 -6.01 -10.35
C ILE B 584 7.71 -5.69 -8.90
N ASN B 585 7.91 -4.43 -8.59
CA ASN B 585 7.96 -3.95 -7.21
C ASN B 585 8.86 -4.78 -6.29
N GLY B 586 10.02 -5.13 -6.79
CA GLY B 586 10.94 -5.98 -6.06
C GLY B 586 10.62 -7.46 -5.89
N PHE B 587 9.51 -7.94 -6.45
CA PHE B 587 9.20 -9.34 -6.45
C PHE B 587 9.76 -9.97 -7.71
N ASN B 588 10.61 -10.99 -7.50
CA ASN B 588 11.31 -11.61 -8.62
C ASN B 588 10.42 -12.62 -9.28
N LEU B 589 9.93 -12.29 -10.45
CA LEU B 589 8.95 -13.13 -11.20
C LEU B 589 9.54 -14.35 -11.87
N GLY B 590 10.87 -14.39 -11.95
CA GLY B 590 11.62 -15.45 -12.63
C GLY B 590 12.38 -14.95 -13.85
N ARG B 591 12.71 -15.91 -14.71
CA ARG B 591 13.63 -15.74 -15.83
C ARG B 591 12.81 -15.68 -17.10
N TYR B 592 13.21 -14.77 -18.01
CA TYR B 592 12.64 -14.69 -19.36
C TYR B 592 13.71 -15.10 -20.33
N TRP B 593 13.34 -15.80 -21.41
CA TRP B 593 14.27 -16.14 -22.47
C TRP B 593 13.58 -16.32 -23.81
N PRO B 594 13.01 -15.23 -24.38
CA PRO B 594 12.25 -15.38 -25.59
C PRO B 594 13.10 -15.77 -26.76
N ALA B 595 14.43 -15.63 -26.67
CA ALA B 595 15.35 -16.10 -27.70
C ALA B 595 15.25 -17.63 -27.89
N ARG B 596 14.86 -18.38 -26.84
CA ARG B 596 14.69 -19.83 -26.93
C ARG B 596 13.25 -20.24 -26.84
N GLY B 597 12.47 -19.63 -25.95
CA GLY B 597 11.11 -20.15 -25.74
C GLY B 597 11.17 -21.52 -25.08
N PRO B 598 10.05 -22.27 -25.06
CA PRO B 598 8.75 -21.98 -25.63
C PRO B 598 7.93 -20.85 -24.95
N GLN B 599 8.13 -20.68 -23.64
CA GLN B 599 7.51 -19.61 -22.87
C GLN B 599 7.97 -18.23 -23.35
N LEU B 600 7.03 -17.39 -23.75
CA LEU B 600 7.33 -16.01 -24.11
C LEU B 600 6.93 -15.09 -22.94
N THR B 601 5.79 -15.37 -22.32
CA THR B 601 5.27 -14.60 -21.23
C THR B 601 5.56 -15.19 -19.84
N LEU B 602 5.58 -14.30 -18.86
CA LEU B 602 5.60 -14.68 -17.45
C LEU B 602 4.32 -14.20 -16.81
N PHE B 603 3.83 -15.03 -15.90
CA PHE B 603 2.69 -14.74 -15.05
C PHE B 603 3.01 -13.66 -14.04
N VAL B 604 2.11 -12.67 -13.93
CA VAL B 604 2.17 -11.60 -12.93
C VAL B 604 0.94 -11.60 -12.08
N PRO B 605 1.09 -12.09 -10.83
CA PRO B 605 -0.04 -12.14 -9.94
C PRO B 605 -0.41 -10.77 -9.45
N GLN B 606 -1.69 -10.51 -9.33
CA GLN B 606 -2.20 -9.14 -9.14
C GLN B 606 -1.76 -8.51 -7.82
N HIS B 607 -1.51 -9.31 -6.78
CA HIS B 607 -1.31 -8.76 -5.47
C HIS B 607 0.03 -8.08 -5.26
N ILE B 608 0.98 -8.24 -6.15
CA ILE B 608 2.18 -7.41 -6.06
C ILE B 608 2.02 -6.08 -6.82
N LEU B 609 0.91 -5.84 -7.52
CA LEU B 609 0.70 -4.54 -8.20
C LEU B 609 0.01 -3.60 -7.25
N MET B 610 0.26 -2.31 -7.37
CA MET B 610 -0.43 -1.39 -6.51
C MET B 610 -1.08 -0.23 -7.27
N THR B 611 -2.04 0.41 -6.62
CA THR B 611 -2.72 1.59 -7.15
C THR B 611 -2.25 2.89 -6.48
N SER B 612 -1.61 2.75 -5.34
CA SER B 612 -1.30 3.87 -4.43
C SER B 612 0.05 4.54 -4.75
N ALA B 613 0.67 4.12 -5.86
CA ALA B 613 2.05 4.46 -6.13
C ALA B 613 2.46 3.82 -7.42
N PRO B 614 3.42 4.38 -8.13
CA PRO B 614 3.89 3.70 -9.34
C PRO B 614 4.46 2.29 -9.06
N ASN B 615 4.16 1.37 -9.98
CA ASN B 615 4.71 0.05 -10.08
C ASN B 615 5.99 0.11 -10.87
N THR B 616 7.07 -0.32 -10.21
CA THR B 616 8.40 -0.25 -10.78
C THR B 616 8.80 -1.62 -11.34
N ILE B 617 9.02 -1.67 -12.66
CA ILE B 617 9.48 -2.88 -13.35
C ILE B 617 11.01 -2.78 -13.40
N THR B 618 11.70 -3.83 -12.96
CA THR B 618 13.14 -3.92 -13.17
C THR B 618 13.44 -5.07 -14.06
N VAL B 619 14.16 -4.81 -15.13
CA VAL B 619 14.64 -5.89 -16.01
C VAL B 619 16.18 -5.92 -15.97
N LEU B 620 16.75 -7.05 -15.55
CA LEU B 620 18.14 -7.37 -15.76
C LEU B 620 18.31 -8.15 -17.06
N GLU B 621 18.75 -7.47 -18.10
CA GLU B 621 19.02 -8.08 -19.38
C GLU B 621 20.48 -8.47 -19.51
N LEU B 622 20.72 -9.68 -19.96
CA LEU B 622 22.08 -10.25 -19.88
C LEU B 622 22.87 -10.30 -21.19
N GLU B 623 22.17 -10.22 -22.30
CA GLU B 623 22.75 -10.47 -23.61
C GLU B 623 22.52 -9.35 -24.60
N TRP B 624 21.27 -8.93 -24.82
CA TRP B 624 21.01 -7.81 -25.80
C TRP B 624 19.67 -7.16 -25.51
N ALA B 625 19.72 -5.85 -25.28
CA ALA B 625 18.54 -5.04 -24.93
C ALA B 625 18.20 -4.21 -26.13
N PRO B 626 16.90 -4.00 -26.38
CA PRO B 626 16.54 -3.22 -27.58
C PRO B 626 16.43 -1.76 -27.23
N CYS B 627 17.52 -1.19 -26.76
CA CYS B 627 17.49 0.10 -26.06
C CYS B 627 18.58 1.05 -26.51
N SER B 628 19.18 0.78 -27.66
CA SER B 628 20.26 1.64 -28.21
C SER B 628 19.74 2.55 -29.27
N SER B 629 18.72 2.11 -30.01
CA SER B 629 18.11 2.99 -31.00
C SER B 629 17.66 4.27 -30.28
N ASP B 630 17.43 5.30 -31.09
CA ASP B 630 17.00 6.58 -30.60
C ASP B 630 15.49 6.55 -30.41
N ASP B 631 14.84 5.55 -30.99
CA ASP B 631 13.45 5.24 -30.71
C ASP B 631 13.34 4.61 -29.31
N PRO B 632 13.04 5.42 -28.29
CA PRO B 632 12.94 4.86 -26.95
C PRO B 632 11.70 3.98 -26.78
N GLU B 633 10.73 4.11 -27.67
CA GLU B 633 9.57 3.25 -27.63
C GLU B 633 9.93 1.78 -27.81
N LEU B 634 11.12 1.47 -28.37
CA LEU B 634 11.54 0.08 -28.47
C LEU B 634 12.07 -0.45 -27.14
N CYS B 635 12.44 0.42 -26.23
CA CYS B 635 12.99 -0.07 -24.97
C CYS B 635 11.80 -0.20 -24.04
N ALA B 636 11.19 -1.37 -24.03
CA ALA B 636 9.83 -1.54 -23.50
C ALA B 636 9.44 -2.97 -23.31
N VAL B 637 8.51 -3.18 -22.42
CA VAL B 637 7.90 -4.49 -22.27
C VAL B 637 6.38 -4.33 -22.43
N THR B 638 5.68 -5.43 -22.59
CA THR B 638 4.24 -5.40 -22.80
C THR B 638 3.50 -6.36 -21.89
N PHE B 639 2.36 -5.91 -21.37
CA PHE B 639 1.48 -6.70 -20.55
C PHE B 639 0.26 -7.10 -21.39
N VAL B 640 0.04 -8.39 -21.46
CA VAL B 640 -1.01 -8.96 -22.27
C VAL B 640 -1.97 -9.83 -21.39
N ASP B 641 -3.16 -10.15 -21.90
CA ASP B 641 -4.17 -10.83 -21.08
C ASP B 641 -4.27 -12.34 -21.32
N ARG B 642 -3.30 -12.85 -22.08
CA ARG B 642 -3.19 -14.25 -22.37
C ARG B 642 -1.72 -14.70 -22.40
N PRO B 643 -1.45 -15.89 -21.85
CA PRO B 643 -0.11 -16.37 -21.81
C PRO B 643 0.30 -16.85 -23.16
N VAL B 644 1.60 -16.80 -23.41
CA VAL B 644 2.18 -17.63 -24.46
C VAL B 644 3.26 -18.53 -23.87
N ILE B 645 2.87 -19.70 -23.34
CA ILE B 645 3.84 -20.69 -22.82
C ILE B 645 4.22 -21.76 -23.87
N GLY B 646 3.63 -21.66 -25.07
CA GLY B 646 3.89 -22.64 -26.12
C GLY B 646 3.80 -22.08 -27.52
N SER B 647 4.54 -20.99 -27.77
CA SER B 647 4.68 -20.39 -29.10
C SER B 647 5.10 -21.40 -30.19
N SER B 648 5.04 -20.95 -31.44
CA SER B 648 5.34 -21.79 -32.60
C SER B 648 6.19 -21.01 -33.60
N GLN C 30 -8.49 33.52 -9.57
CA GLN C 30 -9.83 33.93 -10.10
C GLN C 30 -10.25 33.16 -11.38
N ARG C 31 -11.04 32.09 -11.21
CA ARG C 31 -11.49 31.23 -12.29
C ARG C 31 -12.79 31.71 -12.89
N MET C 32 -12.94 31.56 -14.19
CA MET C 32 -14.09 32.12 -14.90
C MET C 32 -14.58 31.19 -16.01
N PHE C 33 -15.90 31.16 -16.17
CA PHE C 33 -16.54 30.43 -17.25
C PHE C 33 -17.73 31.25 -17.75
N GLU C 34 -17.69 31.70 -18.98
CA GLU C 34 -18.72 32.60 -19.51
C GLU C 34 -19.06 32.33 -20.96
N ILE C 35 -20.18 32.88 -21.41
CA ILE C 35 -20.52 32.84 -22.81
C ILE C 35 -19.88 34.07 -23.39
N ASP C 36 -19.11 33.87 -24.45
CA ASP C 36 -18.58 34.98 -25.25
C ASP C 36 -19.42 35.06 -26.53
N TYR C 37 -20.20 36.12 -26.59
CA TYR C 37 -21.17 36.29 -27.65
C TYR C 37 -20.50 36.68 -28.99
N SER C 38 -19.30 37.25 -28.95
CA SER C 38 -18.61 37.67 -30.16
C SER C 38 -17.96 36.53 -30.92
N ARG C 39 -17.61 35.42 -30.25
CA ARG C 39 -17.08 34.24 -30.96
C ARG C 39 -18.01 33.01 -30.96
N ASP C 40 -19.26 33.20 -30.54
CA ASP C 40 -20.25 32.11 -30.60
C ASP C 40 -19.69 30.90 -29.86
N SER C 41 -19.21 31.19 -28.64
CA SER C 41 -18.43 30.25 -27.86
C SER C 41 -18.49 30.51 -26.33
N PHE C 42 -18.07 29.51 -25.56
CA PHE C 42 -17.75 29.70 -24.16
C PHE C 42 -16.29 30.15 -24.06
N LEU C 43 -15.97 30.83 -22.95
CA LEU C 43 -14.61 31.12 -22.52
C LEU C 43 -14.37 30.57 -21.12
N LYS C 44 -13.49 29.61 -21.00
CA LYS C 44 -13.08 29.08 -19.72
C LYS C 44 -11.70 29.69 -19.46
N ASP C 45 -11.59 30.47 -18.37
CA ASP C 45 -10.39 31.23 -18.02
C ASP C 45 -9.87 32.10 -19.19
N GLY C 46 -10.75 32.85 -19.84
CA GLY C 46 -10.39 33.66 -21.02
C GLY C 46 -10.06 32.95 -22.34
N GLN C 47 -10.07 31.62 -22.35
CA GLN C 47 -9.80 30.87 -23.61
C GLN C 47 -11.04 30.19 -24.18
N PRO C 48 -11.18 30.15 -25.54
CA PRO C 48 -12.31 29.43 -26.16
C PRO C 48 -12.41 28.01 -25.65
N PHE C 49 -13.64 27.55 -25.39
CA PHE C 49 -13.82 26.23 -24.80
C PHE C 49 -15.13 25.68 -25.32
N ARG C 50 -15.14 24.42 -25.76
CA ARG C 50 -16.40 23.70 -25.86
C ARG C 50 -16.34 22.33 -25.25
N TYR C 51 -17.50 21.93 -24.78
CA TYR C 51 -17.58 20.71 -24.05
C TYR C 51 -18.09 19.59 -24.89
N ILE C 52 -17.55 18.43 -24.56
CA ILE C 52 -17.98 17.18 -25.12
C ILE C 52 -18.23 16.36 -23.86
N SER C 53 -19.52 16.25 -23.58
CA SER C 53 -20.01 15.71 -22.35
C SER C 53 -20.88 14.46 -22.59
N GLY C 54 -21.10 13.75 -21.50
CA GLY C 54 -21.85 12.49 -21.43
C GLY C 54 -22.71 12.55 -20.17
N SER C 55 -23.97 12.14 -20.27
CA SER C 55 -24.84 12.05 -19.11
C SER C 55 -24.56 10.77 -18.30
N ILE C 56 -24.53 10.96 -16.98
CA ILE C 56 -24.49 9.90 -16.00
C ILE C 56 -25.31 10.38 -14.82
N HIS C 57 -26.26 9.56 -14.40
CA HIS C 57 -27.13 9.84 -13.28
C HIS C 57 -26.63 9.05 -12.04
N TYR C 58 -26.05 9.81 -11.11
CA TYR C 58 -25.47 9.23 -9.90
C TYR C 58 -26.51 8.43 -9.16
N SER C 59 -27.81 8.82 -9.28
CA SER C 59 -28.90 8.07 -8.65
C SER C 59 -29.19 6.71 -9.31
N ARG C 60 -28.57 6.45 -10.44
CA ARG C 60 -28.75 5.22 -11.21
C ARG C 60 -27.53 4.30 -11.22
N VAL C 61 -26.46 4.73 -10.58
CA VAL C 61 -25.22 3.92 -10.41
C VAL C 61 -24.89 3.85 -8.94
N PRO C 62 -24.66 2.65 -8.40
CA PRO C 62 -24.17 2.68 -7.02
C PRO C 62 -22.85 3.46 -6.86
N ARG C 63 -22.74 4.21 -5.77
CA ARG C 63 -21.52 4.94 -5.44
C ARG C 63 -20.27 4.06 -5.53
N PHE C 64 -20.42 2.80 -5.15
CA PHE C 64 -19.35 1.83 -5.32
C PHE C 64 -18.69 1.92 -6.72
N TYR C 65 -19.49 2.18 -7.73
CA TYR C 65 -19.04 2.21 -9.11
C TYR C 65 -18.93 3.60 -9.74
N TRP C 66 -19.17 4.67 -9.00
CA TRP C 66 -19.07 6.02 -9.58
C TRP C 66 -17.70 6.26 -10.21
N LYS C 67 -16.62 5.84 -9.53
CA LYS C 67 -15.26 6.12 -10.03
C LYS C 67 -15.02 5.36 -11.29
N ASP C 68 -15.47 4.12 -11.34
CA ASP C 68 -15.35 3.33 -12.57
C ASP C 68 -16.02 3.95 -13.79
N ARG C 69 -17.27 4.37 -13.65
CA ARG C 69 -18.02 4.86 -14.82
C ARG C 69 -17.42 6.19 -15.27
N LEU C 70 -17.14 7.05 -14.30
CA LEU C 70 -16.55 8.34 -14.57
C LEU C 70 -15.18 8.21 -15.24
N LEU C 71 -14.37 7.24 -14.78
CA LEU C 71 -13.07 7.12 -15.39
C LEU C 71 -13.21 6.55 -16.82
N LYS C 72 -14.13 5.64 -17.06
CA LYS C 72 -14.36 5.17 -18.43
C LYS C 72 -14.81 6.34 -19.33
N MET C 73 -15.57 7.26 -18.73
CA MET C 73 -16.07 8.42 -19.44
C MET C 73 -14.94 9.33 -19.85
N LYS C 74 -14.07 9.61 -18.89
CA LYS C 74 -12.85 10.39 -19.16
C LYS C 74 -11.96 9.76 -20.24
N MET C 75 -11.81 8.44 -20.21
CA MET C 75 -10.95 7.78 -21.16
C MET C 75 -11.57 7.77 -22.54
N ALA C 76 -12.85 8.09 -22.67
CA ALA C 76 -13.47 8.16 -23.99
C ALA C 76 -13.22 9.53 -24.66
N GLY C 77 -12.67 10.46 -23.90
CA GLY C 77 -12.33 11.78 -24.40
C GLY C 77 -13.27 12.88 -24.03
N LEU C 78 -14.20 12.59 -23.13
CA LEU C 78 -15.14 13.57 -22.61
C LEU C 78 -14.44 14.55 -21.70
N ASN C 79 -14.76 15.84 -21.80
CA ASN C 79 -14.18 16.79 -20.93
C ASN C 79 -15.17 17.23 -19.89
N ALA C 80 -16.34 16.61 -19.95
CA ALA C 80 -17.41 16.90 -18.99
C ALA C 80 -18.51 15.84 -18.83
N ILE C 81 -19.21 15.90 -17.72
CA ILE C 81 -20.35 15.06 -17.48
C ILE C 81 -21.56 15.95 -17.19
N GLN C 82 -22.73 15.42 -17.50
CA GLN C 82 -23.97 16.09 -17.18
C GLN C 82 -24.79 15.14 -16.35
N THR C 83 -25.51 15.71 -15.38
CA THR C 83 -26.32 14.92 -14.50
C THR C 83 -27.53 15.70 -13.95
N TYR C 84 -28.54 14.94 -13.53
CA TYR C 84 -29.75 15.41 -12.92
C TYR C 84 -29.68 15.19 -11.40
N VAL C 85 -30.24 16.12 -10.66
CA VAL C 85 -30.46 15.98 -9.24
C VAL C 85 -31.96 15.74 -9.02
N PRO C 86 -32.32 14.51 -8.65
CA PRO C 86 -33.71 14.19 -8.50
C PRO C 86 -34.13 14.56 -7.12
N TRP C 87 -35.00 15.56 -7.05
CA TRP C 87 -35.43 16.12 -5.78
C TRP C 87 -35.93 15.06 -4.83
N ASN C 88 -36.82 14.21 -5.32
CA ASN C 88 -37.37 13.12 -4.52
C ASN C 88 -36.37 12.09 -3.99
N PHE C 89 -35.19 12.03 -4.58
CA PHE C 89 -34.12 11.10 -4.15
C PHE C 89 -33.47 11.67 -2.89
N HIS C 90 -33.59 12.98 -2.68
CA HIS C 90 -32.96 13.67 -1.58
C HIS C 90 -33.86 14.23 -0.51
N GLU C 91 -35.14 14.43 -0.80
CA GLU C 91 -36.08 14.92 0.19
C GLU C 91 -37.30 14.04 0.14
N PRO C 92 -37.23 12.80 0.72
CA PRO C 92 -38.34 11.85 0.69
C PRO C 92 -39.62 12.31 1.47
N TRP C 93 -39.44 13.17 2.47
CA TRP C 93 -40.52 13.80 3.24
C TRP C 93 -40.04 15.20 3.58
N PRO C 94 -40.96 16.15 3.73
CA PRO C 94 -40.48 17.53 3.93
C PRO C 94 -39.52 17.69 5.12
N GLY C 95 -38.41 18.40 4.92
CA GLY C 95 -37.35 18.59 5.93
C GLY C 95 -36.55 17.36 6.38
N GLN C 96 -36.68 16.26 5.65
CA GLN C 96 -35.94 15.03 5.91
C GLN C 96 -35.08 14.70 4.67
N TYR C 97 -33.77 14.87 4.80
CA TYR C 97 -32.88 14.87 3.64
C TYR C 97 -31.98 13.65 3.60
N GLN C 98 -31.56 13.24 2.39
CA GLN C 98 -30.61 12.12 2.20
C GLN C 98 -29.54 12.61 1.26
N PHE C 99 -28.38 12.81 1.83
CA PHE C 99 -27.24 13.32 1.14
C PHE C 99 -26.01 12.47 1.44
N SER C 100 -26.21 11.25 1.92
CA SER C 100 -25.10 10.34 2.31
C SER C 100 -24.99 9.12 1.42
N GLU C 101 -23.81 8.51 1.37
CA GLU C 101 -23.56 7.24 0.68
C GLU C 101 -24.05 7.41 -0.75
N ASP C 102 -25.02 6.64 -1.20
CA ASP C 102 -25.41 6.67 -2.60
C ASP C 102 -26.14 7.96 -2.96
N HIS C 103 -26.53 8.76 -1.94
CA HIS C 103 -27.28 10.00 -2.14
C HIS C 103 -26.36 11.20 -2.03
N ASP C 104 -25.04 10.93 -2.05
CA ASP C 104 -24.06 11.99 -1.82
C ASP C 104 -23.65 12.74 -3.09
N VAL C 105 -24.51 13.65 -3.51
CA VAL C 105 -24.32 14.29 -4.78
C VAL C 105 -23.10 15.14 -4.72
N GLU C 106 -22.83 15.76 -3.57
CA GLU C 106 -21.68 16.63 -3.45
C GLU C 106 -20.41 15.81 -3.69
N TYR C 107 -20.36 14.64 -3.09
CA TYR C 107 -19.21 13.78 -3.28
C TYR C 107 -19.05 13.39 -4.74
N PHE C 108 -20.16 13.09 -5.42
CA PHE C 108 -20.12 12.73 -6.84
C PHE C 108 -19.43 13.80 -7.67
N LEU C 109 -19.81 15.05 -7.44
CA LEU C 109 -19.29 16.15 -8.22
C LEU C 109 -17.80 16.42 -7.89
N ARG C 110 -17.38 16.25 -6.63
CA ARG C 110 -15.98 16.42 -6.27
C ARG C 110 -15.18 15.32 -6.92
N LEU C 111 -15.78 14.15 -7.06
CA LEU C 111 -15.07 13.01 -7.64
C LEU C 111 -14.88 13.27 -9.14
N ALA C 112 -15.91 13.81 -9.78
CA ALA C 112 -15.79 14.10 -11.19
C ALA C 112 -14.72 15.16 -11.37
N HIS C 113 -14.71 16.14 -10.47
CA HIS C 113 -13.67 17.14 -10.48
C HIS C 113 -12.22 16.58 -10.28
N GLU C 114 -12.07 15.71 -9.28
CA GLU C 114 -10.78 15.05 -9.05
C GLU C 114 -10.28 14.32 -10.30
N LEU C 115 -11.18 13.73 -11.07
CA LEU C 115 -10.85 13.06 -12.33
C LEU C 115 -10.61 14.00 -13.53
N GLY C 116 -10.68 15.31 -13.33
CA GLY C 116 -10.48 16.27 -14.43
C GLY C 116 -11.71 16.45 -15.32
N LEU C 117 -12.92 16.24 -14.77
CA LEU C 117 -14.16 16.43 -15.52
C LEU C 117 -14.93 17.65 -14.99
N LEU C 118 -15.39 18.49 -15.91
CA LEU C 118 -16.24 19.61 -15.57
C LEU C 118 -17.67 19.04 -15.54
N VAL C 119 -18.57 19.76 -14.92
CA VAL C 119 -19.95 19.28 -14.72
C VAL C 119 -20.98 20.30 -15.26
N ILE C 120 -21.91 19.80 -16.09
CA ILE C 120 -23.14 20.49 -16.39
C ILE C 120 -24.18 19.98 -15.41
N LEU C 121 -24.66 20.84 -14.53
CA LEU C 121 -25.65 20.47 -13.53
C LEU C 121 -27.09 20.74 -13.90
N ARG C 122 -27.93 19.74 -13.67
CA ARG C 122 -29.32 19.84 -14.03
C ARG C 122 -30.20 19.56 -12.83
N PRO C 123 -30.39 20.58 -11.97
CA PRO C 123 -31.01 20.37 -10.66
C PRO C 123 -32.52 20.52 -10.68
N GLY C 124 -33.11 20.72 -11.85
CA GLY C 124 -34.55 20.66 -11.96
C GLY C 124 -35.24 21.96 -11.61
N PRO C 125 -36.24 21.91 -10.73
CA PRO C 125 -36.65 20.93 -9.76
C PRO C 125 -37.42 19.80 -10.35
N TYR C 126 -37.83 19.98 -11.59
CA TYR C 126 -38.39 18.88 -12.41
C TYR C 126 -37.30 18.47 -13.39
N ILE C 127 -37.07 17.17 -13.51
CA ILE C 127 -36.01 16.62 -14.35
C ILE C 127 -36.48 15.66 -15.43
N CYS C 128 -37.74 15.20 -15.36
CA CYS C 128 -38.30 14.25 -16.35
C CYS C 128 -37.53 12.91 -16.23
N ALA C 129 -36.62 12.62 -17.17
CA ALA C 129 -35.58 11.62 -16.94
C ALA C 129 -36.04 10.16 -16.75
N GLU C 130 -37.29 9.83 -17.15
CA GLU C 130 -37.79 8.49 -16.97
C GLU C 130 -37.67 8.03 -15.50
N TRP C 131 -37.86 8.97 -14.58
CA TRP C 131 -37.68 8.79 -13.16
C TRP C 131 -38.99 9.20 -12.51
N GLU C 132 -39.33 8.49 -11.43
CA GLU C 132 -40.57 8.69 -10.69
C GLU C 132 -40.98 10.15 -10.61
N MET C 133 -42.16 10.45 -11.13
CA MET C 133 -42.75 11.79 -11.12
C MET C 133 -41.81 12.89 -11.62
N GLY C 134 -40.92 12.53 -12.52
CA GLY C 134 -39.97 13.52 -13.05
C GLY C 134 -39.13 14.14 -11.98
N GLY C 135 -38.92 13.42 -10.87
CA GLY C 135 -38.09 13.93 -9.76
C GLY C 135 -38.83 14.64 -8.67
N LEU C 136 -40.09 15.00 -8.95
CA LEU C 136 -40.91 15.76 -8.02
C LEU C 136 -41.30 14.87 -6.86
N PRO C 137 -41.19 15.37 -5.63
CA PRO C 137 -41.67 14.58 -4.52
C PRO C 137 -43.19 14.35 -4.49
N ALA C 138 -43.59 13.12 -4.23
CA ALA C 138 -44.99 12.76 -4.20
C ALA C 138 -45.77 13.47 -3.10
N TRP C 139 -45.08 13.89 -2.02
CA TRP C 139 -45.73 14.60 -0.94
C TRP C 139 -46.30 15.92 -1.43
N LEU C 140 -45.80 16.45 -2.55
CA LEU C 140 -46.37 17.71 -3.09
C LEU C 140 -47.89 17.53 -3.31
N LEU C 141 -48.29 16.31 -3.65
CA LEU C 141 -49.68 16.00 -3.95
C LEU C 141 -50.60 15.94 -2.74
N GLU C 142 -50.06 16.10 -1.54
CA GLU C 142 -50.88 16.28 -0.31
C GLU C 142 -51.81 17.50 -0.47
N LYS C 143 -51.41 18.46 -1.30
CA LYS C 143 -52.35 19.41 -1.88
C LYS C 143 -52.92 18.82 -3.23
N GLU C 144 -54.12 18.24 -3.16
CA GLU C 144 -54.73 17.57 -4.32
C GLU C 144 -54.79 18.41 -5.59
N SER C 145 -55.05 19.71 -5.46
CA SER C 145 -55.21 20.58 -6.64
C SER C 145 -53.90 21.26 -7.01
N ILE C 146 -52.77 20.81 -6.43
CA ILE C 146 -51.48 21.45 -6.81
C ILE C 146 -51.29 21.42 -8.32
N LEU C 147 -50.87 22.55 -8.86
CA LEU C 147 -50.49 22.68 -10.25
C LEU C 147 -48.96 22.64 -10.27
N LEU C 148 -48.43 21.47 -10.57
CA LEU C 148 -46.97 21.28 -10.62
C LEU C 148 -46.35 22.04 -11.78
N ARG C 149 -45.11 22.47 -11.59
CA ARG C 149 -44.34 23.24 -12.61
C ARG C 149 -45.08 24.52 -13.05
N SER C 150 -45.42 25.37 -12.08
CA SER C 150 -46.18 26.61 -12.33
C SER C 150 -45.94 27.57 -11.17
N SER C 151 -46.65 28.71 -11.17
CA SER C 151 -46.56 29.70 -10.08
C SER C 151 -47.48 29.37 -8.95
N ASP C 152 -48.13 28.21 -9.01
CA ASP C 152 -48.90 27.73 -7.87
C ASP C 152 -48.05 28.02 -6.60
N PRO C 153 -48.59 28.82 -5.67
CA PRO C 153 -47.76 29.34 -4.58
C PRO C 153 -47.22 28.29 -3.58
N ASP C 154 -47.97 27.20 -3.42
CA ASP C 154 -47.53 26.12 -2.53
C ASP C 154 -46.40 25.34 -3.19
N TYR C 155 -46.54 25.10 -4.50
CA TYR C 155 -45.47 24.50 -5.27
C TYR C 155 -44.25 25.40 -5.16
N LEU C 156 -44.38 26.71 -5.40
CA LEU C 156 -43.24 27.59 -5.30
C LEU C 156 -42.58 27.51 -3.93
N ALA C 157 -43.41 27.50 -2.88
CA ALA C 157 -42.93 27.52 -1.48
C ALA C 157 -42.06 26.29 -1.21
N ALA C 158 -42.54 25.15 -1.64
CA ALA C 158 -41.78 23.89 -1.52
C ALA C 158 -40.49 23.93 -2.34
N VAL C 159 -40.58 24.35 -3.59
CA VAL C 159 -39.41 24.52 -4.42
C VAL C 159 -38.42 25.42 -3.76
N ASP C 160 -38.88 26.60 -3.32
CA ASP C 160 -37.98 27.54 -2.67
C ASP C 160 -37.24 26.94 -1.48
N LYS C 161 -37.94 26.19 -0.65
CA LYS C 161 -37.31 25.49 0.46
C LYS C 161 -36.20 24.50 0.02
N TRP C 162 -36.50 23.72 -1.03
CA TRP C 162 -35.52 22.76 -1.60
C TRP C 162 -34.31 23.48 -2.24
N LEU C 163 -34.55 24.56 -3.00
CA LEU C 163 -33.46 25.29 -3.56
C LEU C 163 -32.59 25.83 -2.45
N GLY C 164 -33.20 26.14 -1.31
CA GLY C 164 -32.47 26.67 -0.18
C GLY C 164 -31.63 25.65 0.60
N VAL C 165 -31.85 24.37 0.36
CA VAL C 165 -30.99 23.30 0.87
C VAL C 165 -29.97 22.83 -0.18
N LEU C 166 -30.41 22.64 -1.42
CA LEU C 166 -29.55 22.15 -2.48
C LEU C 166 -28.60 23.19 -3.01
N LEU C 167 -29.06 24.40 -3.34
CA LEU C 167 -28.15 25.33 -4.03
C LEU C 167 -26.95 25.82 -3.21
N PRO C 168 -27.10 26.00 -1.89
CA PRO C 168 -25.94 26.43 -1.14
C PRO C 168 -24.88 25.33 -1.09
N LYS C 169 -25.30 24.07 -1.21
CA LYS C 169 -24.37 22.96 -1.39
C LYS C 169 -23.60 22.98 -2.71
N MET C 170 -24.27 23.42 -3.78
CA MET C 170 -23.70 23.51 -5.12
C MET C 170 -22.78 24.71 -5.29
N LYS C 171 -23.07 25.82 -4.61
CA LYS C 171 -22.26 27.04 -4.73
C LYS C 171 -20.74 26.86 -4.66
N PRO C 172 -20.21 26.21 -3.61
CA PRO C 172 -18.76 25.99 -3.59
C PRO C 172 -18.29 25.03 -4.67
N LEU C 173 -19.20 24.33 -5.32
CA LEU C 173 -18.79 23.47 -6.46
C LEU C 173 -18.93 24.12 -7.85
N LEU C 174 -19.36 25.36 -7.90
CA LEU C 174 -19.21 26.13 -9.11
C LEU C 174 -17.74 26.36 -9.53
N TYR C 175 -17.52 26.35 -10.86
CA TYR C 175 -16.22 26.61 -11.46
C TYR C 175 -15.57 27.83 -10.87
N GLN C 176 -16.34 28.88 -10.68
CA GLN C 176 -15.78 30.15 -10.25
C GLN C 176 -15.26 30.03 -8.81
N ASN C 177 -15.80 29.08 -8.03
CA ASN C 177 -15.40 28.90 -6.63
C ASN C 177 -14.46 27.73 -6.40
N GLY C 178 -13.94 27.16 -7.47
CA GLY C 178 -12.95 26.07 -7.39
C GLY C 178 -13.46 24.70 -7.73
N GLY C 179 -14.74 24.61 -8.10
CA GLY C 179 -15.36 23.33 -8.42
C GLY C 179 -15.46 23.05 -9.91
N PRO C 180 -16.14 21.95 -10.28
CA PRO C 180 -16.35 21.53 -11.68
C PRO C 180 -17.55 22.16 -12.40
N VAL C 181 -18.50 22.73 -11.66
CA VAL C 181 -19.76 23.06 -12.29
C VAL C 181 -19.61 24.33 -13.16
N ILE C 182 -19.76 24.14 -14.46
CA ILE C 182 -19.58 25.19 -15.46
C ILE C 182 -20.91 25.83 -15.90
N THR C 183 -22.00 25.05 -15.96
CA THR C 183 -23.32 25.55 -16.36
C THR C 183 -24.44 24.82 -15.59
N VAL C 184 -25.59 25.47 -15.45
CA VAL C 184 -26.68 24.93 -14.67
C VAL C 184 -28.01 25.14 -15.38
N GLN C 185 -28.70 24.03 -15.62
CA GLN C 185 -29.98 24.07 -16.29
C GLN C 185 -31.11 24.40 -15.33
N VAL C 186 -31.93 25.35 -15.78
CA VAL C 186 -33.15 25.76 -15.09
C VAL C 186 -34.33 24.97 -15.66
N GLU C 187 -35.01 24.21 -14.80
CA GLU C 187 -36.17 23.42 -15.23
C GLU C 187 -35.72 22.41 -16.28
N ASN C 188 -36.63 21.80 -17.02
CA ASN C 188 -36.29 20.82 -18.03
C ASN C 188 -37.38 20.74 -19.09
N GLU C 189 -37.10 21.28 -20.27
CA GLU C 189 -38.06 21.20 -21.36
C GLU C 189 -39.43 21.76 -20.94
N TYR C 190 -39.39 22.90 -20.30
CA TYR C 190 -40.62 23.54 -19.83
C TYR C 190 -41.55 23.90 -20.99
N GLY C 191 -40.94 24.15 -22.16
CA GLY C 191 -41.68 24.40 -23.38
C GLY C 191 -42.54 23.23 -23.79
N SER C 192 -42.32 22.03 -23.24
CA SER C 192 -43.17 20.93 -23.65
C SER C 192 -44.37 20.78 -22.72
N TYR C 193 -44.40 21.49 -21.61
CA TYR C 193 -45.47 21.33 -20.62
C TYR C 193 -46.61 22.27 -21.00
N PHE C 194 -47.81 22.00 -20.53
CA PHE C 194 -48.98 22.72 -21.01
C PHE C 194 -49.09 24.08 -20.37
N ALA C 195 -48.59 24.22 -19.16
CA ALA C 195 -48.94 25.38 -18.34
C ALA C 195 -48.41 26.71 -18.88
N CYS C 196 -47.22 26.74 -19.47
CA CYS C 196 -46.61 27.93 -20.06
C CYS C 196 -46.54 29.12 -19.06
N ASP C 197 -46.27 28.82 -17.79
CA ASP C 197 -46.18 29.88 -16.77
C ASP C 197 -44.79 30.57 -16.72
N PHE C 198 -44.70 31.76 -17.33
CA PHE C 198 -43.41 32.47 -17.38
C PHE C 198 -43.02 33.07 -16.03
N ASP C 199 -43.98 33.37 -15.15
CA ASP C 199 -43.61 33.78 -13.81
C ASP C 199 -42.84 32.66 -13.06
N TYR C 200 -43.21 31.40 -13.26
CA TYR C 200 -42.51 30.26 -12.62
C TYR C 200 -41.06 30.28 -13.08
N LEU C 201 -40.84 30.36 -14.40
CA LEU C 201 -39.48 30.39 -14.93
C LEU C 201 -38.68 31.58 -14.42
N ARG C 202 -39.31 32.74 -14.28
CA ARG C 202 -38.64 33.91 -13.72
C ARG C 202 -38.31 33.74 -12.24
N PHE C 203 -39.24 33.12 -11.52
CA PHE C 203 -39.00 32.74 -10.13
C PHE C 203 -37.76 31.84 -10.01
N LEU C 204 -37.64 30.83 -10.84
CA LEU C 204 -36.44 29.97 -10.71
C LEU C 204 -35.15 30.75 -11.04
N GLN C 205 -35.19 31.57 -12.10
CA GLN C 205 -34.03 32.35 -12.47
C GLN C 205 -33.55 33.17 -11.25
N LYS C 206 -34.50 33.83 -10.60
CA LYS C 206 -34.22 34.72 -9.51
C LYS C 206 -33.68 33.91 -8.32
N ARG C 207 -34.27 32.75 -8.03
CA ARG C 207 -33.80 32.01 -6.85
C ARG C 207 -32.43 31.37 -7.11
N PHE C 208 -32.16 30.87 -8.33
CA PHE C 208 -30.83 30.27 -8.65
C PHE C 208 -29.77 31.37 -8.58
N ARG C 209 -30.09 32.52 -9.18
CA ARG C 209 -29.23 33.70 -9.08
C ARG C 209 -29.01 34.11 -7.62
N HIS C 210 -30.05 34.16 -6.80
CA HIS C 210 -29.87 34.43 -5.38
C HIS C 210 -28.87 33.47 -4.72
N HIS C 211 -28.97 32.16 -4.97
CA HIS C 211 -28.11 31.23 -4.23
C HIS C 211 -26.73 31.05 -4.86
N LEU C 212 -26.64 31.21 -6.19
CA LEU C 212 -25.44 30.84 -6.95
C LEU C 212 -24.60 32.03 -7.46
N GLY C 213 -25.15 33.23 -7.39
CA GLY C 213 -24.45 34.41 -7.90
C GLY C 213 -24.76 34.73 -9.33
N ASP C 214 -24.17 35.81 -9.83
CA ASP C 214 -24.51 36.40 -11.12
C ASP C 214 -23.58 36.01 -12.26
N ASP C 215 -22.59 35.19 -11.98
CA ASP C 215 -21.66 34.83 -13.02
C ASP C 215 -22.02 33.48 -13.61
N VAL C 216 -22.62 32.58 -12.80
CA VAL C 216 -22.92 31.23 -13.28
C VAL C 216 -23.79 31.27 -14.54
N VAL C 217 -23.35 30.50 -15.54
CA VAL C 217 -24.11 30.34 -16.76
C VAL C 217 -25.33 29.47 -16.49
N LEU C 218 -26.50 30.09 -16.56
CA LEU C 218 -27.78 29.38 -16.44
C LEU C 218 -28.39 29.20 -17.81
N PHE C 219 -29.03 28.06 -18.03
CA PHE C 219 -29.54 27.75 -19.38
C PHE C 219 -30.79 26.96 -19.30
N THR C 220 -31.51 26.93 -20.44
CA THR C 220 -32.62 26.02 -20.67
C THR C 220 -32.38 25.03 -21.79
N THR C 221 -33.21 23.98 -21.79
CA THR C 221 -33.18 22.97 -22.81
C THR C 221 -34.58 22.68 -23.23
N ASP C 222 -34.78 22.68 -24.55
CA ASP C 222 -36.05 22.31 -25.15
C ASP C 222 -35.84 21.66 -26.54
N GLY C 223 -36.88 20.98 -27.02
CA GLY C 223 -36.84 20.34 -28.34
C GLY C 223 -36.59 21.38 -29.40
N ALA C 224 -35.87 20.99 -30.45
CA ALA C 224 -35.31 21.92 -31.41
C ALA C 224 -36.34 22.36 -32.46
N HIS C 225 -37.35 23.07 -32.00
CA HIS C 225 -38.39 23.56 -32.88
C HIS C 225 -39.07 24.73 -32.20
N LYS C 226 -39.51 25.71 -33.00
CA LYS C 226 -40.11 26.94 -32.45
C LYS C 226 -41.29 26.69 -31.49
N THR C 227 -42.04 25.63 -31.73
CA THR C 227 -43.23 25.33 -30.92
C THR C 227 -42.89 24.91 -29.49
N PHE C 228 -41.73 24.24 -29.30
CA PHE C 228 -41.28 23.91 -27.94
C PHE C 228 -40.59 25.11 -27.32
N LEU C 229 -39.81 25.79 -28.14
CA LEU C 229 -39.07 26.90 -27.66
C LEU C 229 -39.97 28.07 -27.21
N LYS C 230 -41.16 28.20 -27.78
CA LYS C 230 -42.12 29.25 -27.39
C LYS C 230 -42.26 29.41 -25.85
N CYS C 231 -42.59 28.35 -25.13
CA CYS C 231 -42.82 28.49 -23.69
C CYS C 231 -41.60 28.14 -22.83
N GLY C 232 -40.51 27.70 -23.45
CA GLY C 232 -39.34 27.23 -22.70
C GLY C 232 -38.27 28.26 -22.54
N ALA C 233 -38.07 29.11 -23.54
CA ALA C 233 -36.98 30.09 -23.53
C ALA C 233 -37.36 31.27 -22.65
N LEU C 234 -36.35 31.90 -22.05
CA LEU C 234 -36.58 33.03 -21.12
C LEU C 234 -35.42 33.97 -21.19
N GLN C 235 -35.68 35.28 -21.22
CA GLN C 235 -34.58 36.22 -21.28
C GLN C 235 -33.74 35.99 -20.04
N GLY C 236 -32.42 36.07 -20.22
CA GLY C 236 -31.48 35.90 -19.15
C GLY C 236 -31.17 34.45 -18.87
N LEU C 237 -31.88 33.53 -19.51
CA LEU C 237 -31.43 32.13 -19.55
C LEU C 237 -31.03 31.75 -20.95
N TYR C 238 -29.80 31.26 -21.12
CA TYR C 238 -29.34 30.88 -22.43
C TYR C 238 -30.11 29.69 -22.98
N THR C 239 -30.64 29.87 -24.18
CA THR C 239 -31.49 28.87 -24.82
C THR C 239 -30.69 27.79 -25.57
N THR C 240 -30.80 26.52 -25.11
CA THR C 240 -30.21 25.37 -25.82
C THR C 240 -31.34 24.47 -26.24
N VAL C 241 -31.01 23.49 -27.09
CA VAL C 241 -31.97 22.56 -27.67
C VAL C 241 -31.51 21.14 -27.49
N ASP C 242 -32.38 20.17 -27.69
CA ASP C 242 -31.96 18.79 -27.79
C ASP C 242 -32.51 18.11 -29.02
N PHE C 243 -31.82 17.06 -29.43
CA PHE C 243 -32.16 16.27 -30.57
C PHE C 243 -31.24 15.09 -30.73
N GLY C 244 -31.76 14.12 -31.47
CA GLY C 244 -31.11 12.87 -31.71
C GLY C 244 -30.85 12.60 -33.17
N THR C 245 -30.51 11.34 -33.47
CA THR C 245 -29.97 10.97 -34.80
C THR C 245 -30.95 11.11 -35.95
N GLY C 246 -32.25 11.24 -35.67
CA GLY C 246 -33.23 11.30 -36.71
C GLY C 246 -33.53 12.72 -37.11
N SER C 247 -32.85 13.68 -36.49
CA SER C 247 -33.15 15.09 -36.73
C SER C 247 -32.20 15.74 -37.75
N ASN C 248 -32.76 16.62 -38.58
CA ASN C 248 -31.87 17.43 -39.41
C ASN C 248 -31.08 18.38 -38.51
N ILE C 249 -29.76 18.25 -38.56
CA ILE C 249 -28.90 18.98 -37.65
C ILE C 249 -28.90 20.50 -37.94
N THR C 250 -28.82 20.86 -39.20
CA THR C 250 -28.85 22.27 -39.55
C THR C 250 -30.11 22.92 -39.04
N ASP C 251 -31.24 22.25 -39.24
CA ASP C 251 -32.54 22.78 -38.86
C ASP C 251 -32.61 22.91 -37.34
N ALA C 252 -32.13 21.90 -36.62
CA ALA C 252 -32.12 21.95 -35.16
C ALA C 252 -31.39 23.16 -34.66
N PHE C 253 -30.20 23.40 -35.19
CA PHE C 253 -29.42 24.54 -34.72
C PHE C 253 -29.92 25.89 -35.21
N LEU C 254 -30.52 25.92 -36.40
CA LEU C 254 -31.24 27.13 -36.82
C LEU C 254 -32.30 27.52 -35.81
N SER C 255 -33.00 26.52 -35.26
CA SER C 255 -34.08 26.81 -34.31
C SER C 255 -33.53 27.37 -32.97
N GLN C 256 -32.34 26.93 -32.56
CA GLN C 256 -31.61 27.55 -31.45
C GLN C 256 -31.22 28.98 -31.79
N ARG C 257 -30.77 29.20 -33.03
CA ARG C 257 -30.22 30.50 -33.41
C ARG C 257 -31.27 31.62 -33.42
N LYS C 258 -32.52 31.24 -33.68
CA LYS C 258 -33.63 32.18 -33.63
C LYS C 258 -33.88 32.66 -32.20
N CYS C 259 -33.56 31.85 -31.19
CA CYS C 259 -33.61 32.33 -29.78
C CYS C 259 -32.29 32.92 -29.30
N GLU C 260 -31.19 32.45 -29.86
CA GLU C 260 -29.90 32.94 -29.45
C GLU C 260 -29.10 33.13 -30.72
N PRO C 261 -29.17 34.33 -31.31
CA PRO C 261 -28.39 34.59 -32.53
C PRO C 261 -26.88 34.58 -32.29
N LYS C 262 -26.43 34.87 -31.08
CA LYS C 262 -25.01 34.78 -30.73
C LYS C 262 -24.80 33.87 -29.49
N GLY C 263 -23.60 33.28 -29.38
CA GLY C 263 -23.25 32.33 -28.32
C GLY C 263 -23.08 30.92 -28.87
N PRO C 264 -22.72 29.97 -28.02
CA PRO C 264 -22.46 28.63 -28.52
C PRO C 264 -23.67 27.90 -29.06
N LEU C 265 -23.47 27.09 -30.10
CA LEU C 265 -24.42 26.08 -30.43
C LEU C 265 -24.29 24.98 -29.38
N ILE C 266 -25.41 24.48 -28.89
CA ILE C 266 -25.39 23.44 -27.85
C ILE C 266 -26.53 22.52 -28.10
N ASN C 267 -26.23 21.23 -28.16
CA ASN C 267 -27.23 20.19 -28.09
C ASN C 267 -27.07 19.52 -26.71
N SER C 268 -28.03 19.73 -25.82
CA SER C 268 -27.90 19.28 -24.42
C SER C 268 -28.24 17.84 -24.20
N GLU C 269 -28.99 17.25 -25.13
CA GLU C 269 -29.27 15.83 -25.09
C GLU C 269 -29.30 15.26 -26.47
N PHE C 270 -28.13 14.81 -26.92
CA PHE C 270 -27.99 14.14 -28.18
C PHE C 270 -28.15 12.64 -27.89
N TYR C 271 -29.24 12.05 -28.37
CA TYR C 271 -29.64 10.71 -27.91
C TYR C 271 -28.73 9.65 -28.50
N THR C 272 -28.10 8.84 -27.64
CA THR C 272 -27.30 7.68 -28.05
C THR C 272 -28.06 6.36 -28.13
N GLY C 273 -29.26 6.34 -27.56
CA GLY C 273 -30.18 5.23 -27.73
C GLY C 273 -31.53 5.78 -27.35
N TRP C 274 -32.36 4.99 -26.71
CA TRP C 274 -33.70 5.48 -26.35
C TRP C 274 -34.27 4.62 -25.26
N LEU C 275 -35.32 5.13 -24.63
CA LEU C 275 -35.96 4.47 -23.52
C LEU C 275 -36.85 3.29 -23.87
N ASP C 276 -37.20 2.52 -22.86
CA ASP C 276 -38.04 1.36 -23.00
C ASP C 276 -39.35 1.48 -22.24
N HIS C 277 -40.28 0.60 -22.61
CA HIS C 277 -41.47 0.36 -21.83
C HIS C 277 -41.67 -1.14 -21.70
N TRP C 278 -42.22 -1.56 -20.57
CA TRP C 278 -42.54 -2.94 -20.37
C TRP C 278 -43.47 -3.30 -21.49
N GLY C 279 -43.24 -4.42 -22.14
CA GLY C 279 -44.14 -4.92 -23.19
C GLY C 279 -43.87 -4.37 -24.58
N GLN C 280 -42.88 -3.50 -24.74
CA GLN C 280 -42.50 -2.97 -26.04
C GLN C 280 -41.08 -3.48 -26.31
N PRO C 281 -40.71 -3.71 -27.59
CA PRO C 281 -39.32 -4.05 -27.93
C PRO C 281 -38.27 -3.08 -27.36
N HIS C 282 -37.19 -3.64 -26.81
CA HIS C 282 -36.01 -2.88 -26.40
C HIS C 282 -35.56 -1.94 -27.52
N SER C 283 -35.35 -0.68 -27.16
CA SER C 283 -34.94 0.32 -28.15
C SER C 283 -33.45 0.24 -28.39
N THR C 284 -33.01 0.45 -29.63
CA THR C 284 -31.59 0.50 -29.94
C THR C 284 -31.40 1.59 -31.00
N ILE C 285 -30.24 2.24 -31.00
CA ILE C 285 -29.88 3.17 -32.07
C ILE C 285 -28.54 2.66 -32.58
N LYS C 286 -28.36 2.63 -33.88
CA LYS C 286 -27.12 2.10 -34.42
C LYS C 286 -25.94 3.01 -34.16
N THR C 287 -24.83 2.36 -33.87
CA THR C 287 -23.58 3.01 -33.63
C THR C 287 -23.23 3.95 -34.75
N GLU C 288 -23.37 3.49 -35.98
CA GLU C 288 -23.02 4.29 -37.16
C GLU C 288 -23.75 5.64 -37.17
N ALA C 289 -25.05 5.58 -36.91
CA ALA C 289 -25.95 6.78 -36.82
C ALA C 289 -25.53 7.73 -35.73
N VAL C 290 -25.24 7.20 -34.54
CA VAL C 290 -24.72 8.02 -33.44
C VAL C 290 -23.36 8.62 -33.80
N ALA C 291 -22.43 7.81 -34.33
CA ALA C 291 -21.11 8.33 -34.67
C ALA C 291 -21.21 9.46 -35.74
N SER C 292 -22.00 9.22 -36.78
CA SER C 292 -22.15 10.18 -37.89
C SER C 292 -22.67 11.54 -37.38
N SER C 293 -23.72 11.49 -36.60
CA SER C 293 -24.34 12.69 -36.09
C SER C 293 -23.47 13.39 -35.10
N LEU C 294 -22.80 12.65 -34.21
CA LEU C 294 -21.78 13.25 -33.32
C LEU C 294 -20.68 13.94 -34.08
N TYR C 295 -20.09 13.27 -35.08
CA TYR C 295 -19.00 13.95 -35.83
C TYR C 295 -19.55 15.28 -36.45
N ASP C 296 -20.76 15.19 -36.98
CA ASP C 296 -21.36 16.41 -37.60
C ASP C 296 -21.56 17.59 -36.59
N ILE C 297 -22.02 17.28 -35.40
CA ILE C 297 -22.21 18.29 -34.34
C ILE C 297 -20.88 18.92 -33.94
N LEU C 298 -19.88 18.10 -33.67
CA LEU C 298 -18.58 18.62 -33.27
C LEU C 298 -17.92 19.49 -34.35
N ALA C 299 -18.00 19.11 -35.61
CA ALA C 299 -17.37 19.87 -36.70
C ALA C 299 -17.97 21.28 -36.83
N ARG C 300 -19.20 21.46 -36.37
CA ARG C 300 -19.83 22.76 -36.37
C ARG C 300 -19.32 23.64 -35.25
N GLY C 301 -18.53 23.06 -34.34
CA GLY C 301 -18.01 23.82 -33.19
C GLY C 301 -18.98 23.84 -32.01
N ALA C 302 -19.99 23.00 -32.04
CA ALA C 302 -21.01 23.02 -31.04
C ALA C 302 -20.57 22.26 -29.80
N SER C 303 -21.01 22.74 -28.63
CA SER C 303 -20.94 21.89 -27.43
C SER C 303 -22.07 20.86 -27.47
N VAL C 304 -21.84 19.68 -26.89
CA VAL C 304 -22.80 18.62 -27.01
C VAL C 304 -22.75 17.74 -25.78
N ASN C 305 -23.91 17.28 -25.35
CA ASN C 305 -23.95 16.22 -24.35
C ASN C 305 -24.71 15.02 -24.85
N LEU C 306 -24.10 13.85 -24.62
CA LEU C 306 -24.62 12.57 -25.04
C LEU C 306 -25.54 12.01 -23.97
N TYR C 307 -26.82 11.87 -24.30
CA TYR C 307 -27.85 11.30 -23.39
C TYR C 307 -28.23 9.90 -23.84
N MET C 308 -27.93 8.81 -23.13
CA MET C 308 -27.08 8.71 -21.94
C MET C 308 -25.68 8.28 -22.40
N PHE C 309 -24.65 8.55 -21.62
CA PHE C 309 -23.38 7.85 -21.87
C PHE C 309 -23.35 6.50 -21.13
N ILE C 310 -23.66 6.53 -19.85
CA ILE C 310 -24.15 5.31 -19.16
C ILE C 310 -25.54 5.62 -18.58
N GLY C 311 -26.45 4.67 -18.73
CA GLY C 311 -27.78 4.83 -18.14
C GLY C 311 -27.94 4.21 -16.77
N GLY C 312 -27.45 2.99 -16.63
CA GLY C 312 -27.53 2.33 -15.35
C GLY C 312 -28.92 1.75 -15.08
N THR C 313 -29.40 1.90 -13.86
CA THR C 313 -30.52 1.16 -13.36
C THR C 313 -31.48 2.01 -12.55
N ASN C 314 -32.77 1.74 -12.68
CA ASN C 314 -33.81 2.26 -11.82
C ASN C 314 -34.02 1.19 -10.74
N PHE C 315 -33.29 1.33 -9.63
CA PHE C 315 -33.40 0.42 -8.51
C PHE C 315 -34.69 0.73 -7.72
N ALA C 316 -35.06 -0.14 -6.79
CA ALA C 316 -36.29 0.03 -5.99
C ALA C 316 -37.48 0.44 -6.86
N TYR C 317 -38.13 1.58 -6.61
CA TYR C 317 -39.32 1.98 -7.31
C TYR C 317 -39.07 3.29 -8.07
N TRP C 318 -37.84 3.55 -8.50
CA TRP C 318 -37.51 4.85 -9.12
C TRP C 318 -37.87 5.10 -10.59
N ASN C 319 -38.29 4.08 -11.32
CA ASN C 319 -38.73 4.22 -12.70
C ASN C 319 -39.90 5.20 -12.81
N GLY C 320 -40.02 5.84 -13.98
CA GLY C 320 -41.23 6.63 -14.27
C GLY C 320 -42.17 5.92 -15.22
N ALA C 321 -42.89 6.71 -16.00
CA ALA C 321 -43.89 6.20 -16.91
C ALA C 321 -44.32 7.30 -17.89
N ASN C 322 -44.86 6.87 -19.01
CA ASN C 322 -45.46 7.79 -19.98
C ASN C 322 -46.96 7.59 -20.02
N SER C 323 -47.61 8.58 -20.63
CA SER C 323 -49.04 8.64 -20.76
C SER C 323 -49.38 8.46 -22.26
N PRO C 324 -50.41 7.67 -22.63
CA PRO C 324 -51.25 6.78 -21.83
C PRO C 324 -50.39 5.79 -21.05
N TYR C 325 -50.83 5.47 -19.84
CA TYR C 325 -49.95 4.85 -18.85
C TYR C 325 -49.11 3.70 -19.40
N ALA C 326 -47.80 3.87 -19.41
CA ALA C 326 -46.84 2.81 -19.78
C ALA C 326 -45.54 3.04 -18.96
N ALA C 327 -45.21 2.13 -18.03
CA ALA C 327 -44.02 2.31 -17.19
C ALA C 327 -42.76 1.90 -17.91
N GLN C 328 -41.69 2.63 -17.65
CA GLN C 328 -40.35 2.22 -18.06
C GLN C 328 -39.85 1.05 -17.15
N PRO C 329 -39.11 0.11 -17.71
CA PRO C 329 -38.56 -1.02 -16.93
C PRO C 329 -37.49 -0.66 -15.91
N THR C 330 -37.11 -1.66 -15.15
CA THR C 330 -36.06 -1.51 -14.19
C THR C 330 -34.72 -1.10 -14.78
N SER C 331 -34.33 -1.70 -15.91
CA SER C 331 -33.06 -1.42 -16.55
C SER C 331 -33.12 -0.04 -17.23
N TYR C 332 -32.09 0.79 -17.06
CA TYR C 332 -32.00 2.05 -17.85
C TYR C 332 -30.76 1.92 -18.72
N ASP C 333 -30.57 0.74 -19.28
CA ASP C 333 -29.40 0.51 -20.13
C ASP C 333 -29.36 1.53 -21.28
N TYR C 334 -30.51 1.76 -21.90
CA TYR C 334 -30.72 2.86 -22.85
C TYR C 334 -30.01 2.63 -24.18
N ASP C 335 -29.39 1.46 -24.35
CA ASP C 335 -28.48 1.19 -25.47
C ASP C 335 -27.29 2.18 -25.48
N ALA C 336 -26.91 2.65 -24.29
CA ALA C 336 -25.86 3.66 -24.16
C ALA C 336 -24.48 3.05 -24.51
N PRO C 337 -23.47 3.89 -24.74
CA PRO C 337 -22.12 3.41 -24.97
C PRO C 337 -21.49 2.61 -23.80
N LEU C 338 -21.80 2.97 -22.56
CA LEU C 338 -21.51 2.08 -21.40
C LEU C 338 -22.79 1.31 -21.06
N SER C 339 -22.73 -0.03 -21.09
CA SER C 339 -23.89 -0.83 -20.73
C SER C 339 -24.36 -0.54 -19.30
N GLU C 340 -25.51 -1.09 -18.95
CA GLU C 340 -26.07 -0.92 -17.63
C GLU C 340 -25.02 -1.23 -16.56
N ALA C 341 -24.30 -2.33 -16.74
CA ALA C 341 -23.30 -2.83 -15.76
C ALA C 341 -21.93 -2.19 -16.01
N GLY C 342 -21.88 -1.16 -16.85
CA GLY C 342 -20.66 -0.42 -17.01
C GLY C 342 -19.76 -0.90 -18.13
N ASP C 343 -20.19 -1.89 -18.92
CA ASP C 343 -19.33 -2.46 -19.93
C ASP C 343 -18.96 -1.49 -21.07
N LEU C 344 -17.74 -1.66 -21.57
CA LEU C 344 -17.30 -1.01 -22.80
C LEU C 344 -18.00 -1.71 -23.94
N THR C 345 -18.65 -0.94 -24.80
CA THR C 345 -19.31 -1.56 -25.95
C THR C 345 -18.65 -1.08 -27.24
N GLU C 346 -19.06 -1.70 -28.35
CA GLU C 346 -18.69 -1.18 -29.67
C GLU C 346 -19.06 0.27 -29.84
N LYS C 347 -20.23 0.65 -29.33
CA LYS C 347 -20.70 2.03 -29.42
C LYS C 347 -19.70 2.97 -28.74
N TYR C 348 -19.25 2.56 -27.54
CA TYR C 348 -18.26 3.28 -26.78
C TYR C 348 -16.96 3.51 -27.54
N PHE C 349 -16.43 2.48 -28.20
CA PHE C 349 -15.14 2.62 -28.87
C PHE C 349 -15.31 3.47 -30.12
N ALA C 350 -16.43 3.30 -30.77
CA ALA C 350 -16.73 4.08 -31.96
C ALA C 350 -16.87 5.56 -31.65
N LEU C 351 -17.49 5.90 -30.53
CA LEU C 351 -17.65 7.33 -30.18
C LEU C 351 -16.32 7.95 -29.73
N ARG C 352 -15.57 7.22 -28.93
CA ARG C 352 -14.23 7.66 -28.55
C ARG C 352 -13.35 7.98 -29.78
N ASN C 353 -13.47 7.17 -30.81
CA ASN C 353 -12.72 7.35 -32.06
C ASN C 353 -13.22 8.60 -32.82
N ILE C 354 -14.50 8.93 -32.71
CA ILE C 354 -14.99 10.23 -33.22
C ILE C 354 -14.35 11.39 -32.45
N ILE C 355 -14.35 11.28 -31.14
CA ILE C 355 -13.89 12.38 -30.28
C ILE C 355 -12.38 12.63 -30.52
N GLN C 356 -11.63 11.55 -30.75
CA GLN C 356 -10.21 11.62 -31.06
C GLN C 356 -9.89 12.43 -32.30
N LYS C 357 -10.83 12.61 -33.21
CA LYS C 357 -10.58 13.44 -34.37
C LYS C 357 -10.51 14.94 -34.03
N PHE C 358 -11.06 15.27 -32.89
CA PHE C 358 -11.19 16.66 -32.48
C PHE C 358 -10.32 17.02 -31.30
N GLU C 359 -10.05 16.05 -30.45
CA GLU C 359 -9.40 16.28 -29.18
C GLU C 359 -8.51 15.10 -28.90
N LYS C 360 -7.41 15.38 -28.21
CA LYS C 360 -6.59 14.32 -27.65
C LYS C 360 -7.39 13.67 -26.56
N VAL C 361 -7.19 12.37 -26.44
CA VAL C 361 -7.90 11.52 -25.50
C VAL C 361 -6.86 10.96 -24.57
N PRO C 362 -7.21 10.74 -23.32
CA PRO C 362 -6.11 10.36 -22.43
C PRO C 362 -5.42 9.03 -22.80
N GLU C 363 -4.16 8.91 -22.48
CA GLU C 363 -3.41 7.68 -22.79
C GLU C 363 -3.59 6.63 -21.69
N GLY C 364 -3.21 5.41 -22.03
CA GLY C 364 -3.19 4.29 -21.10
C GLY C 364 -4.39 3.39 -21.32
N PRO C 365 -4.36 2.20 -20.72
CA PRO C 365 -5.50 1.32 -20.94
C PRO C 365 -6.76 1.82 -20.20
N ILE C 366 -7.92 1.46 -20.71
CA ILE C 366 -9.18 1.84 -20.12
C ILE C 366 -9.51 0.79 -19.04
N PRO C 367 -10.09 1.23 -17.92
CA PRO C 367 -10.59 0.20 -16.99
C PRO C 367 -11.57 -0.77 -17.64
N PRO C 368 -11.49 -2.03 -17.25
CA PRO C 368 -12.22 -3.08 -17.93
C PRO C 368 -13.73 -3.09 -17.63
N SER C 369 -14.45 -3.76 -18.50
CA SER C 369 -15.76 -4.28 -18.19
C SER C 369 -15.58 -5.17 -16.95
N THR C 370 -16.47 -5.03 -15.99
CA THR C 370 -16.36 -5.86 -14.77
C THR C 370 -16.54 -7.34 -15.11
N PRO C 371 -15.90 -8.24 -14.33
CA PRO C 371 -16.18 -9.66 -14.51
C PRO C 371 -17.56 -10.02 -13.98
N LYS C 372 -18.16 -10.97 -14.63
CA LYS C 372 -19.50 -11.38 -14.28
C LYS C 372 -19.46 -12.85 -13.99
N PHE C 373 -20.19 -13.27 -12.99
CA PHE C 373 -20.20 -14.67 -12.57
C PHE C 373 -21.63 -15.20 -12.44
N ALA C 374 -21.84 -16.38 -13.04
CA ALA C 374 -23.07 -17.14 -12.97
C ALA C 374 -23.17 -17.94 -11.65
N TYR C 375 -23.75 -17.39 -10.59
CA TYR C 375 -23.84 -18.12 -9.29
C TYR C 375 -24.70 -19.39 -9.42
N GLY C 376 -25.44 -19.51 -10.52
CA GLY C 376 -26.30 -20.62 -10.74
C GLY C 376 -27.67 -20.43 -10.09
N LYS C 377 -28.33 -21.56 -9.94
CA LYS C 377 -29.70 -21.68 -9.40
C LYS C 377 -29.74 -21.59 -7.90
N VAL C 378 -30.63 -20.79 -7.38
CA VAL C 378 -30.83 -20.73 -5.94
C VAL C 378 -32.30 -20.96 -5.66
N THR C 379 -32.57 -21.98 -4.85
CA THR C 379 -33.93 -22.30 -4.50
C THR C 379 -34.51 -21.36 -3.44
N LEU C 380 -35.78 -21.06 -3.58
CA LEU C 380 -36.49 -20.27 -2.62
C LEU C 380 -37.60 -21.15 -2.07
N GLU C 381 -38.17 -20.74 -0.95
CA GLU C 381 -39.43 -21.27 -0.52
C GLU C 381 -40.28 -20.18 0.03
N LYS C 382 -41.57 -20.44 0.00
CA LYS C 382 -42.54 -19.49 0.45
C LYS C 382 -42.32 -19.20 1.92
N LEU C 383 -42.36 -17.92 2.26
CA LEU C 383 -42.18 -17.50 3.61
C LEU C 383 -43.58 -17.18 4.10
N LYS C 384 -44.20 -16.15 3.53
CA LYS C 384 -45.52 -15.70 3.95
C LYS C 384 -46.24 -14.99 2.82
N THR C 385 -47.56 -15.14 2.83
CA THR C 385 -48.41 -14.38 1.92
C THR C 385 -48.43 -12.94 2.39
N VAL C 386 -48.73 -12.01 1.48
CA VAL C 386 -48.88 -10.63 1.88
C VAL C 386 -49.95 -10.58 2.96
N GLY C 387 -51.08 -11.22 2.69
CA GLY C 387 -52.18 -11.34 3.66
C GLY C 387 -51.80 -11.81 5.06
N ALA C 388 -50.90 -12.80 5.17
CA ALA C 388 -50.50 -13.32 6.48
C ALA C 388 -49.47 -12.43 7.19
N ALA C 389 -48.92 -11.46 6.48
CA ALA C 389 -47.84 -10.66 7.05
C ALA C 389 -48.27 -9.24 7.44
N LEU C 390 -49.56 -8.99 7.62
CA LEU C 390 -50.00 -7.60 7.81
C LEU C 390 -49.58 -6.97 9.13
N ASP C 391 -49.29 -7.79 10.12
CA ASP C 391 -48.72 -7.29 11.36
C ASP C 391 -47.32 -6.69 11.20
N ILE C 392 -46.47 -7.33 10.41
CA ILE C 392 -45.13 -6.76 10.15
C ILE C 392 -45.18 -5.65 9.07
N LEU C 393 -45.99 -5.82 8.03
CA LEU C 393 -46.10 -4.81 6.99
C LEU C 393 -46.81 -3.54 7.41
N CYS C 394 -47.71 -3.66 8.39
CA CYS C 394 -48.51 -2.50 8.83
C CYS C 394 -48.63 -2.52 10.34
N PRO C 395 -47.52 -2.28 11.03
CA PRO C 395 -47.48 -2.34 12.48
C PRO C 395 -48.35 -1.31 13.19
N SER C 396 -48.74 -0.21 12.54
CA SER C 396 -49.69 0.75 13.14
C SER C 396 -51.14 0.42 12.87
N GLY C 397 -51.39 -0.67 12.17
CA GLY C 397 -52.74 -1.02 11.84
C GLY C 397 -53.34 -0.16 10.74
N PRO C 398 -54.47 -0.63 10.19
CA PRO C 398 -55.03 -0.04 8.99
C PRO C 398 -55.80 1.25 9.21
N ILE C 399 -56.02 1.98 8.12
CA ILE C 399 -56.88 3.14 8.12
C ILE C 399 -58.27 2.70 7.66
N LYS C 400 -59.29 3.06 8.42
CA LYS C 400 -60.69 2.85 8.03
C LYS C 400 -61.21 4.08 7.29
N SER C 401 -61.86 3.85 6.17
CA SER C 401 -62.42 4.95 5.42
C SER C 401 -63.65 4.39 4.74
N LEU C 402 -64.66 5.25 4.56
CA LEU C 402 -65.92 4.86 3.92
C LEU C 402 -65.73 4.57 2.45
N TYR C 403 -65.11 5.50 1.72
CA TYR C 403 -64.69 5.23 0.34
C TYR C 403 -63.15 5.06 0.28
N PRO C 404 -62.63 4.48 -0.81
CA PRO C 404 -61.17 4.31 -0.94
C PRO C 404 -60.39 5.60 -0.94
N LEU C 405 -59.22 5.54 -0.30
CA LEU C 405 -58.25 6.61 -0.22
C LEU C 405 -57.02 6.31 -1.13
N THR C 406 -56.41 7.37 -1.65
CA THR C 406 -55.12 7.30 -2.38
C THR C 406 -53.86 6.98 -1.55
N PHE C 407 -52.86 6.43 -2.24
CA PHE C 407 -51.51 6.30 -1.65
C PHE C 407 -51.10 7.55 -0.85
N ILE C 408 -51.21 8.72 -1.48
CA ILE C 408 -50.85 9.98 -0.86
C ILE C 408 -51.65 10.18 0.38
N GLN C 409 -52.95 9.86 0.37
CA GLN C 409 -53.78 10.13 1.55
C GLN C 409 -53.40 9.24 2.72
N VAL C 410 -52.94 8.03 2.42
CA VAL C 410 -52.50 7.12 3.47
C VAL C 410 -51.00 7.19 3.75
N LYS C 411 -50.31 8.18 3.20
CA LYS C 411 -48.90 8.45 3.56
C LYS C 411 -47.91 7.43 3.01
N GLN C 412 -48.22 6.83 1.88
CA GLN C 412 -47.23 5.98 1.23
C GLN C 412 -47.01 6.51 -0.16
N HIS C 413 -45.75 6.55 -0.57
CA HIS C 413 -45.44 7.04 -1.91
C HIS C 413 -45.18 5.95 -2.95
N TYR C 414 -44.44 4.92 -2.52
CA TYR C 414 -43.97 3.90 -3.43
C TYR C 414 -44.45 2.53 -3.04
N GLY C 415 -44.44 1.61 -3.99
CA GLY C 415 -44.73 0.20 -3.66
C GLY C 415 -46.22 -0.12 -3.68
N PHE C 416 -46.67 -0.71 -2.57
CA PHE C 416 -47.92 -1.47 -2.52
C PHE C 416 -48.79 -1.06 -1.31
N VAL C 417 -50.10 -1.06 -1.54
CA VAL C 417 -51.08 -0.79 -0.51
C VAL C 417 -52.18 -1.81 -0.63
N LEU C 418 -52.59 -2.37 0.52
CA LEU C 418 -53.67 -3.37 0.53
C LEU C 418 -54.98 -2.67 0.83
N TYR C 419 -55.93 -2.78 -0.08
CA TYR C 419 -57.29 -2.31 0.14
C TYR C 419 -58.22 -3.52 0.40
N ARG C 420 -58.92 -3.51 1.54
CA ARG C 420 -59.78 -4.61 1.96
C ARG C 420 -61.20 -4.09 2.29
N THR C 421 -62.20 -4.87 1.88
CA THR C 421 -63.60 -4.71 2.28
C THR C 421 -64.23 -6.14 2.35
N THR C 422 -65.47 -6.26 2.84
CA THR C 422 -66.18 -7.56 2.82
C THR C 422 -67.27 -7.55 1.75
N LEU C 423 -67.59 -8.70 1.17
CA LEU C 423 -68.63 -8.74 0.12
C LEU C 423 -70.01 -8.50 0.77
N PRO C 424 -70.81 -7.55 0.22
CA PRO C 424 -72.09 -7.29 0.87
C PRO C 424 -73.17 -8.30 0.46
N GLN C 425 -72.96 -8.93 -0.69
CA GLN C 425 -73.94 -9.80 -1.30
C GLN C 425 -73.26 -11.10 -1.66
N ASP C 426 -74.01 -12.19 -1.65
CA ASP C 426 -73.46 -13.47 -2.08
C ASP C 426 -73.20 -13.47 -3.59
N CYS C 427 -72.05 -14.05 -3.99
CA CYS C 427 -71.60 -14.03 -5.38
C CYS C 427 -71.22 -15.43 -5.86
N SER C 428 -72.07 -16.43 -5.63
CA SER C 428 -71.78 -17.78 -6.12
C SER C 428 -71.78 -17.76 -7.64
N ASN C 429 -72.53 -16.82 -8.20
CA ASN C 429 -72.47 -16.52 -9.62
C ASN C 429 -71.46 -15.41 -9.82
N PRO C 430 -70.60 -15.53 -10.85
CA PRO C 430 -69.73 -14.43 -11.24
C PRO C 430 -70.40 -13.04 -11.13
N ALA C 431 -69.78 -12.14 -10.37
CA ALA C 431 -70.22 -10.75 -10.25
C ALA C 431 -69.11 -9.83 -10.77
N PRO C 432 -69.47 -8.79 -11.52
CA PRO C 432 -68.45 -7.88 -12.03
C PRO C 432 -67.96 -6.90 -10.96
N LEU C 433 -66.66 -6.96 -10.70
CA LEU C 433 -65.95 -5.97 -9.90
C LEU C 433 -65.29 -5.00 -10.88
N SER C 434 -65.60 -3.72 -10.76
CA SER C 434 -65.18 -2.77 -11.75
C SER C 434 -64.73 -1.43 -11.18
N SER C 435 -63.98 -0.69 -11.98
CA SER C 435 -63.56 0.67 -11.70
C SER C 435 -64.11 1.49 -12.87
N PRO C 436 -65.39 1.87 -12.79
CA PRO C 436 -66.06 2.50 -13.93
C PRO C 436 -65.23 3.63 -14.54
N LEU C 437 -64.64 4.48 -13.71
CA LEU C 437 -63.82 5.59 -14.18
C LEU C 437 -62.32 5.25 -14.25
N ASN C 438 -61.99 3.97 -14.39
CA ASN C 438 -60.59 3.58 -14.69
C ASN C 438 -59.61 4.06 -13.65
N GLY C 439 -59.92 3.87 -12.36
CA GLY C 439 -59.12 4.39 -11.25
C GLY C 439 -58.34 3.39 -10.36
N VAL C 440 -57.94 2.25 -10.92
CA VAL C 440 -56.91 1.39 -10.31
C VAL C 440 -55.56 1.86 -10.86
N HIS C 441 -54.83 2.61 -10.04
CA HIS C 441 -53.59 3.21 -10.43
C HIS C 441 -52.45 2.54 -9.65
N ASP C 442 -51.80 1.54 -10.22
CA ASP C 442 -51.90 1.13 -11.64
C ASP C 442 -52.21 -0.32 -11.89
N ARG C 443 -52.23 -1.16 -10.85
CA ARG C 443 -52.47 -2.58 -11.04
C ARG C 443 -52.90 -3.16 -9.71
N ALA C 444 -53.95 -3.97 -9.72
CA ALA C 444 -54.50 -4.57 -8.48
C ALA C 444 -54.53 -6.08 -8.56
N TYR C 445 -53.97 -6.72 -7.53
CA TYR C 445 -53.98 -8.19 -7.43
C TYR C 445 -55.09 -8.58 -6.51
N VAL C 446 -56.11 -9.28 -7.02
CA VAL C 446 -57.36 -9.38 -6.31
C VAL C 446 -57.56 -10.77 -5.76
N ALA C 447 -57.98 -10.84 -4.51
CA ALA C 447 -58.31 -12.13 -3.90
C ALA C 447 -59.65 -12.03 -3.20
N VAL C 448 -60.34 -13.16 -3.11
CA VAL C 448 -61.55 -13.29 -2.29
C VAL C 448 -61.45 -14.49 -1.33
N ASP C 449 -61.52 -14.23 -0.03
CA ASP C 449 -61.26 -15.23 1.02
C ASP C 449 -60.04 -16.08 0.69
N GLY C 450 -58.97 -15.41 0.28
CA GLY C 450 -57.70 -16.06 0.03
C GLY C 450 -57.58 -16.77 -1.30
N ILE C 451 -58.60 -16.67 -2.15
CA ILE C 451 -58.57 -17.25 -3.47
C ILE C 451 -58.31 -16.15 -4.50
N PRO C 452 -57.19 -16.23 -5.22
CA PRO C 452 -56.95 -15.20 -6.21
C PRO C 452 -58.02 -15.16 -7.28
N GLN C 453 -58.34 -13.95 -7.73
CA GLN C 453 -59.34 -13.73 -8.75
C GLN C 453 -58.76 -13.23 -10.06
N GLY C 454 -57.47 -12.86 -10.08
CA GLY C 454 -56.87 -12.21 -11.26
C GLY C 454 -56.50 -10.76 -10.99
N VAL C 455 -56.55 -9.94 -12.03
CA VAL C 455 -55.90 -8.62 -12.03
C VAL C 455 -56.74 -7.52 -12.70
N LEU C 456 -56.75 -6.34 -12.12
CA LEU C 456 -57.26 -5.14 -12.81
C LEU C 456 -56.09 -4.26 -13.14
N GLU C 457 -56.14 -3.63 -14.33
CA GLU C 457 -55.00 -2.89 -14.86
C GLU C 457 -55.43 -1.49 -15.39
N ARG C 458 -54.69 -0.45 -15.00
CA ARG C 458 -54.89 0.91 -15.55
C ARG C 458 -55.00 0.85 -17.06
N ASN C 459 -56.07 1.40 -17.62
CA ASN C 459 -56.25 1.46 -19.08
C ASN C 459 -56.40 0.15 -19.88
N ASN C 460 -56.35 -1.03 -19.27
CA ASN C 460 -56.47 -2.25 -20.08
C ASN C 460 -57.58 -3.18 -19.59
N VAL C 461 -57.80 -3.24 -18.28
CA VAL C 461 -58.78 -4.17 -17.69
C VAL C 461 -59.42 -3.48 -16.50
N ILE C 462 -60.65 -3.00 -16.67
CA ILE C 462 -61.31 -2.23 -15.61
C ILE C 462 -62.47 -2.94 -14.92
N THR C 463 -62.73 -4.19 -15.37
CA THR C 463 -63.73 -5.06 -14.74
C THR C 463 -63.23 -6.51 -14.63
N LEU C 464 -63.55 -7.16 -13.53
CA LEU C 464 -63.08 -8.51 -13.26
C LEU C 464 -64.14 -9.33 -12.54
N ASN C 465 -64.56 -10.44 -13.13
CA ASN C 465 -65.55 -11.30 -12.49
C ASN C 465 -64.98 -12.03 -11.27
N ILE C 466 -65.66 -11.93 -10.13
CA ILE C 466 -65.21 -12.56 -8.92
C ILE C 466 -66.33 -13.44 -8.40
N THR C 467 -66.02 -14.36 -7.49
CA THR C 467 -67.03 -15.19 -6.86
C THR C 467 -66.67 -15.36 -5.38
N GLY C 468 -67.66 -15.71 -4.56
CA GLY C 468 -67.43 -15.90 -3.11
C GLY C 468 -68.63 -15.58 -2.22
N LYS C 469 -68.55 -16.06 -0.99
CA LYS C 469 -69.62 -15.91 0.00
C LYS C 469 -69.93 -14.46 0.31
N ALA C 470 -71.12 -14.23 0.86
CA ALA C 470 -71.45 -12.98 1.50
C ALA C 470 -70.53 -12.78 2.70
N GLY C 471 -70.04 -11.57 2.86
CA GLY C 471 -69.23 -11.25 4.03
C GLY C 471 -67.80 -11.77 3.94
N ALA C 472 -67.46 -12.33 2.79
CA ALA C 472 -66.11 -12.82 2.52
C ALA C 472 -65.20 -11.62 2.33
N THR C 473 -63.94 -11.79 2.62
CA THR C 473 -63.00 -10.70 2.45
C THR C 473 -62.60 -10.54 0.99
N LEU C 474 -62.82 -9.34 0.45
CA LEU C 474 -62.28 -8.91 -0.83
C LEU C 474 -60.98 -8.12 -0.55
N ASP C 475 -59.87 -8.56 -1.16
CA ASP C 475 -58.56 -7.88 -1.04
C ASP C 475 -58.09 -7.38 -2.40
N LEU C 476 -57.76 -6.11 -2.47
CA LEU C 476 -57.03 -5.57 -3.63
C LEU C 476 -55.66 -5.08 -3.16
N LEU C 477 -54.61 -5.83 -3.54
CA LEU C 477 -53.21 -5.36 -3.40
C LEU C 477 -52.89 -4.45 -4.60
N VAL C 478 -52.78 -3.15 -4.38
CA VAL C 478 -52.57 -2.26 -5.50
C VAL C 478 -51.09 -1.82 -5.58
N GLU C 479 -50.52 -1.85 -6.79
CA GLU C 479 -49.15 -1.45 -7.06
C GLU C 479 -48.99 -0.07 -7.73
N ASN C 480 -48.14 0.77 -7.15
CA ASN C 480 -47.65 1.95 -7.84
C ASN C 480 -46.54 1.52 -8.79
N MET C 481 -46.86 1.46 -10.08
CA MET C 481 -45.88 1.07 -11.09
C MET C 481 -44.95 2.21 -11.56
N GLY C 482 -45.14 3.39 -11.00
CA GLY C 482 -44.25 4.53 -11.29
C GLY C 482 -45.09 5.71 -11.77
N ARG C 483 -44.92 6.83 -11.12
CA ARG C 483 -45.56 8.05 -11.48
C ARG C 483 -45.04 8.59 -12.80
N VAL C 484 -45.97 8.94 -13.67
CA VAL C 484 -45.70 9.53 -14.99
C VAL C 484 -44.74 10.71 -14.83
N ASN C 485 -43.72 10.75 -15.67
CA ASN C 485 -42.67 11.75 -15.57
C ASN C 485 -42.67 12.84 -16.67
N TYR C 486 -43.63 12.77 -17.59
CA TYR C 486 -43.72 13.63 -18.78
C TYR C 486 -45.19 13.82 -19.22
N GLY C 487 -45.51 15.03 -19.65
CA GLY C 487 -46.85 15.34 -20.09
C GLY C 487 -47.61 16.05 -19.00
N ALA C 488 -48.90 16.27 -19.26
CA ALA C 488 -49.75 17.03 -18.34
C ALA C 488 -50.11 16.24 -17.07
N TYR C 489 -49.98 14.92 -17.12
CA TYR C 489 -50.57 14.03 -16.12
C TYR C 489 -49.51 13.53 -15.11
N ILE C 490 -48.53 14.37 -14.82
CA ILE C 490 -47.50 14.07 -13.79
C ILE C 490 -48.01 14.07 -12.34
N ASN C 491 -49.14 14.73 -12.10
CA ASN C 491 -49.80 14.71 -10.79
C ASN C 491 -50.56 13.39 -10.55
N ASP C 492 -49.82 12.30 -10.42
CA ASP C 492 -50.34 10.93 -10.54
C ASP C 492 -50.34 10.42 -9.12
N PHE C 493 -51.51 10.42 -8.46
CA PHE C 493 -51.63 10.12 -7.02
C PHE C 493 -51.33 8.66 -6.64
N LYS C 494 -51.88 7.75 -7.44
CA LYS C 494 -51.81 6.32 -7.22
C LYS C 494 -52.74 5.76 -6.13
N GLY C 495 -53.02 4.46 -6.29
CA GLY C 495 -53.93 3.70 -5.41
C GLY C 495 -55.29 3.57 -6.07
N LEU C 496 -56.32 3.38 -5.24
CA LEU C 496 -57.69 3.43 -5.73
C LEU C 496 -58.02 4.90 -5.71
N VAL C 497 -57.97 5.54 -6.88
CA VAL C 497 -58.23 6.99 -6.97
C VAL C 497 -59.70 7.32 -7.14
N SER C 498 -60.50 6.33 -7.55
CA SER C 498 -61.96 6.48 -7.66
C SER C 498 -62.62 5.18 -7.17
N ASN C 499 -63.94 5.22 -7.00
CA ASN C 499 -64.66 4.05 -6.45
C ASN C 499 -64.61 2.79 -7.30
N LEU C 500 -64.79 1.67 -6.60
CA LEU C 500 -65.05 0.40 -7.26
C LEU C 500 -66.51 0.04 -7.04
N THR C 501 -67.07 -0.68 -7.99
CA THR C 501 -68.42 -1.17 -7.83
C THR C 501 -68.44 -2.69 -7.97
N LEU C 502 -69.31 -3.31 -7.20
CA LEU C 502 -69.63 -4.73 -7.34
C LEU C 502 -71.11 -4.84 -7.77
N SER C 503 -71.33 -5.45 -8.94
CA SER C 503 -72.62 -5.44 -9.61
C SER C 503 -73.19 -4.02 -9.62
N SER C 504 -72.59 -3.14 -10.40
CA SER C 504 -73.05 -1.76 -10.58
C SER C 504 -73.13 -0.90 -9.30
N ASN C 505 -73.00 -1.53 -8.13
CA ASN C 505 -73.21 -0.85 -6.85
C ASN C 505 -71.88 -0.58 -6.15
N ILE C 506 -71.80 0.58 -5.48
CA ILE C 506 -70.57 1.13 -4.99
C ILE C 506 -70.15 0.45 -3.70
N LEU C 507 -68.99 -0.21 -3.72
CA LEU C 507 -68.42 -0.81 -2.53
C LEU C 507 -67.97 0.22 -1.48
N THR C 508 -68.32 0.00 -0.22
CA THR C 508 -68.00 0.94 0.83
C THR C 508 -67.43 0.19 2.01
N ASP C 509 -66.86 0.93 2.95
CA ASP C 509 -66.39 0.34 4.18
C ASP C 509 -65.06 -0.39 3.96
N TRP C 510 -64.04 0.43 3.76
CA TRP C 510 -62.72 -0.02 3.35
C TRP C 510 -61.80 -0.02 4.52
N THR C 511 -60.92 -1.02 4.53
CA THR C 511 -59.84 -1.14 5.52
C THR C 511 -58.54 -1.13 4.72
N ILE C 512 -57.74 -0.09 4.92
CA ILE C 512 -56.63 0.20 4.00
C ILE C 512 -55.34 0.04 4.79
N PHE C 513 -54.46 -0.81 4.29
CA PHE C 513 -53.17 -1.10 4.91
C PHE C 513 -52.01 -0.56 4.07
N PRO C 514 -51.37 0.55 4.51
CA PRO C 514 -50.08 0.94 3.92
C PRO C 514 -49.07 -0.14 4.27
N LEU C 515 -48.26 -0.57 3.30
CA LEU C 515 -47.38 -1.73 3.50
C LEU C 515 -45.91 -1.31 3.52
N ASP C 516 -45.25 -1.54 4.67
CA ASP C 516 -43.80 -1.26 4.87
C ASP C 516 -42.91 -2.44 4.38
N THR C 517 -42.94 -2.67 3.07
CA THR C 517 -42.26 -3.80 2.44
C THR C 517 -40.73 -3.70 2.63
N GLU C 518 -40.19 -2.49 2.57
CA GLU C 518 -38.72 -2.30 2.63
C GLU C 518 -38.22 -2.68 4.05
N ASP C 519 -38.83 -2.10 5.09
CA ASP C 519 -38.58 -2.56 6.51
C ASP C 519 -38.79 -4.03 6.70
N ALA C 520 -39.92 -4.54 6.21
CA ALA C 520 -40.30 -5.92 6.48
C ALA C 520 -39.35 -6.88 5.80
N VAL C 521 -38.93 -6.56 4.57
CA VAL C 521 -37.99 -7.43 3.90
C VAL C 521 -36.64 -7.39 4.61
N ARG C 522 -36.31 -6.26 5.19
CA ARG C 522 -35.02 -6.14 5.82
C ARG C 522 -34.98 -6.92 7.13
N SER C 523 -36.11 -6.96 7.82
CA SER C 523 -36.22 -7.74 9.03
C SER C 523 -36.59 -9.19 8.72
N HIS C 524 -36.57 -9.60 7.46
CA HIS C 524 -36.88 -11.00 7.11
C HIS C 524 -38.29 -11.31 7.54
N LEU C 525 -39.19 -10.35 7.29
CA LEU C 525 -40.62 -10.50 7.56
C LEU C 525 -40.94 -10.91 9.00
N GLY C 526 -40.29 -10.22 9.94
CA GLY C 526 -40.51 -10.48 11.37
C GLY C 526 -39.50 -11.43 11.97
N GLY C 527 -38.78 -12.18 11.14
CA GLY C 527 -37.63 -12.97 11.58
C GLY C 527 -36.64 -12.18 12.42
N TRP C 528 -36.32 -10.95 11.99
CA TRP C 528 -35.42 -10.05 12.73
C TRP C 528 -36.12 -8.80 13.34
N GLY C 529 -37.46 -8.84 13.43
CA GLY C 529 -38.28 -7.66 13.72
C GLY C 529 -38.47 -7.50 15.19
N ASN C 546 -54.43 -18.50 -14.57
CA ASN C 546 -54.18 -19.06 -13.26
C ASN C 546 -53.21 -18.15 -12.47
N TYR C 547 -53.55 -17.92 -11.21
CA TYR C 547 -52.83 -17.00 -10.33
C TYR C 547 -52.57 -17.63 -8.99
N THR C 548 -51.60 -17.10 -8.25
CA THR C 548 -51.36 -17.47 -6.85
C THR C 548 -51.48 -16.20 -6.00
N LEU C 549 -51.59 -16.35 -4.70
CA LEU C 549 -51.72 -15.17 -3.82
C LEU C 549 -50.36 -14.49 -3.77
N PRO C 550 -50.35 -13.15 -3.74
CA PRO C 550 -49.11 -12.41 -3.56
C PRO C 550 -48.43 -12.81 -2.28
N ALA C 551 -47.12 -13.10 -2.39
CA ALA C 551 -46.40 -13.75 -1.33
C ALA C 551 -44.91 -13.58 -1.46
N PHE C 552 -44.22 -13.55 -0.31
CA PHE C 552 -42.79 -13.44 -0.25
C PHE C 552 -42.19 -14.85 -0.25
N TYR C 553 -41.14 -15.01 -1.04
CA TYR C 553 -40.39 -16.27 -1.15
C TYR C 553 -38.95 -15.94 -0.81
N MET C 554 -38.27 -16.82 -0.04
CA MET C 554 -36.95 -16.53 0.46
C MET C 554 -36.02 -17.69 0.27
N GLY C 555 -34.73 -17.36 0.08
CA GLY C 555 -33.69 -18.36 0.00
C GLY C 555 -32.32 -17.70 0.04
N ASN C 556 -31.29 -18.50 0.24
CA ASN C 556 -29.94 -17.98 0.48
C ASN C 556 -28.86 -18.66 -0.33
N PHE C 557 -27.73 -17.99 -0.46
CA PHE C 557 -26.58 -18.60 -1.08
C PHE C 557 -25.32 -17.98 -0.52
N SER C 558 -24.29 -18.80 -0.38
CA SER C 558 -23.00 -18.37 0.13
C SER C 558 -21.99 -18.22 -0.98
N ILE C 559 -21.00 -17.40 -0.72
CA ILE C 559 -19.91 -17.13 -1.64
C ILE C 559 -18.65 -17.27 -0.82
N PRO C 560 -17.69 -18.05 -1.33
CA PRO C 560 -16.51 -18.32 -0.51
C PRO C 560 -15.71 -17.02 -0.20
N SER C 561 -15.18 -16.94 1.01
CA SER C 561 -14.29 -15.86 1.42
C SER C 561 -12.85 -16.20 0.96
N GLY C 562 -12.00 -15.20 0.91
CA GLY C 562 -10.59 -15.42 0.59
C GLY C 562 -10.35 -15.73 -0.88
N ILE C 563 -11.29 -15.41 -1.74
CA ILE C 563 -11.10 -15.64 -3.18
C ILE C 563 -10.95 -14.26 -3.81
N PRO C 564 -9.77 -13.94 -4.36
CA PRO C 564 -9.59 -12.54 -4.71
C PRO C 564 -10.58 -11.95 -5.67
N ASP C 565 -11.14 -12.75 -6.58
CA ASP C 565 -12.07 -12.22 -7.56
C ASP C 565 -13.52 -12.61 -7.29
N LEU C 566 -13.89 -12.85 -6.02
CA LEU C 566 -15.28 -13.06 -5.59
C LEU C 566 -15.53 -12.19 -4.35
N PRO C 567 -16.74 -11.60 -4.25
CA PRO C 567 -17.89 -11.64 -5.18
C PRO C 567 -17.72 -10.88 -6.53
N GLN C 568 -18.41 -11.36 -7.55
CA GLN C 568 -18.57 -10.63 -8.81
C GLN C 568 -20.03 -10.22 -9.08
N ASP C 569 -20.20 -9.19 -9.91
CA ASP C 569 -21.45 -8.71 -10.44
C ASP C 569 -22.12 -9.90 -11.15
N THR C 570 -23.42 -9.88 -11.22
CA THR C 570 -24.16 -10.97 -11.83
C THR C 570 -25.49 -10.40 -12.29
N PHE C 571 -26.25 -11.22 -13.01
CA PHE C 571 -27.61 -10.94 -13.40
C PHE C 571 -28.60 -12.02 -12.93
N ILE C 572 -29.65 -11.59 -12.26
CA ILE C 572 -30.66 -12.50 -11.72
C ILE C 572 -31.82 -12.62 -12.70
N GLN C 573 -32.22 -13.87 -12.95
CA GLN C 573 -33.33 -14.18 -13.83
C GLN C 573 -34.35 -15.14 -13.14
N PHE C 574 -35.60 -15.07 -13.62
CA PHE C 574 -36.76 -15.58 -12.93
C PHE C 574 -37.63 -16.49 -13.82
N PRO C 575 -37.03 -17.51 -14.44
CA PRO C 575 -37.86 -18.31 -15.33
C PRO C 575 -38.97 -19.01 -14.50
N GLY C 576 -40.19 -19.07 -15.04
CA GLY C 576 -41.33 -19.59 -14.31
C GLY C 576 -42.10 -18.60 -13.44
N TRP C 577 -41.48 -17.46 -13.14
CA TRP C 577 -42.13 -16.42 -12.30
C TRP C 577 -42.91 -15.50 -13.25
N THR C 578 -43.59 -14.50 -12.71
CA THR C 578 -44.50 -13.71 -13.58
C THR C 578 -44.22 -12.22 -13.43
N LYS C 579 -44.43 -11.72 -12.22
CA LYS C 579 -44.30 -10.29 -11.93
C LYS C 579 -44.05 -10.13 -10.47
N GLY C 580 -43.08 -9.30 -10.13
CA GLY C 580 -42.83 -8.95 -8.76
C GLY C 580 -41.63 -8.08 -8.52
N GLN C 581 -41.25 -8.02 -7.24
CA GLN C 581 -40.15 -7.19 -6.75
C GLN C 581 -39.07 -8.11 -6.12
N VAL C 582 -37.80 -7.77 -6.27
CA VAL C 582 -36.71 -8.58 -5.71
C VAL C 582 -35.73 -7.80 -4.84
N TRP C 583 -35.37 -8.38 -3.72
CA TRP C 583 -34.33 -7.91 -2.87
C TRP C 583 -33.23 -8.97 -2.68
N ILE C 584 -32.00 -8.48 -2.52
CA ILE C 584 -30.88 -9.29 -2.05
C ILE C 584 -30.25 -8.55 -0.91
N ASN C 585 -30.11 -9.25 0.20
CA ASN C 585 -29.64 -8.66 1.42
C ASN C 585 -30.37 -7.36 1.80
N GLY C 586 -31.66 -7.30 1.56
CA GLY C 586 -32.48 -6.12 1.90
C GLY C 586 -32.41 -4.98 0.88
N PHE C 587 -31.57 -5.12 -0.14
CA PHE C 587 -31.41 -4.10 -1.19
C PHE C 587 -32.39 -4.39 -2.29
N ASN C 588 -33.25 -3.41 -2.52
CA ASN C 588 -34.31 -3.55 -3.47
C ASN C 588 -33.76 -3.30 -4.86
N LEU C 589 -33.66 -4.36 -5.66
CA LEU C 589 -33.03 -4.33 -6.99
C LEU C 589 -33.97 -3.88 -8.09
N GLY C 590 -35.26 -3.88 -7.76
CA GLY C 590 -36.30 -3.42 -8.66
C GLY C 590 -37.33 -4.46 -9.02
N ARG C 591 -37.96 -4.20 -10.18
CA ARG C 591 -39.14 -4.94 -10.66
C ARG C 591 -38.72 -5.91 -11.71
N TYR C 592 -39.20 -7.15 -11.60
CA TYR C 592 -39.05 -8.12 -12.63
C TYR C 592 -40.43 -8.44 -13.25
N TRP C 593 -40.45 -8.63 -14.58
CA TRP C 593 -41.68 -8.92 -15.30
C TRP C 593 -41.40 -9.77 -16.54
N PRO C 594 -40.95 -11.00 -16.34
CA PRO C 594 -40.61 -11.84 -17.49
C PRO C 594 -41.83 -12.17 -18.39
N ALA C 595 -43.01 -12.10 -17.81
CA ALA C 595 -44.24 -12.27 -18.55
C ALA C 595 -44.42 -11.26 -19.69
N ARG C 596 -43.93 -10.03 -19.52
CA ARG C 596 -44.05 -9.00 -20.59
C ARG C 596 -42.72 -8.73 -21.30
N GLY C 597 -41.63 -8.56 -20.55
CA GLY C 597 -40.37 -8.24 -21.15
C GLY C 597 -40.44 -6.78 -21.53
N PRO C 598 -39.42 -6.28 -22.24
CA PRO C 598 -38.30 -6.98 -22.86
C PRO C 598 -37.16 -7.41 -21.90
N GLN C 599 -37.14 -6.84 -20.72
CA GLN C 599 -36.09 -7.07 -19.75
C GLN C 599 -36.44 -8.40 -19.08
N LEU C 600 -35.51 -9.35 -19.15
CA LEU C 600 -35.67 -10.61 -18.41
C LEU C 600 -34.80 -10.61 -17.17
N THR C 601 -33.56 -10.08 -17.26
CA THR C 601 -32.62 -10.16 -16.15
C THR C 601 -32.52 -8.81 -15.43
N LEU C 602 -32.24 -8.87 -14.13
CA LEU C 602 -31.91 -7.66 -13.35
C LEU C 602 -30.43 -7.66 -12.94
N PHE C 603 -29.80 -6.49 -13.08
CA PHE C 603 -28.42 -6.28 -12.68
C PHE C 603 -28.21 -6.35 -11.18
N VAL C 604 -27.20 -7.13 -10.75
CA VAL C 604 -26.87 -7.32 -9.35
C VAL C 604 -25.41 -6.91 -9.14
N PRO C 605 -25.20 -5.70 -8.57
CA PRO C 605 -23.87 -5.18 -8.32
C PRO C 605 -23.24 -5.93 -7.14
N GLN C 606 -21.95 -6.20 -7.23
CA GLN C 606 -21.28 -7.17 -6.35
C GLN C 606 -21.14 -6.68 -4.94
N HIS C 607 -21.13 -5.36 -4.77
CA HIS C 607 -20.83 -4.81 -3.45
C HIS C 607 -21.91 -5.11 -2.42
N ILE C 608 -23.11 -5.46 -2.85
CA ILE C 608 -24.13 -5.84 -1.88
C ILE C 608 -24.02 -7.32 -1.51
N LEU C 609 -23.10 -8.04 -2.13
CA LEU C 609 -22.93 -9.48 -1.89
C LEU C 609 -21.84 -9.76 -0.88
N MET C 610 -22.08 -10.74 -0.04
CA MET C 610 -21.14 -10.96 1.06
C MET C 610 -20.57 -12.37 1.08
N THR C 611 -19.47 -12.54 1.82
CA THR C 611 -18.80 -13.81 1.93
C THR C 611 -18.68 -14.33 3.37
N SER C 612 -18.93 -13.48 4.33
CA SER C 612 -18.80 -13.89 5.72
C SER C 612 -20.15 -14.48 6.23
N ALA C 613 -21.27 -14.09 5.62
CA ALA C 613 -22.60 -14.64 5.94
C ALA C 613 -23.36 -15.02 4.64
N PRO C 614 -24.41 -15.83 4.75
CA PRO C 614 -25.15 -16.19 3.56
C PRO C 614 -25.87 -14.98 2.97
N ASN C 615 -26.05 -14.97 1.67
CA ASN C 615 -26.80 -13.90 1.01
C ASN C 615 -28.23 -14.29 0.86
N THR C 616 -29.16 -13.40 1.20
CA THR C 616 -30.53 -13.75 1.15
C THR C 616 -31.27 -13.10 0.03
N ILE C 617 -32.02 -13.90 -0.73
CA ILE C 617 -32.85 -13.41 -1.85
C ILE C 617 -34.26 -13.40 -1.29
N THR C 618 -34.94 -12.26 -1.42
CA THR C 618 -36.40 -12.20 -1.23
C THR C 618 -37.07 -11.77 -2.52
N VAL C 619 -38.13 -12.50 -2.89
CA VAL C 619 -38.93 -12.21 -4.06
C VAL C 619 -40.39 -12.02 -3.58
N LEU C 620 -41.02 -10.92 -3.98
CA LEU C 620 -42.45 -10.75 -3.75
C LEU C 620 -43.07 -10.97 -5.12
N GLU C 621 -43.70 -12.14 -5.29
CA GLU C 621 -44.36 -12.52 -6.52
C GLU C 621 -45.83 -12.16 -6.38
N LEU C 622 -46.32 -11.42 -7.38
CA LEU C 622 -47.61 -10.74 -7.29
C LEU C 622 -48.72 -11.47 -8.01
N GLU C 623 -48.35 -12.31 -8.99
CA GLU C 623 -49.31 -12.93 -9.91
C GLU C 623 -49.34 -14.47 -9.90
N TRP C 624 -48.19 -15.10 -10.14
CA TRP C 624 -48.05 -16.53 -10.26
C TRP C 624 -46.62 -17.00 -10.03
N ALA C 625 -46.44 -17.86 -9.03
CA ALA C 625 -45.14 -18.40 -8.63
C ALA C 625 -45.01 -19.87 -9.04
N PRO C 626 -43.81 -20.32 -9.47
CA PRO C 626 -43.60 -21.71 -9.87
C PRO C 626 -43.27 -22.54 -8.62
N CYS C 627 -44.17 -22.56 -7.64
CA CYS C 627 -43.81 -23.08 -6.35
C CYS C 627 -44.82 -24.08 -5.79
N SER C 628 -45.76 -24.52 -6.62
CA SER C 628 -46.80 -25.41 -6.16
C SER C 628 -46.57 -26.87 -6.43
N SER C 629 -45.54 -27.21 -7.20
CA SER C 629 -45.20 -28.62 -7.42
C SER C 629 -44.33 -29.14 -6.28
N ASP C 630 -44.07 -30.44 -6.28
CA ASP C 630 -43.09 -31.07 -5.38
C ASP C 630 -41.67 -31.06 -5.91
N ASP C 631 -41.39 -30.38 -7.02
CA ASP C 631 -40.03 -30.23 -7.51
C ASP C 631 -39.51 -28.89 -7.03
N PRO C 632 -38.63 -28.92 -5.99
CA PRO C 632 -38.09 -27.69 -5.40
C PRO C 632 -37.25 -26.87 -6.39
N GLU C 633 -36.70 -27.53 -7.40
CA GLU C 633 -35.82 -26.83 -8.36
C GLU C 633 -36.57 -25.86 -9.24
N LEU C 634 -37.91 -25.91 -9.20
CA LEU C 634 -38.73 -24.95 -9.96
C LEU C 634 -38.98 -23.71 -9.14
N CYS C 635 -39.05 -23.87 -7.82
CA CYS C 635 -39.19 -22.72 -6.98
C CYS C 635 -37.79 -22.16 -6.68
N ALA C 636 -37.26 -21.48 -7.72
CA ALA C 636 -35.88 -21.00 -7.77
C ALA C 636 -35.67 -19.83 -8.75
N VAL C 637 -34.62 -19.08 -8.46
CA VAL C 637 -34.09 -18.09 -9.36
C VAL C 637 -32.71 -18.55 -9.82
N THR C 638 -32.23 -17.90 -10.88
CA THR C 638 -30.96 -18.26 -11.47
C THR C 638 -30.17 -17.00 -11.75
N PHE C 639 -28.89 -17.05 -11.36
CA PHE C 639 -27.89 -16.04 -11.67
C PHE C 639 -27.04 -16.45 -12.89
N VAL C 640 -27.01 -15.55 -13.89
CA VAL C 640 -26.29 -15.72 -15.14
C VAL C 640 -25.25 -14.62 -15.36
N ASP C 641 -24.36 -14.82 -16.33
CA ASP C 641 -23.24 -13.90 -16.48
C ASP C 641 -23.38 -12.91 -17.62
N ARG C 642 -24.55 -12.90 -18.25
CA ARG C 642 -24.90 -11.96 -19.34
C ARG C 642 -26.33 -11.47 -19.20
N PRO C 643 -26.54 -10.18 -19.46
CA PRO C 643 -27.88 -9.64 -19.35
C PRO C 643 -28.83 -10.14 -20.48
N VAL C 644 -30.15 -10.11 -20.25
CA VAL C 644 -31.14 -10.29 -21.29
C VAL C 644 -32.14 -9.17 -21.08
N ILE C 645 -31.91 -8.06 -21.79
CA ILE C 645 -32.77 -6.87 -21.71
C ILE C 645 -33.58 -6.58 -22.99
N GLY C 646 -33.36 -7.40 -24.01
CA GLY C 646 -34.01 -7.24 -25.30
C GLY C 646 -34.69 -8.51 -25.76
N SER C 647 -35.43 -9.14 -24.85
CA SER C 647 -36.25 -10.28 -25.23
C SER C 647 -37.43 -9.86 -26.10
N SER C 648 -37.96 -10.81 -26.85
CA SER C 648 -39.13 -10.57 -27.72
C SER C 648 -40.39 -10.14 -26.96
N GLN D 30 -4.23 24.06 -26.65
CA GLN D 30 -2.75 24.09 -26.62
C GLN D 30 -2.22 25.28 -25.78
N ARG D 31 -1.15 25.01 -25.02
CA ARG D 31 -0.68 25.90 -23.97
C ARG D 31 0.25 26.96 -24.51
N MET D 32 0.17 28.14 -23.93
CA MET D 32 0.98 29.28 -24.37
C MET D 32 1.59 29.99 -23.15
N PHE D 33 2.85 30.38 -23.26
CA PHE D 33 3.42 31.28 -22.27
C PHE D 33 4.16 32.32 -23.08
N GLU D 34 3.97 33.59 -22.78
CA GLU D 34 4.53 34.64 -23.60
C GLU D 34 4.61 35.92 -22.80
N ILE D 35 5.38 36.87 -23.32
CA ILE D 35 5.42 38.21 -22.74
C ILE D 35 4.32 38.99 -23.40
N ASP D 36 3.47 39.61 -22.59
CA ASP D 36 2.58 40.63 -23.14
C ASP D 36 3.14 42.01 -22.82
N TYR D 37 3.57 42.70 -23.86
CA TYR D 37 4.16 44.02 -23.72
C TYR D 37 3.14 45.14 -23.43
N SER D 38 1.84 44.84 -23.55
CA SER D 38 0.76 45.73 -23.16
C SER D 38 0.49 45.76 -21.66
N ARG D 39 0.30 44.60 -21.04
CA ARG D 39 0.05 44.60 -19.61
C ARG D 39 1.32 44.65 -18.79
N ASP D 40 2.50 44.74 -19.43
CA ASP D 40 3.77 44.68 -18.68
C ASP D 40 3.78 43.38 -17.88
N SER D 41 3.45 42.30 -18.58
CA SER D 41 3.12 41.06 -17.91
C SER D 41 3.40 39.84 -18.80
N PHE D 42 3.60 38.72 -18.11
CA PHE D 42 3.50 37.45 -18.74
C PHE D 42 2.02 37.13 -18.94
N LEU D 43 1.74 36.30 -19.93
CA LEU D 43 0.44 35.68 -20.06
C LEU D 43 0.68 34.21 -20.10
N LYS D 44 0.02 33.48 -19.21
CA LYS D 44 0.03 32.02 -19.27
C LYS D 44 -1.35 31.55 -19.77
N ASP D 45 -1.36 30.88 -20.92
CA ASP D 45 -2.59 30.45 -21.55
C ASP D 45 -3.54 31.63 -21.74
N GLY D 46 -2.98 32.79 -22.10
CA GLY D 46 -3.76 34.00 -22.34
C GLY D 46 -4.20 34.79 -21.13
N GLN D 47 -3.84 34.39 -19.91
CA GLN D 47 -4.21 35.16 -18.72
C GLN D 47 -3.00 35.70 -17.97
N PRO D 48 -3.14 36.86 -17.32
CA PRO D 48 -2.03 37.47 -16.60
C PRO D 48 -1.36 36.52 -15.63
N PHE D 49 -0.03 36.46 -15.63
CA PHE D 49 0.65 35.56 -14.72
C PHE D 49 1.92 36.19 -14.18
N ARG D 50 2.17 36.10 -12.88
CA ARG D 50 3.53 36.27 -12.43
C ARG D 50 4.03 35.19 -11.55
N TYR D 51 5.33 35.02 -11.61
CA TYR D 51 5.98 33.95 -10.89
C TYR D 51 6.66 34.41 -9.63
N ILE D 52 6.61 33.52 -8.67
CA ILE D 52 7.26 33.65 -7.41
C ILE D 52 8.00 32.30 -7.32
N SER D 53 9.31 32.38 -7.52
CA SER D 53 10.17 31.20 -7.71
C SER D 53 11.28 31.17 -6.67
N GLY D 54 11.83 29.99 -6.44
CA GLY D 54 12.93 29.79 -5.54
C GLY D 54 13.95 28.98 -6.33
N SER D 55 15.23 29.24 -6.10
CA SER D 55 16.27 28.46 -6.72
C SER D 55 16.56 27.18 -5.95
N ILE D 56 16.70 26.09 -6.70
CA ILE D 56 17.14 24.83 -6.19
C ILE D 56 18.01 24.18 -7.27
N HIS D 57 19.20 23.76 -6.87
CA HIS D 57 20.14 23.18 -7.81
C HIS D 57 20.12 21.65 -7.60
N TYR D 58 19.66 20.93 -8.62
CA TYR D 58 19.47 19.48 -8.50
C TYR D 58 20.82 18.83 -8.34
N SER D 59 21.88 19.51 -8.80
CA SER D 59 23.23 19.00 -8.65
C SER D 59 23.77 19.09 -7.25
N ARG D 60 23.08 19.80 -6.35
CA ARG D 60 23.52 20.09 -4.99
C ARG D 60 22.64 19.43 -3.94
N VAL D 61 21.62 18.67 -4.37
CA VAL D 61 20.69 17.95 -3.50
C VAL D 61 20.59 16.51 -4.01
N PRO D 62 20.84 15.49 -3.16
CA PRO D 62 20.64 14.15 -3.71
C PRO D 62 19.22 13.96 -4.26
N ARG D 63 19.08 13.21 -5.35
CA ARG D 63 17.78 12.87 -5.86
C ARG D 63 16.86 12.21 -4.85
N PHE D 64 17.40 11.49 -3.89
CA PHE D 64 16.66 10.88 -2.84
C PHE D 64 15.78 11.93 -2.16
N TYR D 65 16.29 13.17 -2.11
CA TYR D 65 15.62 14.27 -1.45
C TYR D 65 14.99 15.31 -2.35
N TRP D 66 14.93 15.06 -3.67
CA TRP D 66 14.38 16.04 -4.64
C TRP D 66 12.94 16.31 -4.36
N LYS D 67 12.13 15.26 -4.14
CA LYS D 67 10.73 15.46 -3.88
C LYS D 67 10.49 16.22 -2.56
N ASP D 68 11.28 15.90 -1.53
CA ASP D 68 11.14 16.60 -0.25
C ASP D 68 11.37 18.11 -0.41
N ARG D 69 12.45 18.49 -1.06
CA ARG D 69 12.79 19.89 -1.14
C ARG D 69 11.76 20.62 -1.98
N LEU D 70 11.32 19.98 -3.04
CA LEU D 70 10.42 20.63 -3.99
C LEU D 70 9.06 20.81 -3.34
N LEU D 71 8.60 19.80 -2.59
CA LEU D 71 7.30 19.91 -1.95
C LEU D 71 7.34 20.98 -0.88
N LYS D 72 8.40 21.07 -0.08
CA LYS D 72 8.56 22.17 0.88
C LYS D 72 8.52 23.55 0.14
N MET D 73 9.14 23.63 -1.04
CA MET D 73 9.08 24.84 -1.87
C MET D 73 7.66 25.16 -2.25
N LYS D 74 6.96 24.17 -2.78
CA LYS D 74 5.54 24.33 -3.11
C LYS D 74 4.70 24.83 -1.92
N MET D 75 4.95 24.25 -0.74
CA MET D 75 4.15 24.59 0.45
C MET D 75 4.44 25.95 1.00
N ALA D 76 5.51 26.55 0.53
CA ALA D 76 5.84 27.94 0.87
C ALA D 76 5.04 28.94 0.00
N GLY D 77 4.44 28.45 -1.07
CA GLY D 77 3.60 29.27 -1.91
C GLY D 77 4.26 29.63 -3.24
N LEU D 78 5.45 29.06 -3.52
CA LEU D 78 6.11 29.30 -4.79
C LEU D 78 5.27 28.63 -5.87
N ASN D 79 5.11 29.29 -7.02
CA ASN D 79 4.51 28.68 -8.16
C ASN D 79 5.53 28.24 -9.18
N ALA D 80 6.79 28.45 -8.90
CA ALA D 80 7.84 28.00 -9.81
C ALA D 80 9.14 27.74 -9.09
N ILE D 81 10.01 26.98 -9.76
CA ILE D 81 11.36 26.87 -9.31
C ILE D 81 12.27 27.30 -10.43
N GLN D 82 13.50 27.59 -10.05
CA GLN D 82 14.58 27.94 -10.98
C GLN D 82 15.82 27.11 -10.68
N THR D 83 16.50 26.71 -11.76
CA THR D 83 17.65 25.84 -11.62
C THR D 83 18.68 26.05 -12.75
N TYR D 84 19.91 25.73 -12.44
CA TYR D 84 21.03 25.78 -13.37
C TYR D 84 21.32 24.38 -13.85
N VAL D 85 21.70 24.24 -15.12
CA VAL D 85 22.23 22.97 -15.65
C VAL D 85 23.73 23.07 -15.72
N PRO D 86 24.45 22.36 -14.83
CA PRO D 86 25.90 22.54 -14.93
C PRO D 86 26.48 21.59 -15.96
N TRP D 87 27.12 22.14 -17.00
CA TRP D 87 27.56 21.36 -18.17
C TRP D 87 28.56 20.31 -17.75
N ASN D 88 29.51 20.71 -16.94
CA ASN D 88 30.53 19.77 -16.48
C ASN D 88 29.98 18.61 -15.57
N PHE D 89 28.76 18.76 -15.03
CA PHE D 89 28.08 17.75 -14.22
C PHE D 89 27.51 16.71 -15.17
N HIS D 90 27.31 17.09 -16.42
CA HIS D 90 26.72 16.18 -17.41
C HIS D 90 27.61 15.69 -18.57
N GLU D 91 28.70 16.39 -18.87
CA GLU D 91 29.62 15.99 -19.94
C GLU D 91 31.02 16.05 -19.39
N PRO D 92 31.34 15.10 -18.54
CA PRO D 92 32.64 15.09 -17.89
C PRO D 92 33.84 14.95 -18.85
N TRP D 93 33.66 14.20 -19.95
CA TRP D 93 34.55 14.14 -21.09
C TRP D 93 33.79 14.26 -22.40
N PRO D 94 34.48 14.73 -23.46
CA PRO D 94 33.71 14.98 -24.68
C PRO D 94 32.96 13.73 -25.19
N GLY D 95 31.66 13.90 -25.38
CA GLY D 95 30.79 12.79 -25.80
C GLY D 95 30.51 11.66 -24.82
N GLN D 96 30.91 11.79 -23.57
CA GLN D 96 30.52 10.89 -22.49
C GLN D 96 29.56 11.63 -21.53
N TYR D 97 28.32 11.14 -21.42
CA TYR D 97 27.23 11.92 -20.83
C TYR D 97 26.76 11.22 -19.57
N GLN D 98 26.35 12.04 -18.60
CA GLN D 98 25.71 11.56 -17.39
C GLN D 98 24.34 12.21 -17.23
N PHE D 99 23.30 11.42 -17.40
CA PHE D 99 21.89 11.87 -17.26
C PHE D 99 21.02 10.93 -16.42
N SER D 100 21.65 10.07 -15.63
CA SER D 100 20.92 9.06 -14.84
C SER D 100 21.03 9.36 -13.36
N GLU D 101 20.05 8.93 -12.56
CA GLU D 101 20.18 8.98 -11.11
C GLU D 101 20.30 10.44 -10.66
N ASP D 102 21.38 10.79 -9.97
CA ASP D 102 21.50 12.15 -9.41
C ASP D 102 21.75 13.20 -10.47
N HIS D 103 22.03 12.73 -11.69
CA HIS D 103 22.34 13.58 -12.84
C HIS D 103 21.16 13.64 -13.78
N ASP D 104 20.00 13.09 -13.34
CA ASP D 104 18.82 13.03 -14.17
C ASP D 104 17.98 14.33 -14.19
N VAL D 105 18.54 15.33 -14.85
CA VAL D 105 17.84 16.58 -14.99
C VAL D 105 16.42 16.47 -15.55
N GLU D 106 16.22 15.64 -16.57
CA GLU D 106 14.90 15.51 -17.13
C GLU D 106 13.88 15.03 -16.09
N TYR D 107 14.27 14.03 -15.29
CA TYR D 107 13.40 13.56 -14.22
C TYR D 107 13.05 14.66 -13.21
N PHE D 108 14.04 15.45 -12.87
CA PHE D 108 13.87 16.50 -11.89
C PHE D 108 12.82 17.48 -12.39
N LEU D 109 12.87 17.82 -13.68
CA LEU D 109 11.90 18.74 -14.28
C LEU D 109 10.52 18.13 -14.34
N ARG D 110 10.42 16.84 -14.69
CA ARG D 110 9.12 16.12 -14.61
C ARG D 110 8.59 16.03 -13.18
N LEU D 111 9.48 15.89 -12.19
CA LEU D 111 9.05 15.89 -10.78
C LEU D 111 8.47 17.25 -10.36
N ALA D 112 9.18 18.32 -10.71
CA ALA D 112 8.69 19.67 -10.45
C ALA D 112 7.29 19.84 -11.04
N HIS D 113 7.10 19.32 -12.25
CA HIS D 113 5.87 19.48 -12.99
C HIS D 113 4.74 18.72 -12.33
N GLU D 114 5.02 17.47 -12.00
CA GLU D 114 4.08 16.62 -11.28
C GLU D 114 3.56 17.30 -10.02
N LEU D 115 4.40 18.06 -9.33
CA LEU D 115 4.04 18.73 -8.09
C LEU D 115 3.36 20.08 -8.31
N GLY D 116 3.17 20.46 -9.56
CA GLY D 116 2.47 21.69 -9.92
C GLY D 116 3.37 22.90 -9.95
N LEU D 117 4.64 22.69 -10.21
CA LEU D 117 5.58 23.78 -10.20
C LEU D 117 6.00 24.01 -11.63
N LEU D 118 5.99 25.26 -12.04
CA LEU D 118 6.62 25.68 -13.29
C LEU D 118 8.13 25.85 -13.05
N VAL D 119 8.87 25.95 -14.14
CA VAL D 119 10.32 25.95 -14.12
C VAL D 119 10.88 27.08 -15.00
N ILE D 120 11.78 27.84 -14.40
CA ILE D 120 12.67 28.75 -15.10
C ILE D 120 13.99 28.02 -15.28
N LEU D 121 14.37 27.77 -16.53
CA LEU D 121 15.54 26.94 -16.78
C LEU D 121 16.74 27.77 -17.11
N ARG D 122 17.86 27.48 -16.48
CA ARG D 122 19.12 28.29 -16.73
C ARG D 122 20.23 27.38 -17.17
N PRO D 123 20.25 27.06 -18.45
CA PRO D 123 21.19 26.04 -19.03
C PRO D 123 22.60 26.56 -19.36
N GLY D 124 22.86 27.84 -19.13
CA GLY D 124 24.21 28.31 -19.30
C GLY D 124 24.53 28.71 -20.72
N PRO D 125 25.68 28.23 -21.29
CA PRO D 125 26.58 27.16 -20.87
C PRO D 125 27.43 27.45 -19.68
N TYR D 126 27.54 28.71 -19.34
CA TYR D 126 28.27 29.18 -18.18
C TYR D 126 27.15 29.55 -17.19
N ILE D 127 27.27 29.11 -15.96
CA ILE D 127 26.28 29.39 -14.95
C ILE D 127 26.81 30.11 -13.69
N CYS D 128 28.12 30.25 -13.54
CA CYS D 128 28.74 30.92 -12.36
C CYS D 128 28.48 30.08 -11.08
N ALA D 129 27.55 30.47 -10.22
CA ALA D 129 26.93 29.54 -9.28
C ALA D 129 27.80 29.01 -8.15
N GLU D 130 28.99 29.59 -7.91
CA GLU D 130 29.92 29.08 -6.92
C GLU D 130 30.25 27.58 -7.21
N TRP D 131 30.28 27.24 -8.49
CA TRP D 131 30.35 25.87 -8.92
C TRP D 131 31.61 25.78 -9.79
N GLU D 132 32.37 24.70 -9.64
CA GLU D 132 33.61 24.47 -10.43
C GLU D 132 33.59 25.08 -11.81
N MET D 133 34.51 26.00 -12.05
CA MET D 133 34.63 26.72 -13.34
C MET D 133 33.30 27.27 -13.91
N GLY D 134 32.37 27.62 -13.03
CA GLY D 134 31.09 28.16 -13.53
C GLY D 134 30.34 27.20 -14.43
N GLY D 135 30.55 25.91 -14.20
CA GLY D 135 29.87 24.84 -14.96
C GLY D 135 30.58 24.38 -16.21
N LEU D 136 31.57 25.15 -16.66
CA LEU D 136 32.29 24.86 -17.90
C LEU D 136 33.21 23.64 -17.72
N PRO D 137 33.18 22.71 -18.64
CA PRO D 137 34.07 21.55 -18.53
C PRO D 137 35.54 21.92 -18.62
N ALA D 138 36.34 21.37 -17.73
CA ALA D 138 37.78 21.63 -17.73
C ALA D 138 38.50 21.14 -19.00
N TRP D 139 37.93 20.15 -19.67
CA TRP D 139 38.52 19.71 -20.93
C TRP D 139 38.52 20.76 -22.03
N LEU D 140 37.75 21.85 -21.89
CA LEU D 140 37.87 22.95 -22.85
C LEU D 140 39.29 23.55 -22.82
N LEU D 141 39.96 23.44 -21.66
CA LEU D 141 41.28 23.96 -21.50
C LEU D 141 42.40 23.13 -22.13
N GLU D 142 42.07 22.01 -22.76
CA GLU D 142 43.02 21.33 -23.62
C GLU D 142 43.48 22.23 -24.79
N LYS D 143 42.63 23.18 -25.22
CA LYS D 143 43.15 24.34 -25.97
C LYS D 143 43.57 25.44 -24.99
N GLU D 144 44.87 25.53 -24.77
CA GLU D 144 45.46 26.39 -23.78
C GLU D 144 45.02 27.83 -23.93
N SER D 145 44.83 28.27 -25.18
CA SER D 145 44.55 29.70 -25.49
C SER D 145 43.09 30.03 -25.56
N ILE D 146 42.24 29.06 -25.16
CA ILE D 146 40.80 29.18 -25.38
C ILE D 146 40.30 30.46 -24.71
N LEU D 147 39.46 31.22 -25.39
CA LEU D 147 38.83 32.37 -24.79
C LEU D 147 37.41 31.95 -24.44
N LEU D 148 37.24 31.58 -23.18
CA LEU D 148 35.95 31.12 -22.69
C LEU D 148 34.92 32.23 -22.72
N ARG D 149 33.69 31.85 -22.95
CA ARG D 149 32.52 32.78 -23.04
C ARG D 149 32.75 33.90 -24.12
N SER D 150 33.00 33.48 -25.34
CA SER D 150 33.31 34.37 -26.43
C SER D 150 33.01 33.66 -27.74
N SER D 151 33.38 34.30 -28.87
CA SER D 151 33.18 33.74 -30.25
C SER D 151 34.33 32.82 -30.66
N ASP D 152 35.22 32.51 -29.72
CA ASP D 152 36.33 31.61 -30.00
C ASP D 152 35.71 30.39 -30.71
N PRO D 153 36.10 30.10 -31.98
CA PRO D 153 35.46 28.99 -32.67
C PRO D 153 35.50 27.61 -32.01
N ASP D 154 36.54 27.30 -31.25
CA ASP D 154 36.60 26.01 -30.56
C ASP D 154 35.66 25.98 -29.35
N TYR D 155 35.61 27.08 -28.60
CA TYR D 155 34.59 27.23 -27.58
C TYR D 155 33.17 27.10 -28.18
N LEU D 156 32.89 27.69 -29.34
CA LEU D 156 31.55 27.61 -29.91
C LEU D 156 31.22 26.18 -30.39
N ALA D 157 32.18 25.51 -31.04
CA ALA D 157 31.90 24.15 -31.53
C ALA D 157 31.60 23.23 -30.33
N ALA D 158 32.28 23.42 -29.22
CA ALA D 158 32.02 22.59 -28.03
C ALA D 158 30.61 22.88 -27.50
N VAL D 159 30.29 24.15 -27.35
CA VAL D 159 28.97 24.55 -26.83
C VAL D 159 27.87 24.07 -27.73
N ASP D 160 28.11 24.15 -29.02
CA ASP D 160 27.08 23.77 -29.99
C ASP D 160 26.79 22.27 -29.91
N LYS D 161 27.83 21.48 -29.76
CA LYS D 161 27.63 20.05 -29.61
C LYS D 161 26.86 19.78 -28.30
N TRP D 162 27.20 20.50 -27.23
CA TRP D 162 26.50 20.32 -25.96
C TRP D 162 25.01 20.71 -26.06
N LEU D 163 24.70 21.85 -26.70
CA LEU D 163 23.35 22.30 -26.86
C LEU D 163 22.56 21.32 -27.66
N GLY D 164 23.24 20.64 -28.57
CA GLY D 164 22.62 19.63 -29.44
C GLY D 164 22.28 18.34 -28.71
N VAL D 165 22.80 18.18 -27.51
CA VAL D 165 22.43 17.04 -26.66
C VAL D 165 21.44 17.49 -25.61
N LEU D 166 21.73 18.58 -24.92
CA LEU D 166 20.85 19.12 -23.89
C LEU D 166 19.53 19.67 -24.38
N LEU D 167 19.52 20.55 -25.36
CA LEU D 167 18.27 21.22 -25.69
C LEU D 167 17.16 20.34 -26.33
N PRO D 168 17.48 19.38 -27.18
CA PRO D 168 16.45 18.43 -27.58
C PRO D 168 15.84 17.69 -26.39
N LYS D 169 16.61 17.43 -25.35
CA LYS D 169 16.03 16.92 -24.11
C LYS D 169 15.09 17.91 -23.40
N MET D 170 15.34 19.21 -23.53
CA MET D 170 14.53 20.21 -22.83
C MET D 170 13.30 20.55 -23.64
N LYS D 171 13.37 20.41 -24.97
CA LYS D 171 12.24 20.81 -25.82
C LYS D 171 10.87 20.18 -25.40
N PRO D 172 10.81 18.86 -25.14
CA PRO D 172 9.49 18.31 -24.69
C PRO D 172 9.02 18.83 -23.36
N LEU D 173 9.92 19.32 -22.54
CA LEU D 173 9.58 19.86 -21.23
C LEU D 173 9.26 21.36 -21.25
N LEU D 174 9.29 21.98 -22.41
CA LEU D 174 8.75 23.33 -22.54
C LEU D 174 7.24 23.35 -22.27
N TYR D 175 6.76 24.45 -21.66
CA TYR D 175 5.34 24.63 -21.35
C TYR D 175 4.44 24.34 -22.55
N GLN D 176 4.85 24.85 -23.71
CA GLN D 176 4.05 24.77 -24.95
C GLN D 176 3.86 23.33 -25.42
N ASN D 177 4.78 22.46 -25.03
CA ASN D 177 4.73 21.04 -25.38
C ASN D 177 4.24 20.18 -24.24
N GLY D 178 3.68 20.80 -23.21
CA GLY D 178 3.09 20.09 -22.08
C GLY D 178 3.97 19.86 -20.87
N GLY D 179 5.12 20.56 -20.80
CA GLY D 179 6.02 20.46 -19.66
C GLY D 179 6.02 21.69 -18.76
N PRO D 180 6.95 21.76 -17.81
CA PRO D 180 6.96 22.84 -16.82
C PRO D 180 7.73 24.12 -17.24
N VAL D 181 8.59 24.05 -18.24
CA VAL D 181 9.61 25.11 -18.44
C VAL D 181 8.99 26.33 -19.15
N ILE D 182 8.92 27.47 -18.47
CA ILE D 182 8.23 28.62 -18.97
C ILE D 182 9.15 29.71 -19.56
N THR D 183 10.36 29.83 -19.03
CA THR D 183 11.34 30.75 -19.59
C THR D 183 12.68 30.04 -19.50
N VAL D 184 13.60 30.50 -20.34
CA VAL D 184 14.96 29.97 -20.37
C VAL D 184 16.01 31.07 -20.44
N GLN D 185 16.97 31.04 -19.53
CA GLN D 185 18.05 32.05 -19.50
C GLN D 185 19.20 31.69 -20.45
N VAL D 186 19.57 32.68 -21.27
CA VAL D 186 20.74 32.58 -22.13
C VAL D 186 22.00 33.13 -21.40
N GLU D 187 23.03 32.28 -21.29
CA GLU D 187 24.26 32.69 -20.60
C GLU D 187 23.90 33.06 -19.16
N ASN D 188 24.78 33.76 -18.47
CA ASN D 188 24.55 34.21 -17.10
C ASN D 188 25.41 35.44 -16.74
N GLU D 189 24.79 36.57 -16.49
CA GLU D 189 25.51 37.82 -16.23
C GLU D 189 26.67 38.05 -17.22
N TYR D 190 26.44 37.91 -18.50
CA TYR D 190 27.52 38.19 -19.43
C TYR D 190 28.05 39.64 -19.35
N GLY D 191 27.22 40.54 -18.81
CA GLY D 191 27.58 41.92 -18.65
C GLY D 191 28.68 42.05 -17.67
N SER D 192 28.89 41.07 -16.79
CA SER D 192 30.02 41.17 -15.86
C SER D 192 31.35 40.67 -16.44
N TYR D 193 31.34 40.05 -17.62
CA TYR D 193 32.54 39.43 -18.14
C TYR D 193 33.22 40.47 -19.03
N PHE D 194 34.54 40.46 -18.97
CA PHE D 194 35.34 41.43 -19.75
C PHE D 194 35.14 41.30 -21.24
N ALA D 195 34.77 40.13 -21.77
CA ALA D 195 34.86 39.95 -23.24
C ALA D 195 33.92 40.82 -24.12
N CYS D 196 32.68 41.01 -23.67
CA CYS D 196 31.69 41.80 -24.39
C CYS D 196 31.48 41.37 -25.85
N ASP D 197 31.49 40.07 -26.08
CA ASP D 197 31.42 39.55 -27.45
C ASP D 197 29.96 39.29 -27.83
N PHE D 198 29.34 40.23 -28.56
CA PHE D 198 27.94 40.14 -28.86
C PHE D 198 27.61 39.05 -29.88
N ASP D 199 28.58 38.67 -30.71
CA ASP D 199 28.36 37.61 -31.65
C ASP D 199 28.17 36.29 -30.89
N TYR D 200 28.85 36.14 -29.75
CA TYR D 200 28.64 34.98 -28.86
C TYR D 200 27.21 34.93 -28.37
N LEU D 201 26.68 36.06 -27.86
CA LEU D 201 25.27 36.08 -27.44
C LEU D 201 24.32 35.74 -28.57
N ARG D 202 24.55 36.26 -29.77
CA ARG D 202 23.64 36.03 -30.90
C ARG D 202 23.72 34.55 -31.39
N PHE D 203 24.91 33.99 -31.31
CA PHE D 203 25.05 32.54 -31.62
C PHE D 203 24.16 31.70 -30.69
N LEU D 204 24.24 31.96 -29.39
CA LEU D 204 23.42 31.25 -28.38
C LEU D 204 21.93 31.46 -28.62
N GLN D 205 21.55 32.70 -28.87
CA GLN D 205 20.14 32.99 -29.23
C GLN D 205 19.68 32.12 -30.42
N LYS D 206 20.52 32.05 -31.44
CA LYS D 206 20.22 31.33 -32.65
C LYS D 206 20.11 29.82 -32.39
N ARG D 207 21.08 29.28 -31.67
CA ARG D 207 21.06 27.85 -31.37
C ARG D 207 19.92 27.43 -30.43
N PHE D 208 19.54 28.29 -29.49
CA PHE D 208 18.50 27.98 -28.51
C PHE D 208 17.20 27.98 -29.28
N ARG D 209 17.04 28.98 -30.15
CA ARG D 209 15.86 29.05 -31.05
C ARG D 209 15.79 27.85 -32.01
N HIS D 210 16.90 27.44 -32.60
CA HIS D 210 16.88 26.26 -33.48
C HIS D 210 16.36 25.03 -32.74
N HIS D 211 16.76 24.81 -31.49
CA HIS D 211 16.43 23.58 -30.79
C HIS D 211 15.08 23.64 -30.07
N LEU D 212 14.70 24.85 -29.64
CA LEU D 212 13.55 25.00 -28.73
C LEU D 212 12.35 25.65 -29.44
N GLY D 213 12.58 26.30 -30.58
CA GLY D 213 11.49 26.92 -31.34
C GLY D 213 11.39 28.41 -31.07
N ASP D 214 10.48 29.06 -31.76
CA ASP D 214 10.37 30.53 -31.78
C ASP D 214 9.47 31.08 -30.68
N ASP D 215 8.85 30.21 -29.91
CA ASP D 215 7.88 30.65 -28.92
C ASP D 215 8.46 30.74 -27.53
N VAL D 216 9.42 29.90 -27.19
CA VAL D 216 9.98 29.92 -25.83
C VAL D 216 10.51 31.31 -25.50
N VAL D 217 10.15 31.79 -24.32
CA VAL D 217 10.63 33.07 -23.87
C VAL D 217 12.09 32.89 -23.47
N LEU D 218 12.98 33.62 -24.14
CA LEU D 218 14.38 33.63 -23.81
C LEU D 218 14.72 34.91 -23.12
N PHE D 219 15.58 34.82 -22.09
CA PHE D 219 15.96 35.98 -21.32
C PHE D 219 17.42 36.01 -20.90
N THR D 220 17.86 37.14 -20.36
CA THR D 220 19.20 37.30 -19.83
C THR D 220 19.09 37.88 -18.45
N THR D 221 20.14 37.73 -17.67
CA THR D 221 20.18 38.27 -16.30
C THR D 221 21.52 38.94 -16.08
N ASP D 222 21.43 40.18 -15.58
CA ASP D 222 22.58 40.97 -15.24
C ASP D 222 22.33 41.85 -14.00
N GLY D 223 23.42 42.38 -13.48
CA GLY D 223 23.36 43.22 -12.31
C GLY D 223 22.56 44.46 -12.69
N ALA D 224 21.81 44.97 -11.73
CA ALA D 224 20.82 46.04 -11.97
C ALA D 224 21.47 47.42 -12.07
N HIS D 225 22.22 47.64 -13.15
CA HIS D 225 22.95 48.90 -13.33
C HIS D 225 23.51 48.93 -14.74
N LYS D 226 23.44 50.11 -15.37
CA LYS D 226 23.78 50.26 -16.76
C LYS D 226 25.19 49.75 -17.11
N THR D 227 26.16 49.94 -16.21
CA THR D 227 27.50 49.36 -16.39
C THR D 227 27.46 47.85 -16.63
N PHE D 228 26.48 47.12 -16.05
CA PHE D 228 26.42 45.64 -16.24
C PHE D 228 25.53 45.31 -17.44
N LEU D 229 24.42 46.03 -17.58
CA LEU D 229 23.54 45.77 -18.70
C LEU D 229 24.14 46.02 -20.08
N LYS D 230 25.11 46.94 -20.17
CA LYS D 230 25.71 47.31 -21.44
C LYS D 230 26.14 46.09 -22.28
N CYS D 231 26.97 45.21 -21.69
CA CYS D 231 27.48 44.04 -22.43
C CYS D 231 26.66 42.75 -22.22
N GLY D 232 25.66 42.80 -21.34
CA GLY D 232 24.84 41.62 -21.04
C GLY D 232 23.50 41.55 -21.75
N ALA D 233 22.97 42.67 -22.25
CA ALA D 233 21.65 42.66 -22.89
C ALA D 233 21.77 42.51 -24.39
N LEU D 234 20.72 42.00 -25.02
CA LEU D 234 20.72 41.73 -26.45
C LEU D 234 19.31 41.83 -26.99
N GLN D 235 19.18 42.40 -28.18
CA GLN D 235 17.91 42.38 -28.90
C GLN D 235 17.37 40.98 -29.08
N GLY D 236 16.07 40.79 -28.80
CA GLY D 236 15.42 39.50 -28.92
C GLY D 236 15.57 38.63 -27.65
N LEU D 237 16.40 39.03 -26.71
CA LEU D 237 16.46 38.34 -25.41
C LEU D 237 15.89 39.25 -24.32
N TYR D 238 14.83 38.84 -23.62
CA TYR D 238 14.26 39.69 -22.58
C TYR D 238 15.25 39.96 -21.46
N THR D 239 15.48 41.25 -21.19
CA THR D 239 16.46 41.67 -20.20
C THR D 239 15.86 41.71 -18.79
N THR D 240 16.48 40.94 -17.88
CA THR D 240 16.16 40.99 -16.47
C THR D 240 17.39 41.33 -15.67
N VAL D 241 17.16 41.72 -14.42
CA VAL D 241 18.21 42.06 -13.49
C VAL D 241 18.16 41.14 -12.29
N ASP D 242 19.20 41.21 -11.49
CA ASP D 242 19.21 40.64 -10.18
C ASP D 242 19.68 41.66 -9.18
N PHE D 243 19.30 41.45 -7.93
CA PHE D 243 19.72 42.23 -6.79
C PHE D 243 19.14 41.70 -5.51
N GLY D 244 19.79 42.10 -4.42
CA GLY D 244 19.46 41.67 -3.10
C GLY D 244 18.93 42.75 -2.19
N THR D 245 18.99 42.46 -0.90
CA THR D 245 18.29 43.28 0.07
C THR D 245 18.96 44.62 0.28
N GLY D 246 20.18 44.81 -0.21
CA GLY D 246 20.90 46.06 0.06
C GLY D 246 20.60 47.16 -0.96
N SER D 247 19.91 46.82 -2.06
CA SER D 247 19.80 47.70 -3.22
C SER D 247 18.52 48.45 -3.20
N ASN D 248 18.55 49.65 -3.76
CA ASN D 248 17.33 50.42 -3.95
C ASN D 248 16.49 49.75 -5.03
N ILE D 249 15.31 49.30 -4.64
CA ILE D 249 14.44 48.51 -5.50
C ILE D 249 13.87 49.30 -6.66
N THR D 250 13.44 50.52 -6.40
CA THR D 250 13.01 51.37 -7.49
C THR D 250 14.09 51.61 -8.51
N ASP D 251 15.32 51.88 -8.07
CA ASP D 251 16.42 52.14 -9.02
C ASP D 251 16.80 50.84 -9.80
N ALA D 252 16.74 49.70 -9.15
CA ALA D 252 17.13 48.45 -9.83
C ALA D 252 16.19 48.23 -11.02
N PHE D 253 14.89 48.36 -10.76
CA PHE D 253 13.88 48.22 -11.80
C PHE D 253 13.86 49.33 -12.85
N LEU D 254 14.28 50.52 -12.47
CA LEU D 254 14.51 51.55 -13.47
C LEU D 254 15.59 51.12 -14.42
N SER D 255 16.65 50.50 -13.90
CA SER D 255 17.76 50.10 -14.77
C SER D 255 17.29 49.02 -15.75
N GLN D 256 16.44 48.10 -15.28
CA GLN D 256 15.79 47.13 -16.19
C GLN D 256 14.92 47.83 -17.24
N ARG D 257 14.15 48.84 -16.81
CA ARG D 257 13.19 49.53 -17.70
C ARG D 257 13.87 50.32 -18.79
N LYS D 258 15.07 50.81 -18.53
CA LYS D 258 15.85 51.42 -19.58
C LYS D 258 15.96 50.43 -20.74
N CYS D 259 16.30 49.17 -20.44
CA CYS D 259 16.52 48.15 -21.47
C CYS D 259 15.24 47.59 -22.06
N GLU D 260 14.20 47.43 -21.24
CA GLU D 260 12.94 46.88 -21.70
C GLU D 260 11.94 47.87 -21.21
N PRO D 261 11.54 48.83 -22.05
CA PRO D 261 10.64 49.83 -21.49
C PRO D 261 9.25 49.25 -21.21
N LYS D 262 8.92 48.12 -21.84
CA LYS D 262 7.66 47.37 -21.61
C LYS D 262 7.89 45.88 -21.33
N GLY D 263 7.00 45.29 -20.55
CA GLY D 263 7.11 43.90 -20.16
C GLY D 263 7.19 43.72 -18.66
N PRO D 264 7.18 42.46 -18.21
CA PRO D 264 7.23 42.18 -16.78
C PRO D 264 8.45 42.71 -16.11
N LEU D 265 8.32 43.26 -14.91
CA LEU D 265 9.50 43.51 -14.09
C LEU D 265 9.96 42.15 -13.52
N ILE D 266 11.25 41.89 -13.56
CA ILE D 266 11.75 40.60 -13.07
C ILE D 266 13.06 40.79 -12.34
N ASN D 267 13.13 40.31 -11.09
CA ASN D 267 14.37 40.09 -10.37
C ASN D 267 14.63 38.58 -10.36
N SER D 268 15.57 38.19 -11.21
CA SER D 268 15.92 36.76 -11.43
C SER D 268 16.74 36.14 -10.32
N GLU D 269 17.42 36.97 -9.52
CA GLU D 269 18.14 36.50 -8.35
C GLU D 269 18.00 37.45 -7.17
N PHE D 270 16.92 37.29 -6.44
CA PHE D 270 16.78 38.03 -5.19
C PHE D 270 17.43 37.32 -4.02
N TYR D 271 18.51 37.90 -3.48
CA TYR D 271 19.40 37.19 -2.58
C TYR D 271 18.78 37.04 -1.18
N THR D 272 18.54 35.76 -0.82
CA THR D 272 18.00 35.42 0.51
C THR D 272 19.09 35.25 1.51
N GLY D 273 20.31 35.26 1.01
CA GLY D 273 21.50 34.99 1.78
C GLY D 273 22.73 35.31 0.93
N TRP D 274 23.83 34.62 1.18
CA TRP D 274 25.05 34.92 0.45
C TRP D 274 26.11 33.82 0.62
N LEU D 275 27.06 33.81 -0.32
CA LEU D 275 28.09 32.75 -0.36
C LEU D 275 29.15 32.93 0.72
N ASP D 276 29.85 31.84 1.00
CA ASP D 276 30.97 31.77 1.91
C ASP D 276 32.29 31.51 1.18
N HIS D 277 33.40 31.70 1.90
CA HIS D 277 34.74 31.27 1.49
C HIS D 277 35.40 30.63 2.70
N TRP D 278 36.18 29.59 2.48
CA TRP D 278 37.01 29.10 3.58
C TRP D 278 37.84 30.21 4.20
N GLY D 279 37.91 30.21 5.52
CA GLY D 279 38.63 31.20 6.29
C GLY D 279 37.93 32.52 6.53
N GLN D 280 36.70 32.70 6.02
CA GLN D 280 35.95 33.92 6.28
C GLN D 280 34.69 33.63 7.06
N PRO D 281 34.15 34.66 7.74
CA PRO D 281 32.94 34.42 8.53
C PRO D 281 31.78 33.96 7.67
N HIS D 282 31.03 33.02 8.18
CA HIS D 282 29.86 32.50 7.47
C HIS D 282 28.89 33.63 7.19
N SER D 283 28.41 33.74 5.94
CA SER D 283 27.51 34.84 5.59
C SER D 283 26.07 34.55 6.04
N THR D 284 25.38 35.59 6.51
CA THR D 284 23.94 35.54 6.83
C THR D 284 23.27 36.84 6.46
N ILE D 285 21.95 36.79 6.31
CA ILE D 285 21.12 37.94 5.96
C ILE D 285 19.84 37.77 6.77
N LYS D 286 19.50 38.81 7.52
CA LYS D 286 18.37 38.78 8.41
C LYS D 286 17.05 38.53 7.67
N THR D 287 16.23 37.68 8.26
CA THR D 287 14.90 37.42 7.76
C THR D 287 14.04 38.66 7.49
N GLU D 288 14.05 39.59 8.44
CA GLU D 288 13.31 40.84 8.33
C GLU D 288 13.57 41.58 7.03
N ALA D 289 14.83 41.65 6.61
CA ALA D 289 15.30 42.33 5.40
C ALA D 289 14.82 41.64 4.14
N VAL D 290 14.91 40.31 4.13
CA VAL D 290 14.48 39.51 2.98
C VAL D 290 12.98 39.64 2.85
N ALA D 291 12.26 39.43 3.96
CA ALA D 291 10.81 39.53 3.92
C ALA D 291 10.38 40.95 3.48
N SER D 292 11.02 41.94 4.04
CA SER D 292 10.71 43.31 3.71
C SER D 292 10.91 43.59 2.21
N SER D 293 12.06 43.17 1.67
CA SER D 293 12.34 43.43 0.25
C SER D 293 11.41 42.61 -0.61
N LEU D 294 11.28 41.34 -0.25
CA LEU D 294 10.37 40.49 -1.00
C LEU D 294 8.96 41.07 -1.14
N TYR D 295 8.39 41.51 -0.03
CA TYR D 295 7.05 42.11 -0.05
C TYR D 295 7.06 43.31 -1.04
N ASP D 296 8.08 44.13 -0.91
CA ASP D 296 8.17 45.30 -1.81
C ASP D 296 8.20 44.90 -3.29
N ILE D 297 8.97 43.85 -3.61
CA ILE D 297 9.12 43.43 -4.98
C ILE D 297 7.78 42.94 -5.47
N LEU D 298 7.12 42.08 -4.68
CA LEU D 298 5.84 41.48 -5.07
C LEU D 298 4.74 42.49 -5.28
N ALA D 299 4.67 43.42 -4.35
CA ALA D 299 3.71 44.49 -4.41
C ALA D 299 3.80 45.29 -5.73
N ARG D 300 4.99 45.39 -6.31
CA ARG D 300 5.14 46.10 -7.59
C ARG D 300 4.59 45.27 -8.76
N GLY D 301 4.08 44.05 -8.48
CA GLY D 301 3.67 43.14 -9.57
C GLY D 301 4.80 42.41 -10.31
N ALA D 302 6.02 42.52 -9.78
CA ALA D 302 7.19 41.90 -10.38
C ALA D 302 7.21 40.38 -10.20
N SER D 303 7.78 39.69 -11.20
CA SER D 303 8.09 38.28 -11.05
C SER D 303 9.42 38.23 -10.34
N VAL D 304 9.62 37.22 -9.52
CA VAL D 304 10.84 37.18 -8.74
C VAL D 304 11.30 35.75 -8.43
N ASN D 305 12.61 35.56 -8.42
CA ASN D 305 13.20 34.31 -8.01
C ASN D 305 14.10 34.50 -6.81
N LEU D 306 13.85 33.73 -5.76
CA LEU D 306 14.67 33.75 -4.55
C LEU D 306 15.94 32.88 -4.69
N TYR D 307 17.13 33.51 -4.58
CA TYR D 307 18.43 32.86 -4.77
C TYR D 307 19.19 32.84 -3.45
N MET D 308 19.35 31.70 -2.74
CA MET D 308 18.80 30.38 -3.01
C MET D 308 17.58 30.22 -2.15
N PHE D 309 16.69 29.26 -2.51
CA PHE D 309 15.63 28.87 -1.61
C PHE D 309 16.10 27.68 -0.84
N ILE D 310 16.62 26.69 -1.53
CA ILE D 310 17.52 25.73 -0.83
C ILE D 310 18.86 25.75 -1.57
N GLY D 311 19.96 25.78 -0.81
CA GLY D 311 21.29 25.75 -1.38
C GLY D 311 21.92 24.37 -1.48
N GLY D 312 21.93 23.60 -0.41
CA GLY D 312 22.39 22.20 -0.55
C GLY D 312 23.88 22.16 -0.31
N THR D 313 24.56 21.29 -1.05
CA THR D 313 25.92 20.91 -0.78
C THR D 313 26.73 20.82 -2.08
N ASN D 314 27.99 21.24 -2.03
CA ASN D 314 28.94 20.97 -3.07
C ASN D 314 29.62 19.68 -2.70
N PHE D 315 29.07 18.57 -3.14
CA PHE D 315 29.69 17.29 -2.78
C PHE D 315 30.98 17.13 -3.60
N ALA D 316 31.73 16.07 -3.28
CA ALA D 316 32.99 15.76 -4.00
C ALA D 316 33.88 17.03 -4.28
N TYR D 317 34.16 17.37 -5.54
CA TYR D 317 35.02 18.56 -5.90
C TYR D 317 34.27 19.69 -6.65
N TRP D 318 32.97 19.82 -6.43
CA TRP D 318 32.14 20.66 -7.30
C TRP D 318 32.15 22.11 -6.95
N ASN D 319 32.74 22.48 -5.81
CA ASN D 319 32.77 23.88 -5.38
C ASN D 319 33.58 24.77 -6.37
N GLY D 320 33.24 26.05 -6.42
CA GLY D 320 34.00 26.99 -7.25
C GLY D 320 34.94 27.81 -6.37
N ALA D 321 35.27 29.02 -6.85
CA ALA D 321 36.23 29.90 -6.22
C ALA D 321 36.11 31.30 -6.84
N ASN D 322 36.48 32.32 -6.07
CA ASN D 322 36.62 33.69 -6.62
C ASN D 322 38.04 34.15 -6.64
N SER D 323 38.28 35.26 -7.34
CA SER D 323 39.58 35.97 -7.43
C SER D 323 39.65 37.21 -6.55
N PRO D 324 40.80 37.49 -5.94
CA PRO D 324 41.98 36.66 -5.82
C PRO D 324 41.69 35.34 -5.07
N TYR D 325 42.38 34.29 -5.48
CA TYR D 325 41.91 32.96 -5.22
C TYR D 325 41.39 32.72 -3.82
N ALA D 326 40.11 32.40 -3.69
CA ALA D 326 39.59 31.89 -2.45
C ALA D 326 38.45 30.93 -2.78
N ALA D 327 38.57 29.70 -2.31
CA ALA D 327 37.58 28.68 -2.63
C ALA D 327 36.34 28.82 -1.74
N GLN D 328 35.19 28.57 -2.31
CA GLN D 328 33.99 28.42 -1.52
C GLN D 328 33.98 27.04 -0.83
N PRO D 329 33.39 26.96 0.38
CA PRO D 329 33.37 25.68 1.10
C PRO D 329 32.42 24.60 0.57
N THR D 330 32.46 23.44 1.23
CA THR D 330 31.63 22.29 0.87
C THR D 330 30.12 22.56 1.03
N SER D 331 29.72 23.16 2.15
CA SER D 331 28.32 23.56 2.37
C SER D 331 27.90 24.67 1.43
N TYR D 332 26.69 24.58 0.85
CA TYR D 332 26.11 25.70 0.10
C TYR D 332 24.86 26.10 0.85
N ASP D 333 24.92 26.00 2.18
CA ASP D 333 23.77 26.31 3.03
C ASP D 333 23.17 27.65 2.60
N TYR D 334 24.05 28.64 2.38
CA TYR D 334 23.68 29.96 1.80
C TYR D 334 22.87 30.87 2.77
N ASP D 335 22.60 30.38 3.97
CA ASP D 335 21.63 31.00 4.88
C ASP D 335 20.26 31.10 4.22
N ALA D 336 19.97 30.14 3.33
CA ALA D 336 18.70 30.05 2.63
C ALA D 336 17.51 29.72 3.57
N PRO D 337 16.28 29.95 3.10
CA PRO D 337 15.08 29.57 3.84
C PRO D 337 14.99 28.07 4.19
N LEU D 338 15.49 27.20 3.31
CA LEU D 338 15.66 25.80 3.63
C LEU D 338 17.11 25.61 3.90
N SER D 339 17.43 24.96 5.03
CA SER D 339 18.83 24.73 5.39
C SER D 339 19.49 23.71 4.46
N GLU D 340 20.81 23.57 4.53
CA GLU D 340 21.53 22.62 3.71
C GLU D 340 20.86 21.24 3.71
N ALA D 341 20.43 20.81 4.89
CA ALA D 341 19.78 19.52 5.04
C ALA D 341 18.25 19.57 4.81
N GLY D 342 17.75 20.69 4.31
CA GLY D 342 16.35 20.82 3.98
C GLY D 342 15.42 21.25 5.11
N ASP D 343 15.95 21.71 6.26
CA ASP D 343 15.15 22.02 7.43
C ASP D 343 14.33 23.26 7.25
N LEU D 344 13.16 23.28 7.90
CA LEU D 344 12.28 24.43 7.78
C LEU D 344 12.76 25.55 8.73
N THR D 345 13.19 26.69 8.23
CA THR D 345 13.80 27.67 9.13
C THR D 345 12.81 28.78 9.44
N GLU D 346 13.17 29.64 10.37
CA GLU D 346 12.34 30.80 10.64
C GLU D 346 12.21 31.69 9.41
N LYS D 347 13.30 31.81 8.65
CA LYS D 347 13.25 32.49 7.35
C LYS D 347 12.21 31.86 6.42
N TYR D 348 12.14 30.52 6.40
CA TYR D 348 11.17 29.86 5.55
C TYR D 348 9.74 30.31 5.90
N PHE D 349 9.38 30.37 7.17
CA PHE D 349 7.96 30.61 7.54
C PHE D 349 7.67 32.07 7.33
N ALA D 350 8.69 32.88 7.51
CA ALA D 350 8.61 34.31 7.32
C ALA D 350 8.28 34.68 5.88
N LEU D 351 8.96 34.06 4.92
CA LEU D 351 8.73 34.33 3.48
C LEU D 351 7.43 33.68 3.04
N ARG D 352 7.14 32.50 3.58
CA ARG D 352 5.84 31.94 3.36
C ARG D 352 4.71 32.93 3.75
N ASN D 353 4.79 33.51 4.94
CA ASN D 353 3.82 34.49 5.36
C ASN D 353 3.73 35.71 4.45
N ILE D 354 4.86 36.15 3.91
CA ILE D 354 4.83 37.25 2.90
C ILE D 354 4.06 36.82 1.64
N ILE D 355 4.38 35.62 1.12
CA ILE D 355 3.77 35.12 -0.10
C ILE D 355 2.25 34.98 0.06
N GLN D 356 1.84 34.48 1.23
CA GLN D 356 0.42 34.40 1.60
C GLN D 356 -0.38 35.69 1.46
N LYS D 357 0.26 36.84 1.51
CA LYS D 357 -0.46 38.10 1.38
C LYS D 357 -0.82 38.34 -0.07
N PHE D 358 -0.24 37.58 -0.98
CA PHE D 358 -0.42 37.78 -2.41
C PHE D 358 -1.08 36.63 -3.14
N GLU D 359 -0.87 35.40 -2.67
CA GLU D 359 -1.38 34.19 -3.29
C GLU D 359 -1.85 33.25 -2.18
N LYS D 360 -3.02 32.63 -2.34
CA LYS D 360 -3.36 31.47 -1.50
C LYS D 360 -2.29 30.41 -1.66
N VAL D 361 -1.82 29.94 -0.52
CA VAL D 361 -0.77 28.96 -0.38
C VAL D 361 -1.43 27.58 -0.16
N PRO D 362 -0.74 26.48 -0.53
CA PRO D 362 -1.45 25.22 -0.40
C PRO D 362 -1.73 24.83 1.05
N GLU D 363 -2.70 23.96 1.26
CA GLU D 363 -3.16 23.57 2.59
C GLU D 363 -2.57 22.23 3.00
N GLY D 364 -2.69 21.92 4.29
CA GLY D 364 -2.17 20.70 4.85
C GLY D 364 -0.88 21.00 5.55
N PRO D 365 -0.34 20.00 6.28
CA PRO D 365 0.91 20.20 6.98
C PRO D 365 2.13 20.18 6.03
N ILE D 366 3.20 20.85 6.40
CA ILE D 366 4.41 20.85 5.57
C ILE D 366 5.28 19.64 5.96
N PRO D 367 5.86 18.97 4.96
CA PRO D 367 6.79 17.90 5.31
C PRO D 367 7.84 18.43 6.23
N PRO D 368 8.26 17.62 7.21
CA PRO D 368 9.11 18.12 8.27
C PRO D 368 10.59 18.21 7.87
N SER D 369 11.34 18.92 8.70
CA SER D 369 12.76 18.77 8.81
C SER D 369 13.09 17.32 9.09
N THR D 370 14.11 16.78 8.44
CA THR D 370 14.43 15.39 8.62
C THR D 370 14.97 15.20 10.02
N PRO D 371 14.65 14.06 10.66
CA PRO D 371 15.32 13.74 11.91
C PRO D 371 16.80 13.53 11.72
N LYS D 372 17.58 13.92 12.72
CA LYS D 372 19.06 13.84 12.66
C LYS D 372 19.54 13.00 13.85
N PHE D 373 20.57 12.20 13.60
CA PHE D 373 21.04 11.26 14.61
C PHE D 373 22.53 11.43 14.77
N ALA D 374 22.99 11.58 16.02
CA ALA D 374 24.43 11.50 16.35
C ALA D 374 24.86 10.05 16.49
N TYR D 375 25.52 9.48 15.49
CA TYR D 375 26.04 8.11 15.61
C TYR D 375 27.24 8.02 16.59
N GLY D 376 27.77 9.15 17.04
CA GLY D 376 28.84 9.17 18.00
C GLY D 376 30.22 9.13 17.36
N LYS D 377 31.18 8.64 18.14
CA LYS D 377 32.57 8.58 17.76
C LYS D 377 32.84 7.31 16.96
N VAL D 378 33.55 7.41 15.83
CA VAL D 378 34.02 6.25 15.10
C VAL D 378 35.55 6.34 14.88
N THR D 379 36.26 5.32 15.34
CA THR D 379 37.69 5.23 15.28
C THR D 379 38.08 4.77 13.87
N LEU D 380 39.15 5.40 13.37
CA LEU D 380 39.76 5.06 12.11
C LEU D 380 41.15 4.60 12.42
N GLU D 381 41.71 3.82 11.52
CA GLU D 381 43.16 3.63 11.51
C GLU D 381 43.72 3.90 10.14
N LYS D 382 45.03 4.13 10.11
CA LYS D 382 45.76 4.39 8.90
C LYS D 382 45.73 3.21 7.98
N LEU D 383 45.53 3.50 6.71
CA LEU D 383 45.47 2.46 5.72
C LEU D 383 46.77 2.52 4.95
N LYS D 384 47.03 3.67 4.33
CA LYS D 384 48.19 3.84 3.48
C LYS D 384 48.42 5.32 3.26
N THR D 385 49.68 5.73 3.22
CA THR D 385 50.03 7.04 2.74
C THR D 385 49.78 7.12 1.23
N VAL D 386 49.59 8.33 0.72
CA VAL D 386 49.48 8.52 -0.72
C VAL D 386 50.72 7.92 -1.40
N GLY D 387 51.87 8.26 -0.88
CA GLY D 387 53.15 7.71 -1.33
C GLY D 387 53.14 6.21 -1.51
N ALA D 388 52.63 5.49 -0.52
CA ALA D 388 52.67 4.02 -0.55
C ALA D 388 51.56 3.44 -1.39
N ALA D 389 50.66 4.28 -1.87
CA ALA D 389 49.46 3.85 -2.56
C ALA D 389 49.49 4.05 -4.09
N LEU D 390 50.63 4.40 -4.68
CA LEU D 390 50.65 4.87 -6.08
C LEU D 390 50.31 3.81 -7.12
N ASP D 391 50.60 2.55 -6.80
CA ASP D 391 50.17 1.38 -7.61
C ASP D 391 48.68 1.38 -7.89
N ILE D 392 47.89 1.71 -6.87
CA ILE D 392 46.44 1.67 -6.99
C ILE D 392 45.87 3.03 -7.45
N LEU D 393 46.54 4.14 -7.12
CA LEU D 393 46.07 5.46 -7.50
C LEU D 393 46.45 5.80 -8.90
N CYS D 394 47.50 5.14 -9.42
CA CYS D 394 47.97 5.41 -10.75
C CYS D 394 48.37 4.11 -11.46
N PRO D 395 47.38 3.25 -11.79
CA PRO D 395 47.74 1.96 -12.36
C PRO D 395 48.35 2.08 -13.78
N SER D 396 48.17 3.22 -14.47
CA SER D 396 48.74 3.39 -15.81
C SER D 396 50.19 3.76 -15.82
N GLY D 397 50.75 4.07 -14.67
CA GLY D 397 52.10 4.56 -14.62
C GLY D 397 52.13 6.06 -14.78
N PRO D 398 53.15 6.70 -14.22
CA PRO D 398 53.26 8.15 -14.27
C PRO D 398 53.73 8.67 -15.61
N ILE D 399 53.63 9.99 -15.78
CA ILE D 399 54.08 10.71 -16.97
C ILE D 399 55.39 11.43 -16.63
N LYS D 400 56.41 11.22 -17.45
CA LYS D 400 57.69 11.92 -17.34
C LYS D 400 57.70 13.22 -18.14
N SER D 401 58.26 14.29 -17.61
CA SER D 401 58.29 15.56 -18.31
C SER D 401 59.46 16.37 -17.83
N LEU D 402 60.10 17.07 -18.75
CA LEU D 402 61.29 17.83 -18.38
C LEU D 402 60.87 18.90 -17.38
N TYR D 403 59.78 19.61 -17.67
CA TYR D 403 59.21 20.61 -16.76
C TYR D 403 57.82 20.17 -16.32
N PRO D 404 57.30 20.79 -15.27
CA PRO D 404 55.97 20.37 -14.77
C PRO D 404 54.81 20.62 -15.78
N LEU D 405 53.87 19.66 -15.83
CA LEU D 405 52.62 19.76 -16.59
C LEU D 405 51.41 20.03 -15.70
N THR D 406 50.42 20.72 -16.28
CA THR D 406 49.15 21.05 -15.59
C THR D 406 48.20 19.85 -15.42
N PHE D 407 47.22 19.96 -14.51
CA PHE D 407 46.15 18.96 -14.36
C PHE D 407 45.56 18.61 -15.71
N ILE D 408 45.22 19.63 -16.52
CA ILE D 408 44.61 19.41 -17.86
C ILE D 408 45.46 18.55 -18.81
N GLN D 409 46.77 18.79 -18.79
CA GLN D 409 47.71 18.16 -19.70
C GLN D 409 47.90 16.71 -19.37
N VAL D 410 47.83 16.37 -18.09
CA VAL D 410 47.87 14.95 -17.68
C VAL D 410 46.47 14.36 -17.55
N LYS D 411 45.44 15.06 -18.05
CA LYS D 411 44.10 14.50 -18.19
C LYS D 411 43.39 14.22 -16.86
N GLN D 412 43.71 14.99 -15.83
CA GLN D 412 42.92 14.95 -14.61
C GLN D 412 42.26 16.31 -14.34
N HIS D 413 40.97 16.32 -14.01
CA HIS D 413 40.25 17.57 -13.82
C HIS D 413 40.14 18.01 -12.37
N TYR D 414 39.87 17.03 -11.51
CA TYR D 414 39.55 17.25 -10.09
C TYR D 414 40.47 16.52 -9.20
N GLY D 415 40.50 16.96 -7.95
CA GLY D 415 41.25 16.26 -6.90
C GLY D 415 42.76 16.58 -6.82
N PHE D 416 43.56 15.53 -6.85
CA PHE D 416 44.97 15.62 -6.49
C PHE D 416 45.90 15.00 -7.56
N VAL D 417 47.05 15.64 -7.78
CA VAL D 417 48.12 15.12 -8.63
C VAL D 417 49.46 15.18 -7.89
N LEU D 418 50.22 14.09 -7.97
CA LEU D 418 51.49 13.97 -7.29
C LEU D 418 52.62 14.33 -8.24
N TYR D 419 53.39 15.34 -7.90
CA TYR D 419 54.56 15.73 -8.68
C TYR D 419 55.83 15.28 -7.96
N ARG D 420 56.68 14.55 -8.67
CA ARG D 420 57.86 13.95 -8.08
C ARG D 420 59.12 14.31 -8.84
N THR D 421 60.13 14.75 -8.10
CA THR D 421 61.49 14.90 -8.63
C THR D 421 62.52 14.44 -7.59
N THR D 422 63.80 14.54 -7.92
CA THR D 422 64.84 14.27 -6.92
C THR D 422 65.70 15.50 -6.80
N LEU D 423 66.24 15.71 -5.59
CA LEU D 423 67.03 16.89 -5.30
C LEU D 423 68.37 16.83 -6.05
N PRO D 424 68.69 17.90 -6.84
CA PRO D 424 69.94 18.02 -7.63
C PRO D 424 71.15 18.58 -6.86
N GLN D 425 71.01 18.79 -5.55
CA GLN D 425 72.05 19.37 -4.72
C GLN D 425 71.75 18.99 -3.28
N ASP D 426 72.78 18.94 -2.45
CA ASP D 426 72.58 18.60 -1.04
C ASP D 426 71.90 19.76 -0.35
N CYS D 427 71.06 19.41 0.61
CA CYS D 427 70.18 20.35 1.28
C CYS D 427 70.21 20.13 2.80
N SER D 428 71.39 19.85 3.34
CA SER D 428 71.54 19.61 4.77
C SER D 428 71.25 20.90 5.51
N ASN D 429 71.68 22.00 4.91
CA ASN D 429 71.22 23.31 5.28
C ASN D 429 69.92 23.53 4.52
N PRO D 430 68.89 24.10 5.17
CA PRO D 430 67.63 24.26 4.45
C PRO D 430 67.77 25.12 3.18
N ALA D 431 67.11 24.71 2.09
CA ALA D 431 67.11 25.46 0.82
C ALA D 431 65.71 25.91 0.50
N PRO D 432 65.58 27.11 -0.11
CA PRO D 432 64.28 27.58 -0.56
C PRO D 432 63.76 26.79 -1.75
N LEU D 433 62.63 26.11 -1.52
CA LEU D 433 61.79 25.62 -2.61
C LEU D 433 60.71 26.66 -2.84
N SER D 434 60.63 27.14 -4.08
CA SER D 434 59.75 28.22 -4.38
C SER D 434 59.13 28.15 -5.77
N SER D 435 57.99 28.83 -5.91
CA SER D 435 57.30 28.96 -7.17
C SER D 435 57.33 30.44 -7.53
N PRO D 436 58.39 30.87 -8.23
CA PRO D 436 58.56 32.33 -8.28
C PRO D 436 57.39 33.06 -8.94
N LEU D 437 56.69 32.39 -9.85
CA LEU D 437 55.53 33.00 -10.50
C LEU D 437 54.19 32.62 -9.83
N ASN D 438 54.27 32.02 -8.65
CA ASN D 438 53.05 31.75 -7.85
C ASN D 438 52.20 30.77 -8.62
N GLY D 439 52.83 29.69 -9.04
CA GLY D 439 52.29 28.71 -9.97
C GLY D 439 51.89 27.40 -9.30
N VAL D 440 51.63 27.44 -8.01
CA VAL D 440 51.09 26.28 -7.30
C VAL D 440 49.61 26.51 -7.20
N HIS D 441 48.87 25.89 -8.12
CA HIS D 441 47.44 26.01 -8.21
C HIS D 441 46.75 24.67 -7.72
N ASP D 442 46.38 24.57 -6.44
CA ASP D 442 46.25 25.68 -5.49
C ASP D 442 46.95 25.51 -4.16
N ARG D 443 47.50 24.35 -3.92
CA ARG D 443 48.06 24.04 -2.63
C ARG D 443 48.80 22.73 -2.83
N ALA D 444 49.99 22.67 -2.24
CA ALA D 444 50.87 21.52 -2.39
C ALA D 444 51.37 21.07 -1.05
N TYR D 445 51.34 19.78 -0.83
CA TYR D 445 51.80 19.19 0.44
C TYR D 445 53.12 18.58 0.10
N VAL D 446 54.15 19.13 0.71
CA VAL D 446 55.54 18.81 0.29
C VAL D 446 56.18 17.79 1.21
N ALA D 447 56.79 16.76 0.63
CA ALA D 447 57.61 15.83 1.40
C ALA D 447 58.96 15.60 0.72
N VAL D 448 60.01 15.44 1.53
CA VAL D 448 61.34 15.04 1.04
C VAL D 448 61.78 13.75 1.72
N ASP D 449 61.99 12.70 0.93
CA ASP D 449 62.28 11.35 1.44
C ASP D 449 61.24 10.90 2.47
N GLY D 450 59.98 11.26 2.23
CA GLY D 450 58.90 10.87 3.13
C GLY D 450 58.84 11.65 4.43
N ILE D 451 59.60 12.74 4.52
CA ILE D 451 59.47 13.62 5.66
C ILE D 451 58.68 14.86 5.23
N PRO D 452 57.51 15.08 5.84
CA PRO D 452 56.73 16.28 5.55
C PRO D 452 57.51 17.58 5.70
N GLN D 453 57.40 18.49 4.75
CA GLN D 453 58.12 19.76 4.84
C GLN D 453 57.20 20.94 5.03
N GLY D 454 55.90 20.77 4.80
CA GLY D 454 54.96 21.88 4.91
C GLY D 454 54.16 22.12 3.64
N VAL D 455 53.71 23.35 3.45
CA VAL D 455 52.72 23.64 2.46
C VAL D 455 53.07 24.88 1.67
N LEU D 456 52.95 24.79 0.36
CA LEU D 456 52.93 25.97 -0.51
C LEU D 456 51.46 26.28 -0.89
N GLU D 457 51.10 27.57 -0.88
CA GLU D 457 49.70 28.02 -1.06
C GLU D 457 49.64 29.13 -2.11
N ARG D 458 48.69 29.03 -3.04
CA ARG D 458 48.47 30.05 -4.09
C ARG D 458 48.20 31.38 -3.42
N ASN D 459 48.91 32.39 -3.88
CA ASN D 459 48.76 33.78 -3.41
C ASN D 459 49.26 34.11 -2.01
N ASN D 460 49.74 33.10 -1.28
CA ASN D 460 49.96 33.20 0.17
C ASN D 460 51.30 32.66 0.69
N VAL D 461 51.78 31.55 0.15
CA VAL D 461 53.10 30.99 0.49
C VAL D 461 53.68 30.37 -0.78
N ILE D 462 54.60 31.12 -1.39
CA ILE D 462 55.28 30.72 -2.62
C ILE D 462 56.70 30.21 -2.37
N THR D 463 57.18 30.33 -1.15
CA THR D 463 58.46 29.75 -0.78
C THR D 463 58.39 28.94 0.50
N LEU D 464 59.11 27.83 0.51
CA LEU D 464 59.20 26.96 1.67
C LEU D 464 60.61 26.36 1.72
N ASN D 465 61.31 26.52 2.85
CA ASN D 465 62.61 25.90 3.02
C ASN D 465 62.48 24.42 3.17
N ILE D 466 63.34 23.66 2.50
CA ILE D 466 63.31 22.21 2.61
C ILE D 466 64.71 21.68 2.94
N THR D 467 64.78 20.46 3.46
CA THR D 467 66.06 19.81 3.68
C THR D 467 66.01 18.41 3.16
N GLY D 468 67.20 17.84 2.98
CA GLY D 468 67.37 16.47 2.52
C GLY D 468 68.73 16.29 1.87
N LYS D 469 69.03 15.06 1.49
CA LYS D 469 70.30 14.73 0.87
C LYS D 469 70.12 14.98 -0.61
N ALA D 470 71.22 15.11 -1.36
CA ALA D 470 71.11 15.11 -2.83
C ALA D 470 70.63 13.72 -3.22
N GLY D 471 69.91 13.62 -4.34
CA GLY D 471 69.28 12.36 -4.75
C GLY D 471 67.94 12.05 -4.07
N ALA D 472 67.62 12.74 -2.98
CA ALA D 472 66.36 12.49 -2.25
C ALA D 472 65.14 12.79 -3.12
N THR D 473 64.06 12.07 -2.85
CA THR D 473 62.80 12.25 -3.55
C THR D 473 62.04 13.48 -3.02
N LEU D 474 61.88 14.51 -3.87
CA LEU D 474 61.03 15.70 -3.59
C LEU D 474 59.67 15.38 -4.15
N ASP D 475 58.67 15.34 -3.26
CA ASP D 475 57.26 15.11 -3.62
C ASP D 475 56.41 16.31 -3.27
N LEU D 476 55.55 16.67 -4.22
CA LEU D 476 54.55 17.73 -4.06
C LEU D 476 53.18 17.12 -4.43
N LEU D 477 52.36 16.86 -3.41
CA LEU D 477 50.95 16.46 -3.65
C LEU D 477 50.17 17.73 -3.90
N VAL D 478 49.72 17.94 -5.13
CA VAL D 478 48.97 19.14 -5.49
C VAL D 478 47.43 19.00 -5.52
N GLU D 479 46.76 19.90 -4.80
CA GLU D 479 45.29 19.95 -4.72
C GLU D 479 44.67 21.02 -5.67
N ASN D 480 43.76 20.61 -6.55
CA ASN D 480 42.84 21.58 -7.19
C ASN D 480 41.76 21.86 -6.15
N MET D 481 41.81 23.06 -5.56
CA MET D 481 40.81 23.47 -4.59
C MET D 481 39.50 24.04 -5.18
N GLY D 482 39.36 23.95 -6.50
CA GLY D 482 38.18 24.43 -7.22
C GLY D 482 38.47 25.55 -8.21
N ARG D 483 37.95 25.45 -9.42
CA ARG D 483 38.27 26.39 -10.48
C ARG D 483 37.41 27.64 -10.33
N VAL D 484 38.05 28.80 -10.43
CA VAL D 484 37.40 30.09 -10.32
C VAL D 484 36.15 30.09 -11.21
N ASN D 485 35.03 30.60 -10.70
CA ASN D 485 33.75 30.53 -11.44
C ASN D 485 33.21 31.90 -11.88
N TYR D 486 33.96 32.97 -11.62
CA TYR D 486 33.50 34.34 -11.84
C TYR D 486 34.72 35.18 -12.05
N GLY D 487 34.59 36.10 -13.00
CA GLY D 487 35.67 36.96 -13.40
C GLY D 487 36.50 36.45 -14.57
N ALA D 488 37.54 37.22 -14.85
CA ALA D 488 38.35 37.01 -16.02
C ALA D 488 39.10 35.70 -15.98
N TYR D 489 39.45 35.21 -14.80
CA TYR D 489 40.42 34.11 -14.64
C TYR D 489 39.76 32.75 -14.38
N ILE D 490 38.73 32.50 -15.18
CA ILE D 490 38.01 31.22 -15.12
C ILE D 490 38.74 30.13 -15.90
N ASN D 491 39.71 30.51 -16.73
CA ASN D 491 40.61 29.54 -17.43
C ASN D 491 41.77 29.06 -16.53
N ASP D 492 41.36 28.35 -15.52
CA ASP D 492 42.15 28.09 -14.34
C ASP D 492 42.56 26.64 -14.50
N PHE D 493 43.76 26.40 -15.04
CA PHE D 493 44.22 25.04 -15.40
C PHE D 493 44.41 24.07 -14.21
N LYS D 494 45.05 24.58 -13.18
CA LYS D 494 45.43 23.84 -11.94
C LYS D 494 46.68 22.99 -12.14
N GLY D 495 47.36 22.78 -11.01
CA GLY D 495 48.57 21.99 -10.91
C GLY D 495 49.73 22.94 -10.67
N LEU D 496 50.92 22.48 -11.02
CA LEU D 496 52.10 23.31 -11.15
C LEU D 496 52.02 23.93 -12.54
N VAL D 497 51.58 25.17 -12.60
CA VAL D 497 51.35 25.87 -13.86
C VAL D 497 52.53 26.72 -14.33
N SER D 498 53.53 26.94 -13.45
CA SER D 498 54.85 27.48 -13.79
C SER D 498 55.91 26.65 -13.05
N ASN D 499 57.19 26.89 -13.34
CA ASN D 499 58.28 26.09 -12.74
C ASN D 499 58.49 26.33 -11.25
N LEU D 500 59.17 25.37 -10.63
CA LEU D 500 59.60 25.48 -9.24
C LEU D 500 61.12 25.60 -9.21
N THR D 501 61.63 26.43 -8.32
CA THR D 501 63.07 26.60 -8.18
C THR D 501 63.54 26.12 -6.80
N LEU D 502 64.76 25.59 -6.78
CA LEU D 502 65.44 25.16 -5.56
C LEU D 502 66.80 25.88 -5.46
N SER D 503 66.99 26.66 -4.40
CA SER D 503 68.14 27.56 -4.28
C SER D 503 68.28 28.38 -5.56
N SER D 504 67.19 29.08 -5.90
CA SER D 504 67.04 29.87 -7.13
C SER D 504 67.23 29.13 -8.47
N ASN D 505 67.39 27.81 -8.46
CA ASN D 505 67.51 27.06 -9.73
C ASN D 505 66.27 26.24 -10.09
N ILE D 506 65.91 26.30 -11.37
CA ILE D 506 64.75 25.59 -11.91
C ILE D 506 64.97 24.11 -11.75
N LEU D 507 63.98 23.44 -11.12
CA LEU D 507 63.96 22.00 -10.96
C LEU D 507 63.43 21.34 -12.21
N THR D 508 64.11 20.28 -12.67
CA THR D 508 63.69 19.60 -13.88
C THR D 508 63.64 18.10 -13.67
N ASP D 509 63.14 17.41 -14.67
CA ASP D 509 62.97 15.98 -14.67
C ASP D 509 61.89 15.53 -13.67
N TRP D 510 60.65 15.71 -14.10
CA TRP D 510 59.47 15.40 -13.31
C TRP D 510 58.87 14.03 -13.60
N THR D 511 58.32 13.44 -12.56
CA THR D 511 57.62 12.18 -12.65
C THR D 511 56.24 12.46 -12.06
N ILE D 512 55.23 12.50 -12.91
CA ILE D 512 53.95 13.04 -12.49
C ILE D 512 52.92 11.94 -12.43
N PHE D 513 52.22 11.87 -11.30
CA PHE D 513 51.16 10.85 -11.13
C PHE D 513 49.77 11.47 -10.98
N PRO D 514 48.94 11.39 -12.02
CA PRO D 514 47.50 11.64 -11.83
C PRO D 514 47.00 10.60 -10.80
N LEU D 515 46.09 10.97 -9.90
CA LEU D 515 45.65 10.04 -8.83
C LEU D 515 44.16 9.74 -8.93
N ASP D 516 43.86 8.44 -9.05
CA ASP D 516 42.49 7.90 -9.14
C ASP D 516 41.94 7.65 -7.72
N THR D 517 41.78 8.73 -6.98
CA THR D 517 41.37 8.68 -5.61
C THR D 517 39.98 8.07 -5.45
N GLU D 518 39.09 8.32 -6.43
CA GLU D 518 37.70 7.90 -6.28
C GLU D 518 37.63 6.37 -6.39
N ASP D 519 38.27 5.81 -7.41
CA ASP D 519 38.43 4.34 -7.50
C ASP D 519 39.18 3.73 -6.35
N ALA D 520 40.30 4.34 -5.93
CA ALA D 520 41.13 3.70 -4.91
C ALA D 520 40.38 3.65 -3.59
N VAL D 521 39.62 4.71 -3.31
CA VAL D 521 38.81 4.70 -2.11
C VAL D 521 37.68 3.68 -2.23
N ARG D 522 37.07 3.56 -3.40
CA ARG D 522 36.02 2.54 -3.57
C ARG D 522 36.53 1.09 -3.52
N SER D 523 37.84 0.88 -3.62
CA SER D 523 38.40 -0.45 -3.54
C SER D 523 39.16 -0.63 -2.24
N HIS D 524 38.99 0.32 -1.32
CA HIS D 524 39.65 0.28 -0.01
C HIS D 524 41.14 0.21 -0.24
N LEU D 525 41.58 1.02 -1.20
CA LEU D 525 42.96 1.15 -1.63
C LEU D 525 43.63 -0.15 -2.08
N GLY D 526 42.90 -0.94 -2.85
CA GLY D 526 43.43 -2.18 -3.40
C GLY D 526 43.03 -3.29 -2.47
N GLY D 527 43.65 -3.34 -1.28
CA GLY D 527 43.34 -4.33 -0.25
C GLY D 527 41.83 -4.55 -0.17
N TRP D 528 41.39 -5.79 -0.36
CA TRP D 528 39.97 -6.06 -0.60
C TRP D 528 39.45 -7.44 -0.13
N GLY D 529 40.04 -8.02 0.91
CA GLY D 529 39.60 -9.34 1.43
C GLY D 529 40.16 -10.52 0.67
N ASN D 546 53.79 21.89 11.98
CA ASN D 546 53.84 20.46 12.32
C ASN D 546 52.93 19.58 11.41
N TYR D 547 53.51 18.66 10.64
CA TYR D 547 52.78 17.92 9.58
C TYR D 547 52.89 16.39 9.63
N THR D 548 51.91 15.69 9.05
CA THR D 548 52.06 14.25 8.75
C THR D 548 51.98 14.05 7.24
N LEU D 549 52.53 12.94 6.75
CA LEU D 549 52.37 12.58 5.33
C LEU D 549 50.90 12.44 4.99
N PRO D 550 50.47 13.01 3.84
CA PRO D 550 49.13 12.72 3.34
C PRO D 550 48.81 11.23 3.29
N ALA D 551 47.62 10.88 3.75
CA ALA D 551 47.30 9.49 3.94
C ALA D 551 45.82 9.28 4.15
N PHE D 552 45.39 8.05 3.88
CA PHE D 552 44.05 7.62 4.00
C PHE D 552 43.91 6.84 5.29
N TYR D 553 42.83 7.15 6.00
CA TYR D 553 42.43 6.46 7.23
C TYR D 553 41.03 5.92 7.05
N MET D 554 40.78 4.71 7.55
CA MET D 554 39.48 4.11 7.40
C MET D 554 38.97 3.50 8.70
N GLY D 555 37.66 3.54 8.87
CA GLY D 555 36.98 2.79 9.94
C GLY D 555 35.54 2.49 9.56
N ASN D 556 34.91 1.63 10.37
CA ASN D 556 33.57 1.15 10.14
C ASN D 556 32.68 1.45 11.31
N PHE D 557 31.39 1.52 11.01
CA PHE D 557 30.33 1.59 12.01
C PHE D 557 29.05 0.97 11.42
N SER D 558 28.29 0.32 12.29
CA SER D 558 27.10 -0.38 11.90
C SER D 558 25.91 0.35 12.41
N ILE D 559 24.82 0.22 11.67
CA ILE D 559 23.50 0.72 12.08
C ILE D 559 22.54 -0.46 12.09
N PRO D 560 21.69 -0.58 13.12
CA PRO D 560 20.83 -1.77 13.20
C PRO D 560 19.76 -1.76 12.14
N SER D 561 19.45 -2.94 11.60
CA SER D 561 18.35 -3.08 10.66
C SER D 561 17.03 -3.28 11.45
N GLY D 562 15.90 -3.11 10.75
CA GLY D 562 14.57 -3.32 11.31
C GLY D 562 14.15 -2.25 12.32
N ILE D 563 14.80 -1.11 12.26
CA ILE D 563 14.40 0.04 13.08
C ILE D 563 13.82 1.04 12.14
N PRO D 564 12.50 1.24 12.17
CA PRO D 564 11.77 2.06 11.21
C PRO D 564 12.33 3.46 10.95
N ASP D 565 12.94 4.09 11.95
CA ASP D 565 13.52 5.41 11.78
C ASP D 565 15.07 5.46 11.67
N LEU D 566 15.74 4.34 11.35
CA LEU D 566 17.21 4.36 11.11
C LEU D 566 17.40 3.68 9.75
N PRO D 567 18.35 4.17 8.94
CA PRO D 567 19.28 5.26 9.32
C PRO D 567 18.68 6.64 9.27
N GLN D 568 19.32 7.58 9.96
CA GLN D 568 18.99 9.00 9.82
C GLN D 568 20.19 9.79 9.24
N ASP D 569 19.85 10.93 8.64
CA ASP D 569 20.79 11.99 8.30
C ASP D 569 21.68 12.34 9.53
N THR D 570 22.92 12.76 9.29
CA THR D 570 23.79 13.16 10.37
C THR D 570 24.79 14.18 9.81
N PHE D 571 25.64 14.69 10.70
CA PHE D 571 26.73 15.59 10.40
C PHE D 571 28.05 15.02 10.92
N ILE D 572 29.05 14.98 10.05
CA ILE D 572 30.34 14.41 10.44
C ILE D 572 31.28 15.56 10.78
N GLN D 573 32.07 15.34 11.83
CA GLN D 573 32.89 16.35 12.44
C GLN D 573 34.28 15.74 12.65
N PHE D 574 35.34 16.58 12.67
CA PHE D 574 36.74 16.08 12.56
C PHE D 574 37.67 16.71 13.62
N PRO D 575 37.33 16.52 14.90
CA PRO D 575 38.14 17.13 15.97
C PRO D 575 39.57 16.55 15.96
N GLY D 576 40.58 17.40 15.87
CA GLY D 576 41.98 16.96 15.78
C GLY D 576 42.57 16.83 14.37
N TRP D 577 41.73 16.75 13.34
CA TRP D 577 42.19 16.58 11.95
C TRP D 577 42.46 18.00 11.45
N THR D 578 42.90 18.16 10.20
CA THR D 578 43.27 19.50 9.77
C THR D 578 42.60 19.89 8.47
N LYS D 579 42.90 19.14 7.41
CA LYS D 579 42.37 19.40 6.09
C LYS D 579 42.40 18.12 5.29
N GLY D 580 41.29 17.85 4.60
CA GLY D 580 41.22 16.65 3.80
C GLY D 580 39.93 16.46 3.06
N GLN D 581 39.80 15.24 2.52
CA GLN D 581 38.60 14.82 1.81
C GLN D 581 37.99 13.66 2.60
N VAL D 582 36.68 13.46 2.48
CA VAL D 582 36.00 12.37 3.17
C VAL D 582 34.98 11.67 2.30
N TRP D 583 35.00 10.34 2.39
CA TRP D 583 34.05 9.48 1.74
C TRP D 583 33.33 8.62 2.78
N ILE D 584 32.05 8.34 2.54
CA ILE D 584 31.34 7.34 3.35
C ILE D 584 30.81 6.40 2.36
N ASN D 585 31.08 5.10 2.58
CA ASN D 585 30.69 4.06 1.59
C ASN D 585 31.03 4.40 0.14
N GLY D 586 32.21 5.01 -0.05
CA GLY D 586 32.67 5.36 -1.42
C GLY D 586 32.09 6.65 -2.03
N PHE D 587 31.10 7.24 -1.39
CA PHE D 587 30.54 8.53 -1.82
C PHE D 587 31.35 9.71 -1.25
N ASN D 588 31.89 10.54 -2.13
CA ASN D 588 32.72 11.62 -1.73
C ASN D 588 31.83 12.74 -1.27
N LEU D 589 31.83 12.95 0.05
CA LEU D 589 30.95 13.95 0.67
C LEU D 589 31.48 15.35 0.57
N GLY D 590 32.76 15.52 0.22
CA GLY D 590 33.40 16.86 0.11
C GLY D 590 34.67 17.03 0.91
N ARG D 591 35.03 18.30 1.06
CA ARG D 591 36.25 18.72 1.71
C ARG D 591 36.00 19.18 3.13
N TYR D 592 36.88 18.79 4.05
CA TYR D 592 36.83 19.32 5.40
C TYR D 592 38.05 20.17 5.67
N TRP D 593 37.84 21.17 6.52
CA TRP D 593 38.90 22.11 6.92
C TRP D 593 38.64 22.76 8.28
N PRO D 594 38.52 21.96 9.35
CA PRO D 594 38.33 22.57 10.68
C PRO D 594 39.45 23.54 11.06
N ALA D 595 40.65 23.37 10.49
CA ALA D 595 41.71 24.36 10.68
C ALA D 595 41.37 25.79 10.23
N ARG D 596 40.58 26.02 9.17
CA ARG D 596 40.21 27.40 8.78
C ARG D 596 38.77 27.77 9.08
N GLY D 597 37.86 26.83 8.97
CA GLY D 597 36.42 27.19 9.11
C GLY D 597 35.97 28.05 7.96
N PRO D 598 34.76 28.61 8.05
CA PRO D 598 33.74 28.56 9.12
C PRO D 598 33.05 27.19 9.28
N GLN D 599 33.03 26.39 8.21
CA GLN D 599 32.42 25.07 8.22
C GLN D 599 33.23 24.05 8.98
N LEU D 600 32.61 23.46 9.97
CA LEU D 600 33.25 22.44 10.76
C LEU D 600 32.69 21.09 10.42
N THR D 601 31.36 21.00 10.34
CA THR D 601 30.70 19.76 9.97
C THR D 601 30.32 19.65 8.51
N LEU D 602 30.33 18.41 8.03
CA LEU D 602 29.81 18.08 6.74
C LEU D 602 28.49 17.29 6.84
N PHE D 603 27.54 17.67 6.00
CA PHE D 603 26.27 16.96 5.80
C PHE D 603 26.36 15.57 5.21
N VAL D 604 25.70 14.62 5.87
CA VAL D 604 25.71 13.22 5.47
C VAL D 604 24.27 12.77 5.30
N PRO D 605 23.85 12.56 4.06
CA PRO D 605 22.49 12.11 3.81
C PRO D 605 22.30 10.62 4.12
N GLN D 606 21.17 10.30 4.71
CA GLN D 606 20.93 8.94 5.21
C GLN D 606 20.95 7.85 4.16
N HIS D 607 20.60 8.18 2.94
CA HIS D 607 20.40 7.12 1.94
C HIS D 607 21.67 6.43 1.48
N ILE D 608 22.84 7.00 1.78
CA ILE D 608 24.12 6.31 1.47
C ILE D 608 24.57 5.39 2.63
N LEU D 609 23.80 5.41 3.71
CA LEU D 609 24.05 4.64 4.91
C LEU D 609 23.24 3.38 4.89
N MET D 610 23.88 2.28 5.26
CA MET D 610 23.26 0.96 5.23
C MET D 610 23.21 0.29 6.58
N THR D 611 22.37 -0.76 6.65
CA THR D 611 22.14 -1.53 7.85
C THR D 611 22.48 -3.03 7.64
N SER D 612 22.63 -3.44 6.39
CA SER D 612 22.85 -4.84 6.03
C SER D 612 24.33 -5.23 6.15
N ALA D 613 25.23 -4.25 6.10
CA ALA D 613 26.66 -4.47 6.16
C ALA D 613 27.26 -3.19 6.80
N PRO D 614 28.52 -3.24 7.29
CA PRO D 614 29.05 -2.05 7.96
C PRO D 614 29.25 -0.88 7.00
N ASN D 615 29.20 0.33 7.52
CA ASN D 615 29.45 1.55 6.75
C ASN D 615 30.90 1.92 6.92
N THR D 616 31.61 2.23 5.85
CA THR D 616 33.03 2.55 5.94
C THR D 616 33.18 4.02 5.75
N ILE D 617 33.94 4.65 6.62
CA ILE D 617 34.40 6.05 6.46
C ILE D 617 35.85 6.01 6.01
N THR D 618 36.19 6.85 5.04
CA THR D 618 37.58 7.00 4.60
C THR D 618 37.87 8.48 4.60
N VAL D 619 38.97 8.84 5.24
CA VAL D 619 39.47 10.18 5.31
C VAL D 619 40.83 10.20 4.62
N LEU D 620 40.97 11.17 3.71
CA LEU D 620 42.28 11.56 3.17
C LEU D 620 42.70 12.85 3.87
N GLU D 621 43.65 12.73 4.79
CA GLU D 621 44.12 13.87 5.54
C GLU D 621 45.43 14.40 4.92
N LEU D 622 45.45 15.68 4.62
CA LEU D 622 46.52 16.28 3.83
C LEU D 622 47.68 16.89 4.64
N GLU D 623 47.38 17.41 5.83
CA GLU D 623 48.33 18.17 6.65
C GLU D 623 48.78 17.52 7.97
N TRP D 624 47.85 17.24 8.88
CA TRP D 624 48.15 16.63 10.19
C TRP D 624 46.94 15.80 10.67
N ALA D 625 47.19 14.53 10.93
CA ALA D 625 46.22 13.60 11.47
C ALA D 625 46.48 13.33 12.94
N PRO D 626 45.40 13.19 13.75
CA PRO D 626 45.55 13.00 15.19
C PRO D 626 45.72 11.53 15.52
N CYS D 627 46.62 10.86 14.82
CA CYS D 627 46.73 9.42 14.84
C CYS D 627 48.13 8.87 15.19
N SER D 628 49.12 9.73 15.39
CA SER D 628 50.49 9.24 15.71
C SER D 628 50.61 8.82 17.17
N SER D 629 49.88 9.49 18.06
CA SER D 629 49.92 9.12 19.47
C SER D 629 49.49 7.66 19.57
N ASP D 630 49.93 7.00 20.63
CA ASP D 630 49.57 5.61 20.86
C ASP D 630 48.12 5.49 21.35
N ASP D 631 47.42 6.61 21.54
CA ASP D 631 45.99 6.55 21.85
C ASP D 631 45.18 6.45 20.57
N PRO D 632 44.74 5.22 20.24
CA PRO D 632 44.02 5.02 18.98
C PRO D 632 42.72 5.81 18.95
N GLU D 633 42.14 6.01 20.13
CA GLU D 633 40.89 6.72 20.33
C GLU D 633 40.90 8.18 19.82
N LEU D 634 42.07 8.79 19.72
CA LEU D 634 42.17 10.12 19.09
C LEU D 634 42.00 10.04 17.57
N CYS D 635 42.38 8.91 16.99
CA CYS D 635 42.29 8.70 15.53
C CYS D 635 40.87 8.38 15.17
N ALA D 636 40.06 9.44 15.08
CA ALA D 636 38.62 9.28 15.04
C ALA D 636 37.83 10.51 14.55
N VAL D 637 36.64 10.27 14.06
CA VAL D 637 35.69 11.31 13.73
C VAL D 637 34.44 11.11 14.56
N THR D 638 33.58 12.13 14.56
CA THR D 638 32.34 12.09 15.34
C THR D 638 31.15 12.52 14.48
N PHE D 639 30.05 11.82 14.64
CA PHE D 639 28.82 12.21 13.98
C PHE D 639 27.94 12.84 15.02
N VAL D 640 27.40 14.02 14.67
CA VAL D 640 26.59 14.80 15.58
C VAL D 640 25.26 15.17 14.90
N ASP D 641 24.29 15.60 15.68
CA ASP D 641 22.95 15.82 15.14
C ASP D 641 22.60 17.26 14.80
N ARG D 642 23.59 18.14 14.91
CA ARG D 642 23.42 19.53 14.50
C ARG D 642 24.64 19.98 13.70
N PRO D 643 24.41 20.85 12.71
CA PRO D 643 25.50 21.36 11.91
C PRO D 643 26.22 22.47 12.62
N VAL D 644 27.52 22.61 12.32
CA VAL D 644 28.32 23.77 12.70
C VAL D 644 28.92 24.29 11.41
N ILE D 645 28.25 25.26 10.82
CA ILE D 645 28.73 25.92 9.57
C ILE D 645 29.15 27.38 9.80
N GLY D 646 28.99 27.85 11.05
CA GLY D 646 29.29 29.22 11.43
C GLY D 646 30.33 29.37 12.52
N SER D 647 31.35 28.51 12.51
CA SER D 647 32.41 28.62 13.49
C SER D 647 33.19 29.94 13.35
N SER D 648 33.55 30.55 14.50
CA SER D 648 34.16 31.89 14.60
C SER D 648 35.67 31.81 14.48
C1 NAG E . -37.26 10.08 37.39
C2 NAG E . -36.23 10.70 38.32
C3 NAG E . -36.77 10.81 39.75
C4 NAG E . -38.09 11.54 39.78
C5 NAG E . -39.03 10.90 38.77
C6 NAG E . -40.29 11.73 38.65
C7 NAG E . -33.94 10.07 37.70
C8 NAG E . -32.94 8.96 37.82
N2 NAG E . -35.10 9.80 38.30
O3 NAG E . -35.79 11.57 40.44
O4 NAG E . -38.65 11.49 41.09
O5 NAG E . -38.48 10.83 37.48
O6 NAG E . -41.22 10.82 38.15
O7 NAG E . -33.68 11.12 37.09
C1 NAG F . -35.92 -12.05 34.71
C2 NAG F . -34.82 -12.96 35.18
C3 NAG F . -35.36 -14.36 35.27
C4 NAG F . -36.45 -14.50 36.28
C5 NAG F . -37.54 -13.50 35.97
C6 NAG F . -38.10 -13.26 37.38
C7 NAG F . -32.71 -12.24 34.24
C8 NAG F . -31.78 -12.30 33.07
N2 NAG F . -33.80 -12.94 34.16
O3 NAG F . -34.38 -15.21 35.69
O4 NAG F . -37.11 -15.74 36.16
O5 NAG F . -37.14 -12.25 35.41
O6 NAG F . -39.41 -13.08 37.09
O7 NAG F . -32.47 -11.55 35.22
C1 NAG G . -12.62 8.42 1.80
C2 NAG G . -13.81 8.83 0.92
C3 NAG G . -14.66 7.55 0.68
C4 NAG G . -13.79 6.58 -0.12
C5 NAG G . -12.41 6.39 0.55
C6 NAG G . -11.44 5.62 -0.33
C7 NAG G . -13.86 11.34 0.80
C8 NAG G . -14.46 12.69 1.15
N2 NAG G . -14.40 10.16 1.29
O3 NAG G . -15.77 7.68 -0.15
O4 NAG G . -14.45 5.34 -0.17
O5 NAG G . -11.83 7.63 0.95
O6 NAG G . -11.34 6.30 -1.56
O7 NAG G . -12.88 11.37 0.06
C1 NAG H . 13.31 -2.77 56.95
C2 NAG H . 13.88 -1.53 57.64
C3 NAG H . 15.06 -1.86 58.58
C4 NAG H . 14.67 -3.02 59.51
C5 NAG H . 14.20 -4.19 58.65
C6 NAG H . 13.84 -5.37 59.55
C7 NAG H . 13.47 0.33 56.12
C8 NAG H . 14.02 1.26 55.09
N2 NAG H . 14.30 -0.57 56.64
O3 NAG H . 15.43 -0.74 59.33
O4 NAG H . 15.76 -3.41 60.31
O5 NAG H . 13.06 -3.79 57.90
O6 NAG H . 13.33 -6.39 58.73
O7 NAG H . 12.29 0.40 56.47
CL CL I . 5.65 -9.48 32.19
C1 6GJ J . 0.56 -7.42 39.72
O1 6GJ J . -0.63 -7.72 40.47
C2 6GJ J . 0.42 -8.38 38.53
O2 6GJ J . 0.97 -9.71 38.72
N5 6GJ J . 0.42 -6.01 39.39
C7 6GJ J . 0.41 -5.01 40.28
N8 6GJ J . 0.38 -5.02 41.58
C9 6GJ J . 0.30 -5.98 42.71
C10 6GJ J . -1.19 -6.11 43.13
C11 6GJ J . -1.64 -5.11 44.21
C12 6GJ J . -2.75 -5.66 45.10
S6 6GJ J . 0.53 -3.53 39.49
C6 6GJ J . 0.07 -4.09 37.88
C5 6GJ J . 0.50 -5.57 37.96
C4 6GJ J . -0.30 -6.48 37.01
O4 6GJ J . -1.70 -6.46 37.31
C3 6GJ J . 0.37 -7.82 37.07
O3 6GJ J . -0.21 -8.74 36.12
S SO4 K . 28.03 6.28 28.92
O1 SO4 K . 29.13 5.70 29.74
O2 SO4 K . 26.86 6.54 29.80
O3 SO4 K . 28.40 7.57 28.32
O4 SO4 K . 27.69 5.31 27.84
S SO4 L . -18.41 -4.46 40.97
O1 SO4 L . -17.19 -5.10 40.39
O2 SO4 L . -18.71 -5.18 42.24
O3 SO4 L . -18.21 -3.02 41.22
O4 SO4 L . -19.59 -4.58 40.08
C1 EDO M . 4.51 -0.56 47.25
O1 EDO M . 5.54 -0.35 46.29
C2 EDO M . 3.74 -1.70 46.63
O2 EDO M . 4.77 -2.55 46.12
C1 EDO N . -10.55 -7.39 21.38
O1 EDO N . -9.72 -6.38 21.92
C2 EDO N . -10.67 -7.27 19.86
O2 EDO N . -10.58 -8.62 19.42
C1 NAG O . 38.75 -17.97 -32.48
C2 NAG O . 37.89 -19.03 -33.13
C3 NAG O . 38.69 -20.02 -33.96
C4 NAG O . 39.61 -19.31 -34.95
C5 NAG O . 40.49 -18.40 -34.15
C6 NAG O . 41.41 -17.64 -35.07
C7 NAG O . 35.97 -19.54 -31.71
C8 NAG O . 35.46 -20.43 -30.62
N2 NAG O . 37.22 -19.81 -32.10
O3 NAG O . 37.79 -20.80 -34.70
O4 NAG O . 40.36 -20.30 -35.60
O5 NAG O . 39.69 -17.46 -33.44
O6 NAG O . 42.45 -17.29 -34.21
O7 NAG O . 35.30 -18.62 -32.18
C1 NAG P . 43.66 -24.48 -11.59
C2 NAG P . 43.02 -25.55 -10.70
C3 NAG P . 43.98 -25.97 -9.61
C4 NAG P . 45.19 -26.50 -10.28
C5 NAG P . 45.85 -25.48 -11.15
C6 NAG P . 46.82 -26.26 -12.03
C7 NAG P . 40.62 -25.19 -10.57
C8 NAG P . 39.52 -24.45 -9.87
N2 NAG P . 41.84 -24.97 -10.10
O3 NAG P . 43.47 -27.06 -8.93
O4 NAG P . 46.13 -26.80 -9.26
O5 NAG P . 44.99 -24.83 -12.04
O6 NAG P . 47.80 -25.34 -12.07
O7 NAG P . 40.39 -25.89 -11.56
C1 NAG Q . 9.62 5.25 -10.44
C2 NAG Q . 10.63 6.36 -10.68
C3 NAG Q . 11.68 6.30 -9.55
C4 NAG Q . 10.94 6.68 -8.27
C5 NAG Q . 9.71 5.79 -8.05
C6 NAG Q . 8.90 6.44 -6.93
C7 NAG Q . 10.45 7.13 -13.04
C8 NAG Q . 11.16 7.19 -14.37
N2 NAG Q . 11.13 6.47 -12.04
O3 NAG Q . 12.68 7.30 -9.68
O4 NAG Q . 11.78 6.65 -7.13
O5 NAG Q . 8.92 5.61 -9.26
O6 NAG Q . 7.53 6.08 -7.01
O7 NAG Q . 9.31 7.65 -12.93
C1 NAG R . -1.32 -55.04 -19.78
C2 NAG R . -1.94 -55.23 -21.16
C3 NAG R . -2.80 -56.50 -21.22
C4 NAG R . -2.07 -57.68 -20.59
C5 NAG R . -1.44 -57.31 -19.23
C6 NAG R . -0.66 -58.49 -18.68
C7 NAG R . -2.78 -53.44 -22.59
C8 NAG R . -3.67 -52.23 -22.67
N2 NAG R . -2.75 -54.06 -21.42
O3 NAG R . -3.17 -56.83 -22.55
O4 NAG R . -2.96 -58.75 -20.41
O5 NAG R . -0.60 -56.17 -19.35
O6 NAG R . -0.06 -58.11 -17.46
O7 NAG R . -2.14 -53.81 -23.60
CL CL S . 3.53 -33.52 -4.72
S SO4 T . -22.64 -31.34 -13.09
O1 SO4 T . -21.78 -31.58 -14.28
O2 SO4 T . -22.95 -32.66 -12.49
O3 SO4 T . -22.00 -30.44 -12.12
O4 SO4 T . -23.91 -30.69 -13.50
S SO4 U . 26.17 -32.33 -17.72
O1 SO4 U . 26.83 -33.65 -17.96
O2 SO4 U . 24.97 -32.63 -16.91
O3 SO4 U . 27.06 -31.38 -17.01
O4 SO4 U . 25.79 -31.72 -19.02
C1 EDO V . 5.11 -42.60 -18.09
O1 EDO V . 3.88 -42.95 -18.71
C2 EDO V . 5.01 -42.82 -16.58
O2 EDO V . 6.28 -42.77 -15.92
C1 EDO W . 15.66 -17.61 -3.78
O1 EDO W . 16.03 -16.40 -4.39
C2 EDO W . 16.01 -18.73 -4.79
O2 EDO W . 15.07 -18.85 -5.86
C1 6GJ X . 8.91 -37.86 -10.61
O1 6GJ X . 10.16 -38.43 -11.02
C2 6GJ X . 9.50 -37.13 -9.42
O2 6GJ X . 9.29 -37.91 -8.21
N5 6GJ X . 8.61 -37.03 -11.79
C7 6GJ X . 8.53 -37.49 -13.07
N8 6GJ X . 8.74 -38.73 -13.48
C9 6GJ X . 9.21 -39.90 -12.68
C10 6GJ X . 9.16 -41.31 -13.31
C11 6GJ X . 9.89 -42.33 -12.41
C12 6GJ X . 10.90 -43.18 -13.17
S6 6GJ X . 7.97 -36.23 -14.06
C6 6GJ X . 8.09 -34.91 -12.94
C5 6GJ X . 8.12 -35.65 -11.58
C4 6GJ X . 8.99 -34.91 -10.54
O4 6GJ X . 10.31 -34.74 -11.03
C3 6GJ X . 8.88 -35.72 -9.27
O3 6GJ X . 9.46 -35.01 -8.17
C1 NAG Y . -68.08 -11.87 -16.73
C2 NAG Y . -67.45 -12.48 -17.97
C3 NAG Y . -68.49 -12.67 -19.08
C4 NAG Y . -69.72 -13.37 -18.54
C5 NAG Y . -70.23 -12.71 -17.26
C6 NAG Y . -71.41 -13.47 -16.68
C7 NAG Y . -65.39 -11.23 -17.65
C8 NAG Y . -64.72 -9.95 -18.02
N2 NAG Y . -66.38 -11.62 -18.45
O3 NAG Y . -67.91 -13.44 -20.13
O4 NAG Y . -70.76 -13.33 -19.53
O5 NAG Y . -69.17 -12.68 -16.30
O6 NAG Y . -71.22 -14.87 -16.85
O7 NAG Y . -65.07 -11.87 -16.65
C1 NAG Z . -67.33 7.43 -4.32
C2 NAG Z . -66.61 8.78 -4.46
C3 NAG Z . -67.27 9.92 -3.70
C4 NAG Z . -68.79 9.93 -3.93
C5 NAG Z . -69.31 8.59 -3.46
C6 NAG Z . -70.85 8.50 -3.48
C7 NAG Z . -64.21 8.56 -4.86
C8 NAG Z . -62.82 8.41 -4.31
N2 NAG Z . -65.23 8.65 -4.00
O3 NAG Z . -66.64 11.09 -4.14
O4 NAG Z . -69.40 10.91 -3.12
O5 NAG Z . -68.75 7.55 -4.27
O6 NAG Z . -71.27 8.59 -4.82
O7 NAG Z . -64.40 8.57 -6.09
C1 NAG AA . -30.85 -21.42 3.21
C2 NAG AA . -31.74 -21.74 4.39
C3 NAG AA . -31.71 -23.24 4.69
C4 NAG AA . -31.96 -24.08 3.43
C5 NAG AA . -31.09 -23.61 2.25
C6 NAG AA . -31.53 -24.29 0.95
C7 NAG AA . -32.17 -20.14 6.20
C8 NAG AA . -31.65 -19.37 7.41
N2 NAG AA . -31.35 -20.96 5.57
O3 NAG AA . -32.68 -23.44 5.68
O4 NAG AA . -31.64 -25.44 3.64
O5 NAG AA . -31.20 -22.20 2.08
O6 NAG AA . -30.90 -23.65 -0.14
O7 NAG AA . -33.32 -19.95 5.81
C1 NAG BA . -31.04 19.54 -43.56
C2 NAG BA . -30.71 18.67 -44.73
C3 NAG BA . -30.14 19.45 -45.91
C4 NAG BA . -31.04 20.63 -46.26
C5 NAG BA . -31.28 21.43 -44.97
C6 NAG BA . -32.21 22.58 -45.26
C7 NAG BA . -30.04 16.37 -44.28
C8 NAG BA . -28.93 15.43 -43.88
N2 NAG BA . -29.74 17.67 -44.34
O3 NAG BA . -29.98 18.59 -47.01
O4 NAG BA . -30.27 21.46 -47.06
O5 NAG BA . -31.87 20.63 -43.94
O6 NAG BA . -32.34 23.37 -44.08
O7 NAG BA . -31.14 15.94 -44.56
C1 6GJ CA . -35.95 14.23 -22.83
O1 6GJ CA . -37.38 14.40 -22.83
C2 6GJ CA . -35.70 14.62 -21.40
O2 6GJ CA . -35.58 16.03 -21.18
N5 6GJ CA . -35.76 12.84 -23.14
C7 6GJ CA . -36.08 12.27 -24.31
N8 6GJ CA . -36.49 12.81 -25.43
C9 6GJ CA . -36.86 14.11 -25.97
C10 6GJ CA . -38.38 14.15 -26.03
C11 6GJ CA . -39.07 12.88 -26.55
C12 6GJ CA . -40.53 12.89 -26.19
S6 6GJ CA . -35.79 10.62 -24.26
C6 6GJ CA . -35.25 10.44 -22.61
C5 6GJ CA . -35.03 11.92 -22.21
C4 6GJ CA . -35.41 12.19 -20.78
O4 6GJ CA . -36.77 11.89 -20.61
C3 6GJ CA . -35.04 13.63 -20.43
O3 6GJ CA . -35.35 13.97 -19.08
S SO4 DA . -5.86 4.20 -29.64
O1 SO4 DA . -4.88 3.85 -30.71
O2 SO4 DA . -6.37 2.95 -29.00
O3 SO4 DA . -5.14 5.03 -28.63
O4 SO4 DA . -6.97 4.96 -30.27
S SO4 EA . -53.05 8.10 -18.55
O1 SO4 EA . -53.11 6.66 -18.90
O2 SO4 EA . -53.96 8.29 -17.41
O3 SO4 EA . -51.68 8.53 -18.14
O4 SO4 EA . -53.50 8.93 -19.71
CL CL FA . -28.35 14.53 -17.61
C1 EDO GA . -37.75 3.86 -2.83
O1 EDO GA . -37.77 4.96 -1.94
C2 EDO GA . -38.20 4.47 -4.16
O2 EDO GA . -37.68 3.76 -5.27
C1 EDO HA . -34.75 13.80 -32.83
O1 EDO HA . -34.93 14.62 -31.65
C2 EDO HA . -34.84 12.36 -32.42
O2 EDO HA . -33.99 11.78 -33.33
C1 NAG IA . 63.18 29.94 5.84
C2 NAG IA . 64.46 29.57 6.64
C3 NAG IA . 65.31 30.81 6.94
C4 NAG IA . 65.38 31.66 5.69
C5 NAG IA . 63.97 32.06 5.35
C6 NAG IA . 63.97 33.21 4.37
C7 NAG IA . 64.49 27.51 8.07
C8 NAG IA . 64.15 26.89 9.41
N2 NAG IA . 64.19 28.81 7.88
O3 NAG IA . 66.62 30.45 7.32
O4 NAG IA . 66.18 32.80 5.88
O5 NAG IA . 63.37 30.90 4.82
O6 NAG IA . 64.67 34.29 4.95
O7 NAG IA . 65.03 26.78 7.22
C1 6GJ JA . 25.25 35.86 -9.23
O1 6GJ JA . 26.39 36.69 -9.54
C2 6GJ JA . 25.51 34.71 -10.20
O2 6GJ JA . 24.70 34.88 -11.37
N5 6GJ JA . 25.46 35.58 -7.83
C7 6GJ JA . 25.65 36.55 -6.92
N8 6GJ JA . 25.68 37.85 -7.01
C9 6GJ JA . 25.63 38.94 -8.00
C10 6GJ JA . 27.07 39.46 -8.20
C11 6GJ JA . 27.94 39.52 -6.93
C12 6GJ JA . 29.42 39.66 -7.24
S6 6GJ JA . 25.74 35.85 -5.40
C6 6GJ JA . 25.91 34.17 -5.86
C5 6GJ JA . 25.25 34.24 -7.26
C4 6GJ JA . 25.79 33.17 -8.20
O4 6GJ JA . 27.21 33.25 -8.20
C3 6GJ JA . 25.16 33.36 -9.56
O3 6GJ JA . 25.56 32.27 -10.40
C1 NAG KA . 59.90 26.50 -17.16
C2 NAG KA . 58.82 26.85 -18.18
C3 NAG KA . 59.30 26.77 -19.64
C4 NAG KA . 60.73 27.24 -19.85
C5 NAG KA . 61.62 26.54 -18.83
C6 NAG KA . 63.09 26.77 -19.08
C7 NAG KA . 56.69 26.29 -17.17
C8 NAG KA . 55.52 25.35 -17.02
N2 NAG KA . 57.67 25.96 -18.02
O3 NAG KA . 58.43 27.53 -20.46
O4 NAG KA . 61.12 26.89 -21.15
O5 NAG KA . 61.22 26.98 -17.54
O6 NAG KA . 63.36 28.15 -18.88
O7 NAG KA . 56.76 27.32 -16.51
C1 NAG LA . 35.03 -2.91 10.10
C2 NAG LA . 36.46 -3.47 9.90
C3 NAG LA . 37.14 -3.71 11.26
C4 NAG LA . 36.87 -2.56 12.21
C5 NAG LA . 35.38 -2.48 12.48
C6 NAG LA . 35.08 -1.39 13.52
C7 NAG LA . 37.41 -5.13 8.31
C8 NAG LA . 37.20 -6.43 7.57
N2 NAG LA . 36.43 -4.70 9.11
O3 NAG LA . 38.53 -3.89 11.11
O4 NAG LA . 37.56 -2.76 13.42
O5 NAG LA . 34.66 -2.21 11.29
O6 NAG LA . 34.04 -1.81 14.37
O7 NAG LA . 38.47 -4.54 8.13
C1 NAG MA . 15.12 54.70 -3.88
C2 NAG MA . 14.77 55.33 -2.53
C3 NAG MA . 13.70 56.41 -2.68
C4 NAG MA . 14.07 57.38 -3.76
C5 NAG MA . 14.35 56.60 -5.04
C6 NAG MA . 14.72 57.56 -6.17
C7 NAG MA . 14.85 53.95 -0.53
C8 NAG MA . 14.22 52.94 0.37
N2 NAG MA . 14.21 54.35 -1.63
O3 NAG MA . 13.51 57.04 -1.43
O4 NAG MA . 13.01 58.24 -4.01
O5 NAG MA . 15.44 55.75 -4.79
O6 NAG MA . 15.01 56.75 -7.28
O7 NAG MA . 15.95 54.35 -0.22
CL CL NA . 19.13 29.16 -10.22
C1 EDO OA . 33.97 16.47 -9.29
O1 EDO OA . 33.25 17.03 -8.21
C2 EDO OA . 34.20 14.98 -9.03
O2 EDO OA . 33.35 14.30 -9.95
C1 EDO PA . 23.00 44.23 -2.39
O1 EDO PA . 22.05 43.34 -1.84
C2 EDO PA . 23.16 43.73 -3.78
O2 EDO PA . 21.86 43.82 -4.34
S SO4 QA . -1.35 29.34 8.04
O1 SO4 QA . -0.66 28.34 8.90
O2 SO4 QA . -2.21 30.24 8.83
O3 SO4 QA . -0.33 30.21 7.41
O4 SO4 QA . -2.17 28.62 7.03
S SO4 RA . 43.87 34.80 -8.88
O1 SO4 RA . 44.98 33.94 -9.38
O2 SO4 RA . 44.16 34.87 -7.44
O3 SO4 RA . 43.84 36.16 -9.49
O4 SO4 RA . 42.53 34.19 -9.15
#